data_1UL1
#
_entry.id   1UL1
#
_cell.length_a   82.203
_cell.length_b   143.383
_cell.length_c   246.659
_cell.angle_alpha   90.00
_cell.angle_beta   90.00
_cell.angle_gamma   90.00
#
_symmetry.space_group_name_H-M   'P 21 21 21'
#
loop_
_entity.id
_entity.type
_entity.pdbx_description
1 polymer 'Flap endonuclease-1'
2 polymer 'Proliferating cell nuclear antigen'
3 non-polymer 'MAGNESIUM ION'
4 water water
#
loop_
_entity_poly.entity_id
_entity_poly.type
_entity_poly.pdbx_seq_one_letter_code
_entity_poly.pdbx_strand_id
1 'polypeptide(L)'
;GIQGLAKLIADVAPSAIRENDIKSYFGRKVAIDASMSIYQFLIAVRQGGDVLQNEEGETTSHLMGMFYRTIRMMENGIKP
VYVFDGKPPQLKSGELAKRSERRAEAEKQLQQAQAAGAEQEVEKFTKRLVKVTKQHNDECKHLLSLMGIPYLDAPSEAEA
SCAALVKAGKVYAAATEDMDCLTFGSPVLMRHLTASEAKKLPIQEFHLSRILQELGLNQEQFVDLCILLGSDYCESIRGI
GPKRAVDLIQKHKSIEEIVRRLDPNKYPVPENWLHKEAHQLFLEPEVLDPESVELKWSEPNEEELIKFMCGEKQFSEERI
RSGVKRLSKSRQGSTQGRLDDFFKVTGSLSSAKRKEPEPKGSTKKKAKTGAAGKFKRGK
;
X,Y,Z
2 'polypeptide(L)'
;MFEARLVQGSILKKVLEALKDLINEACWDISSSGVNLQSMDSSHVSLVQLTLRSEGFDTYRCDRNLAMGVNLTSMSKILK
CAGNEDIITLRAEDNADTLALVFEAPNQEKVSDYEMKLMDLDVEQLGIPEQEYSCVVKMPSGEFARICRDLSHIGDAVVI
SCAKDGVKFSASGELGNGNIKLSQTSNVDKEEEAVTIEMNEPVQLTFALRYLNFFTKATPLSSTVTLSMSADVPLVVEYK
IADMGHLKYYLAPKIEDEEGS
;
A,B,C
#
loop_
_chem_comp.id
_chem_comp.type
_chem_comp.name
_chem_comp.formula
MG non-polymer 'MAGNESIUM ION' 'Mg 2'
#
# COMPACT_ATOMS: atom_id res chain seq x y z
N GLY A 1 43.28 -7.10 50.70
CA GLY A 1 43.51 -7.58 49.30
C GLY A 1 44.39 -8.81 49.23
N ILE A 2 45.07 -8.95 48.11
CA ILE A 2 45.96 -10.09 47.90
C ILE A 2 47.36 -9.56 47.62
N GLN A 3 48.19 -9.53 48.66
CA GLN A 3 49.56 -9.03 48.54
C GLN A 3 50.23 -9.30 47.19
N GLY A 4 50.55 -8.24 46.46
CA GLY A 4 51.24 -8.39 45.18
C GLY A 4 50.56 -8.98 43.97
N LEU A 5 49.30 -9.41 44.10
CA LEU A 5 48.61 -9.99 42.95
C LEU A 5 48.66 -9.02 41.77
N ALA A 6 48.68 -7.73 42.10
CA ALA A 6 48.72 -6.65 41.12
C ALA A 6 49.90 -6.75 40.15
N LYS A 7 51.12 -6.56 40.67
CA LYS A 7 52.32 -6.63 39.84
C LYS A 7 52.45 -8.01 39.22
N LEU A 8 52.18 -9.05 40.01
CA LEU A 8 52.28 -10.41 39.52
C LEU A 8 51.54 -10.56 38.21
N ILE A 9 50.28 -10.13 38.21
CA ILE A 9 49.48 -10.21 37.01
C ILE A 9 50.14 -9.30 35.97
N ALA A 10 50.58 -8.13 36.40
CA ALA A 10 51.23 -7.19 35.49
C ALA A 10 52.28 -7.95 34.68
N ASP A 11 53.13 -8.72 35.38
CA ASP A 11 54.17 -9.51 34.75
C ASP A 11 53.57 -10.73 34.09
N VAL A 12 53.86 -11.89 34.67
CA VAL A 12 53.37 -13.19 34.21
C VAL A 12 52.16 -13.16 33.26
N ALA A 13 51.15 -12.34 33.55
CA ALA A 13 49.97 -12.30 32.69
C ALA A 13 49.48 -10.87 32.41
N PRO A 14 50.04 -10.23 31.37
CA PRO A 14 49.69 -8.85 30.98
C PRO A 14 48.40 -8.70 30.17
N SER A 15 47.97 -9.78 29.53
CA SER A 15 46.76 -9.73 28.72
C SER A 15 45.52 -9.60 29.61
N ALA A 16 45.69 -9.78 30.90
CA ALA A 16 44.58 -9.68 31.83
C ALA A 16 44.34 -8.23 32.25
N ILE A 17 45.41 -7.45 32.34
CA ILE A 17 45.30 -6.06 32.72
C ILE A 17 45.09 -5.22 31.48
N ARG A 18 44.42 -4.09 31.66
CA ARG A 18 44.13 -3.17 30.58
C ARG A 18 43.78 -1.86 31.27
N GLU A 19 44.40 -0.75 30.85
CA GLU A 19 44.08 0.53 31.44
C GLU A 19 43.13 1.25 30.47
N ASN A 20 42.11 1.89 31.01
CA ASN A 20 41.13 2.57 30.18
C ASN A 20 40.59 3.83 30.84
N ASP A 21 40.22 4.79 30.02
CA ASP A 21 39.68 6.08 30.49
C ASP A 21 38.26 5.88 31.00
N ILE A 22 37.84 6.68 31.97
CA ILE A 22 36.49 6.50 32.47
C ILE A 22 35.50 6.55 31.33
N LYS A 23 35.55 7.62 30.56
CA LYS A 23 34.63 7.81 29.44
C LYS A 23 34.21 6.53 28.75
N SER A 24 35.16 5.66 28.46
CA SER A 24 34.86 4.40 27.77
C SER A 24 33.81 3.50 28.41
N TYR A 25 33.53 3.72 29.69
CA TYR A 25 32.59 2.91 30.42
C TYR A 25 31.13 3.39 30.39
N PHE A 26 30.79 4.18 29.38
CA PHE A 26 29.44 4.69 29.27
C PHE A 26 28.41 3.57 29.29
N GLY A 27 27.29 3.80 29.97
CA GLY A 27 26.24 2.82 30.04
C GLY A 27 26.48 1.60 30.91
N ARG A 28 27.75 1.34 31.24
CA ARG A 28 28.15 0.20 32.08
C ARG A 28 27.76 0.27 33.57
N LYS A 29 27.01 -0.72 34.05
CA LYS A 29 26.61 -0.81 35.48
C LYS A 29 27.73 -1.42 36.32
N VAL A 30 28.12 -0.77 37.43
CA VAL A 30 29.18 -1.35 38.27
C VAL A 30 28.88 -1.40 39.76
N ALA A 31 29.28 -2.50 40.38
CA ALA A 31 29.08 -2.73 41.81
C ALA A 31 30.32 -2.23 42.53
N ILE A 32 30.12 -1.30 43.46
CA ILE A 32 31.24 -0.75 44.20
C ILE A 32 31.25 -1.22 45.65
N ASP A 33 32.43 -1.57 46.15
CA ASP A 33 32.62 -2.00 47.54
C ASP A 33 32.64 -0.71 48.34
N ALA A 34 31.46 -0.28 48.78
CA ALA A 34 31.32 0.95 49.53
C ALA A 34 32.26 1.07 50.70
N SER A 35 32.24 0.07 51.58
CA SER A 35 33.10 0.07 52.75
C SER A 35 34.53 0.40 52.37
N MET A 36 35.18 -0.53 51.67
CA MET A 36 36.55 -0.32 51.23
C MET A 36 36.67 1.05 50.61
N SER A 37 35.64 1.44 49.86
CA SER A 37 35.61 2.73 49.20
C SER A 37 35.65 3.85 50.23
N ILE A 38 34.73 3.78 51.19
CA ILE A 38 34.62 4.78 52.24
C ILE A 38 35.91 5.00 53.02
N TYR A 39 36.53 3.91 53.47
CA TYR A 39 37.78 4.01 54.23
C TYR A 39 38.82 4.68 53.36
N GLN A 40 38.95 4.18 52.14
CA GLN A 40 39.91 4.74 51.21
C GLN A 40 39.62 6.23 51.11
N PHE A 41 38.33 6.56 51.09
CA PHE A 41 37.90 7.96 51.00
C PHE A 41 38.46 8.77 52.16
N LEU A 42 38.32 8.24 53.36
CA LEU A 42 38.80 8.91 54.58
C LEU A 42 40.24 9.43 54.45
N ILE A 43 41.14 8.56 54.02
CA ILE A 43 42.54 8.90 53.87
C ILE A 43 42.78 9.88 52.71
N ALA A 44 42.48 11.15 52.94
CA ALA A 44 42.67 12.18 51.92
C ALA A 44 43.62 13.26 52.41
N VAL A 45 44.00 14.16 51.50
CA VAL A 45 44.90 15.26 51.83
C VAL A 45 44.86 16.33 50.75
N THR A 59 35.09 14.60 61.04
CA THR A 59 35.44 14.98 59.68
C THR A 59 34.24 14.80 58.74
N THR A 60 34.48 14.99 57.45
CA THR A 60 33.43 14.88 56.44
C THR A 60 33.93 14.37 55.10
N SER A 61 35.02 13.62 55.10
CA SER A 61 35.56 13.12 53.85
C SER A 61 34.77 11.92 53.31
N HIS A 62 34.28 11.08 54.21
CA HIS A 62 33.51 9.92 53.81
C HIS A 62 32.31 10.35 52.96
N LEU A 63 31.94 11.62 53.10
CA LEU A 63 30.82 12.17 52.35
C LEU A 63 31.32 12.96 51.16
N MET A 64 32.22 13.90 51.43
CA MET A 64 32.78 14.73 50.36
C MET A 64 33.21 13.79 49.24
N GLY A 65 33.88 12.70 49.63
CA GLY A 65 34.35 11.74 48.67
C GLY A 65 33.25 11.10 47.85
N MET A 66 32.48 10.23 48.49
CA MET A 66 31.39 9.53 47.82
C MET A 66 30.46 10.42 47.01
N PHE A 67 30.33 11.68 47.41
CA PHE A 67 29.48 12.63 46.70
C PHE A 67 30.07 12.91 45.30
N TYR A 68 31.26 13.48 45.29
CA TYR A 68 31.93 13.80 44.04
C TYR A 68 32.33 12.59 43.21
N ARG A 69 33.09 11.67 43.81
CA ARG A 69 33.52 10.49 43.09
C ARG A 69 32.35 9.84 42.36
N THR A 70 31.17 9.93 42.95
CA THR A 70 30.00 9.34 42.35
C THR A 70 29.53 10.16 41.17
N ILE A 71 29.58 11.49 41.29
CA ILE A 71 29.15 12.35 40.21
C ILE A 71 29.98 12.11 38.96
N ARG A 72 31.29 12.08 39.11
CA ARG A 72 32.16 11.85 37.97
C ARG A 72 31.74 10.57 37.29
N MET A 73 31.51 9.54 38.08
CA MET A 73 31.07 8.27 37.51
C MET A 73 29.82 8.54 36.72
N MET A 74 28.86 9.17 37.37
CA MET A 74 27.60 9.52 36.74
C MET A 74 27.81 10.21 35.38
N GLU A 75 28.55 11.32 35.39
CA GLU A 75 28.80 12.09 34.19
C GLU A 75 29.26 11.31 32.97
N ASN A 76 29.95 10.20 33.19
CA ASN A 76 30.42 9.39 32.09
C ASN A 76 29.42 8.31 31.72
N GLY A 77 28.34 8.23 32.50
CA GLY A 77 27.32 7.25 32.20
C GLY A 77 27.56 5.90 32.83
N ILE A 78 28.17 5.89 34.01
CA ILE A 78 28.44 4.64 34.71
C ILE A 78 27.38 4.46 35.80
N LYS A 79 26.36 3.65 35.53
CA LYS A 79 25.33 3.44 36.54
C LYS A 79 25.93 2.57 37.65
N PRO A 80 26.04 3.10 38.88
CA PRO A 80 26.64 2.23 39.89
C PRO A 80 25.71 1.89 41.04
N VAL A 81 26.08 0.83 41.74
CA VAL A 81 25.35 0.38 42.91
C VAL A 81 26.42 0.28 43.96
N TYR A 82 26.18 0.85 45.13
CA TYR A 82 27.17 0.74 46.18
C TYR A 82 26.80 -0.45 47.02
N VAL A 83 27.79 -1.24 47.41
CA VAL A 83 27.52 -2.40 48.23
C VAL A 83 28.25 -2.21 49.55
N PHE A 84 27.51 -2.46 50.63
CA PHE A 84 28.06 -2.30 51.96
C PHE A 84 28.32 -3.63 52.65
N ASP A 85 29.47 -3.71 53.31
CA ASP A 85 29.84 -4.93 54.02
C ASP A 85 28.74 -5.34 54.99
N GLY A 86 28.60 -6.64 55.19
CA GLY A 86 27.60 -7.13 56.12
C GLY A 86 28.33 -7.55 57.39
N LYS A 87 28.11 -8.79 57.83
CA LYS A 87 28.77 -9.31 59.03
C LYS A 87 30.17 -9.85 58.68
N PRO A 88 31.22 -9.24 59.24
CA PRO A 88 32.56 -9.73 58.92
C PRO A 88 32.73 -11.23 59.18
N PRO A 89 33.16 -12.00 58.17
CA PRO A 89 33.35 -13.43 58.36
C PRO A 89 34.51 -13.57 59.32
N GLN A 90 34.49 -14.63 60.13
CA GLN A 90 35.54 -14.84 61.12
C GLN A 90 36.96 -14.92 60.58
N LEU A 91 37.78 -13.96 61.02
CA LEU A 91 39.18 -13.86 60.61
C LEU A 91 39.95 -13.02 61.65
N LYS A 92 41.26 -13.24 61.71
CA LYS A 92 42.10 -12.49 62.64
C LYS A 92 42.87 -11.39 61.93
N SER A 93 42.49 -10.16 62.22
CA SER A 93 43.14 -8.99 61.66
C SER A 93 43.64 -8.22 62.89
N GLY A 94 44.42 -8.91 63.72
CA GLY A 94 44.94 -8.29 64.93
C GLY A 94 45.93 -7.18 64.66
N GLU A 95 45.70 -6.42 63.60
CA GLU A 95 46.57 -5.30 63.24
C GLU A 95 46.59 -4.25 64.33
N LEU A 96 47.47 -4.44 65.32
CA LEU A 96 47.61 -3.52 66.44
C LEU A 96 47.73 -2.08 65.97
N ALA A 97 47.37 -1.15 66.86
CA ALA A 97 47.45 0.28 66.56
C ALA A 97 48.81 0.83 66.95
N LYS A 98 48.90 1.39 68.15
CA LYS A 98 50.14 1.95 68.67
C LYS A 98 50.63 3.11 67.83
N ARG A 128 51.34 10.75 60.13
CA ARG A 128 50.56 9.53 59.95
C ARG A 128 49.07 9.84 59.96
N LEU A 129 48.26 8.87 59.53
CA LEU A 129 46.81 9.03 59.47
C LEU A 129 46.10 7.70 59.74
N VAL A 130 45.85 7.41 61.01
CA VAL A 130 45.18 6.17 61.40
C VAL A 130 43.67 6.35 61.49
N LYS A 131 42.94 5.77 60.54
CA LYS A 131 41.48 5.89 60.49
C LYS A 131 40.74 4.56 60.74
N VAL A 132 39.43 4.66 60.95
CA VAL A 132 38.62 3.48 61.19
C VAL A 132 37.15 3.75 60.84
N THR A 133 36.79 3.52 59.58
CA THR A 133 35.43 3.74 59.09
C THR A 133 34.40 2.93 59.87
N LYS A 134 33.64 3.61 60.72
CA LYS A 134 32.63 2.95 61.53
C LYS A 134 31.29 3.69 61.56
N GLN A 135 30.25 3.04 61.06
CA GLN A 135 28.91 3.60 61.03
C GLN A 135 28.74 4.95 60.33
N HIS A 136 29.69 5.32 59.47
CA HIS A 136 29.54 6.54 58.70
C HIS A 136 28.53 6.08 57.68
N ASN A 137 28.63 4.79 57.34
CA ASN A 137 27.75 4.13 56.39
C ASN A 137 26.42 4.82 56.26
N ASP A 138 25.71 4.87 57.38
CA ASP A 138 24.40 5.49 57.44
C ASP A 138 24.40 6.87 56.76
N GLU A 139 25.37 7.71 57.12
CA GLU A 139 25.46 9.03 56.50
C GLU A 139 25.57 8.82 54.98
N CYS A 140 26.49 7.97 54.55
CA CYS A 140 26.67 7.69 53.13
C CYS A 140 25.41 7.11 52.49
N LYS A 141 24.87 6.04 53.07
CA LYS A 141 23.65 5.43 52.56
C LYS A 141 22.63 6.53 52.39
N HIS A 142 22.66 7.50 53.29
CA HIS A 142 21.73 8.62 53.26
C HIS A 142 21.99 9.45 52.00
N LEU A 143 23.23 9.89 51.81
CA LEU A 143 23.54 10.70 50.65
C LEU A 143 23.08 9.99 49.38
N LEU A 144 23.59 8.79 49.15
CA LEU A 144 23.23 7.99 47.97
C LEU A 144 21.73 8.00 47.73
N SER A 145 20.99 7.76 48.80
CA SER A 145 19.55 7.74 48.73
C SER A 145 19.07 9.07 48.12
N LEU A 146 19.65 10.16 48.59
CA LEU A 146 19.29 11.48 48.11
C LEU A 146 19.71 11.66 46.65
N MET A 147 20.91 11.21 46.33
CA MET A 147 21.42 11.34 44.97
C MET A 147 20.69 10.38 44.02
N GLY A 148 19.91 9.45 44.58
CA GLY A 148 19.20 8.53 43.74
C GLY A 148 20.05 7.34 43.32
N ILE A 149 21.21 7.19 43.95
CA ILE A 149 22.09 6.07 43.64
C ILE A 149 21.74 4.89 44.53
N PRO A 150 21.57 3.71 43.94
CA PRO A 150 21.23 2.48 44.66
C PRO A 150 22.38 1.85 45.44
N TYR A 151 22.04 1.21 46.54
CA TYR A 151 23.07 0.54 47.33
C TYR A 151 22.53 -0.72 48.00
N LEU A 152 23.32 -1.78 47.94
CA LEU A 152 22.95 -3.04 48.54
C LEU A 152 23.75 -3.28 49.82
N ASP A 153 23.14 -4.07 50.71
CA ASP A 153 23.74 -4.44 51.97
C ASP A 153 24.03 -5.94 51.84
N ALA A 154 25.30 -6.30 51.68
CA ALA A 154 25.65 -7.70 51.50
C ALA A 154 25.68 -8.41 52.83
N PRO A 155 25.70 -9.76 52.80
CA PRO A 155 25.74 -10.60 53.99
C PRO A 155 27.09 -10.49 54.66
N SER A 156 28.11 -11.09 54.05
CA SER A 156 29.47 -11.03 54.58
C SER A 156 30.26 -9.98 53.84
N GLU A 157 31.29 -10.42 53.13
CA GLU A 157 32.14 -9.52 52.38
C GLU A 157 31.37 -8.86 51.26
N ALA A 158 31.73 -7.61 50.96
CA ALA A 158 31.07 -6.84 49.93
C ALA A 158 31.51 -7.23 48.54
N GLU A 159 32.81 -7.24 48.29
CA GLU A 159 33.31 -7.60 46.97
C GLU A 159 32.93 -9.04 46.67
N ALA A 160 32.74 -9.82 47.73
CA ALA A 160 32.33 -11.19 47.54
C ALA A 160 31.04 -11.07 46.78
N SER A 161 30.07 -10.41 47.39
CA SER A 161 28.76 -10.21 46.78
C SER A 161 28.89 -9.49 45.43
N CYS A 162 29.70 -8.43 45.42
CA CYS A 162 29.91 -7.67 44.20
C CYS A 162 30.21 -8.61 43.04
N ALA A 163 31.22 -9.44 43.24
CA ALA A 163 31.61 -10.40 42.23
C ALA A 163 30.39 -11.25 41.85
N ALA A 164 29.56 -11.56 42.85
CA ALA A 164 28.38 -12.37 42.60
C ALA A 164 27.49 -11.73 41.56
N LEU A 165 27.34 -10.42 41.65
CA LEU A 165 26.53 -9.67 40.72
C LEU A 165 27.18 -9.72 39.35
N VAL A 166 28.47 -9.43 39.29
CA VAL A 166 29.18 -9.46 38.01
C VAL A 166 28.93 -10.80 37.32
N LYS A 167 29.12 -11.89 38.05
CA LYS A 167 28.92 -13.24 37.51
C LYS A 167 27.54 -13.45 36.89
N ALA A 168 26.50 -12.96 37.57
CA ALA A 168 25.13 -13.13 37.10
C ALA A 168 24.82 -12.32 35.87
N GLY A 169 25.61 -11.29 35.64
CA GLY A 169 25.34 -10.45 34.48
C GLY A 169 24.38 -9.37 34.90
N LYS A 170 24.38 -9.04 36.19
CA LYS A 170 23.52 -8.00 36.74
C LYS A 170 24.34 -6.72 36.89
N VAL A 171 25.60 -6.79 36.48
CA VAL A 171 26.49 -5.66 36.57
C VAL A 171 27.72 -5.95 35.72
N TYR A 172 28.28 -4.91 35.11
CA TYR A 172 29.43 -5.14 34.26
C TYR A 172 30.68 -5.57 35.00
N ALA A 173 30.95 -4.93 36.12
CA ALA A 173 32.12 -5.29 36.88
C ALA A 173 31.97 -4.97 38.33
N ALA A 174 33.02 -5.26 39.07
CA ALA A 174 33.08 -5.00 40.51
C ALA A 174 34.14 -3.88 40.69
N ALA A 175 33.87 -2.93 41.59
CA ALA A 175 34.85 -1.87 41.80
C ALA A 175 35.45 -1.88 43.21
N THR A 176 36.77 -2.02 43.28
CA THR A 176 37.52 -2.04 44.54
C THR A 176 38.97 -1.88 44.22
N GLU A 177 39.74 -1.52 45.23
CA GLU A 177 41.16 -1.39 45.04
C GLU A 177 41.67 -2.72 45.58
N ASP A 178 40.85 -3.37 46.40
CA ASP A 178 41.16 -4.67 46.98
C ASP A 178 40.96 -5.73 45.91
N MET A 179 42.05 -6.37 45.50
CA MET A 179 41.99 -7.39 44.45
C MET A 179 41.46 -8.76 44.84
N ASP A 180 41.19 -8.98 46.11
CA ASP A 180 40.69 -10.27 46.53
C ASP A 180 39.28 -10.46 45.98
N CYS A 181 38.87 -9.53 45.14
CA CYS A 181 37.54 -9.61 44.55
C CYS A 181 37.58 -10.65 43.43
N LEU A 182 38.73 -10.70 42.76
CA LEU A 182 38.95 -11.64 41.66
C LEU A 182 38.98 -13.06 42.20
N THR A 183 39.81 -13.25 43.21
CA THR A 183 39.96 -14.53 43.84
C THR A 183 38.59 -14.99 44.34
N PHE A 184 37.72 -14.04 44.61
CA PHE A 184 36.37 -14.36 45.08
C PHE A 184 35.53 -14.82 43.89
N GLY A 185 36.15 -14.90 42.72
CA GLY A 185 35.44 -15.34 41.52
C GLY A 185 34.97 -14.32 40.48
N SER A 186 35.08 -13.04 40.83
CA SER A 186 34.62 -11.98 39.96
C SER A 186 35.21 -12.03 38.55
N PRO A 187 34.35 -12.22 37.53
CA PRO A 187 34.78 -12.27 36.13
C PRO A 187 35.59 -11.04 35.74
N VAL A 188 35.13 -9.88 36.21
CA VAL A 188 35.76 -8.60 35.90
C VAL A 188 35.89 -7.71 37.13
N LEU A 189 36.98 -6.94 37.19
CA LEU A 189 37.21 -6.01 38.29
C LEU A 189 38.00 -4.80 37.81
N MET A 190 37.43 -3.62 37.96
CA MET A 190 38.14 -2.40 37.57
C MET A 190 38.53 -1.63 38.82
N ARG A 191 39.78 -1.22 38.87
CA ARG A 191 40.30 -0.49 40.02
C ARG A 191 40.64 0.96 39.73
N HIS A 192 40.37 1.80 40.74
CA HIS A 192 40.64 3.24 40.71
C HIS A 192 39.42 4.03 40.30
N LEU A 193 38.24 3.51 40.61
CA LEU A 193 37.04 4.22 40.23
C LEU A 193 36.52 5.09 41.35
N THR A 194 37.20 5.04 42.50
CA THR A 194 36.79 5.86 43.64
C THR A 194 38.06 6.35 44.30
N ALA A 195 39.06 5.48 44.29
CA ALA A 195 40.35 5.75 44.86
C ALA A 195 40.96 7.08 44.42
N SER A 196 40.27 7.81 43.55
CA SER A 196 40.80 9.09 43.09
C SER A 196 41.18 9.94 44.30
N GLU A 197 42.47 9.99 44.58
CA GLU A 197 43.00 10.73 45.71
C GLU A 197 44.51 10.55 45.81
N LYS A 199 46.47 13.12 42.80
CA LYS A 199 46.51 12.58 41.44
C LYS A 199 45.16 11.99 41.04
N LYS A 200 45.14 11.28 39.91
CA LYS A 200 43.93 10.66 39.39
C LYS A 200 44.32 9.57 38.40
N LEU A 201 44.77 8.43 38.92
CA LEU A 201 45.20 7.30 38.11
C LEU A 201 44.06 6.78 37.22
N PRO A 202 44.42 6.16 36.08
CA PRO A 202 43.45 5.59 35.11
C PRO A 202 42.80 4.31 35.64
N ILE A 203 41.50 4.15 35.39
CA ILE A 203 40.81 2.94 35.85
C ILE A 203 41.46 1.72 35.21
N GLN A 204 41.84 0.72 36.00
CA GLN A 204 42.44 -0.48 35.43
C GLN A 204 41.52 -1.68 35.57
N GLU A 205 41.30 -2.35 34.45
CA GLU A 205 40.39 -3.49 34.35
C GLU A 205 41.07 -4.84 34.22
N PHE A 206 40.87 -5.71 35.22
CA PHE A 206 41.45 -7.06 35.20
C PHE A 206 40.37 -8.03 34.74
N HIS A 207 40.73 -8.95 33.86
CA HIS A 207 39.77 -9.93 33.40
C HIS A 207 40.16 -11.28 34.00
N LEU A 208 39.32 -11.80 34.88
CA LEU A 208 39.62 -13.06 35.54
C LEU A 208 40.01 -14.16 34.57
N SER A 209 39.13 -14.44 33.60
CA SER A 209 39.39 -15.48 32.62
C SER A 209 40.81 -15.45 32.08
N ARG A 210 41.27 -14.28 31.65
CA ARG A 210 42.62 -14.19 31.12
C ARG A 210 43.67 -14.52 32.18
N ILE A 211 43.42 -14.13 33.42
CA ILE A 211 44.35 -14.42 34.51
C ILE A 211 44.58 -15.92 34.62
N LEU A 212 43.51 -16.70 34.49
CA LEU A 212 43.59 -18.15 34.57
C LEU A 212 44.27 -18.78 33.36
N GLN A 213 43.93 -18.31 32.16
CA GLN A 213 44.50 -18.79 30.91
C GLN A 213 46.01 -18.60 30.97
N GLU A 214 46.43 -17.35 31.02
CA GLU A 214 47.84 -17.00 31.10
C GLU A 214 48.59 -17.90 32.08
N LEU A 215 48.13 -17.94 33.33
CA LEU A 215 48.78 -18.73 34.38
C LEU A 215 48.60 -20.23 34.28
N GLY A 216 47.60 -20.67 33.54
CA GLY A 216 47.35 -22.10 33.42
C GLY A 216 46.80 -22.66 34.72
N LEU A 217 45.90 -21.91 35.34
CA LEU A 217 45.32 -22.33 36.58
C LEU A 217 43.82 -22.40 36.42
N ASN A 218 43.15 -22.92 37.43
CA ASN A 218 41.71 -23.01 37.44
C ASN A 218 41.30 -22.33 38.75
N GLN A 219 40.20 -21.59 38.73
CA GLN A 219 39.72 -20.88 39.92
C GLN A 219 40.21 -21.48 41.22
N GLU A 220 39.95 -22.78 41.40
CA GLU A 220 40.39 -23.49 42.59
C GLU A 220 41.86 -23.20 42.76
N GLN A 221 42.66 -23.75 41.86
CA GLN A 221 44.10 -23.56 41.92
C GLN A 221 44.43 -22.10 42.24
N PHE A 222 43.81 -21.19 41.49
CA PHE A 222 44.03 -19.76 41.67
C PHE A 222 43.90 -19.29 43.10
N VAL A 223 42.82 -19.67 43.75
CA VAL A 223 42.57 -19.27 45.13
C VAL A 223 43.74 -19.65 46.04
N ASP A 224 44.27 -20.87 45.86
CA ASP A 224 45.40 -21.30 46.66
C ASP A 224 46.59 -20.39 46.38
N LEU A 225 46.76 -20.03 45.12
CA LEU A 225 47.84 -19.14 44.69
C LEU A 225 47.73 -17.81 45.42
N CYS A 226 46.51 -17.30 45.46
CA CYS A 226 46.25 -16.05 46.12
C CYS A 226 46.62 -16.19 47.59
N ILE A 227 46.02 -17.16 48.26
CA ILE A 227 46.31 -17.37 49.67
C ILE A 227 47.80 -17.42 49.86
N LEU A 228 48.45 -18.11 48.93
CA LEU A 228 49.88 -18.23 48.97
C LEU A 228 50.55 -16.86 48.91
N LEU A 229 49.99 -15.95 48.14
CA LEU A 229 50.56 -14.61 47.99
C LEU A 229 50.44 -13.72 49.24
N GLY A 230 49.23 -13.62 49.80
CA GLY A 230 49.04 -12.77 50.97
C GLY A 230 47.59 -12.34 51.14
N SER A 231 46.77 -13.29 51.59
CA SER A 231 45.34 -13.10 51.81
C SER A 231 45.01 -12.25 53.04
N ASP A 232 43.76 -11.80 53.14
CA ASP A 232 43.31 -11.02 54.30
C ASP A 232 42.79 -12.00 55.35
N TYR A 233 42.72 -13.27 55.00
CA TYR A 233 42.17 -14.26 55.91
C TYR A 233 43.11 -15.28 56.54
N CYS A 234 44.37 -15.31 56.16
CA CYS A 234 45.28 -16.26 56.77
C CYS A 234 46.71 -16.11 56.31
N GLU A 235 47.62 -16.10 57.28
CA GLU A 235 49.06 -15.95 57.02
C GLU A 235 49.52 -16.77 55.83
N SER A 236 50.58 -16.32 55.17
CA SER A 236 51.11 -17.02 54.02
C SER A 236 52.35 -17.84 54.39
N ILE A 237 52.93 -18.53 53.42
CA ILE A 237 54.12 -19.34 53.65
C ILE A 237 55.32 -18.40 53.53
N ARG A 238 55.89 -18.03 54.68
CA ARG A 238 57.04 -17.13 54.70
C ARG A 238 58.18 -17.55 53.78
N GLY A 239 58.81 -16.57 53.15
CA GLY A 239 59.93 -16.88 52.29
C GLY A 239 59.59 -17.09 50.83
N ILE A 240 58.41 -17.64 50.55
CA ILE A 240 58.02 -17.86 49.16
C ILE A 240 57.83 -16.56 48.36
N GLY A 241 58.47 -16.51 47.20
CA GLY A 241 58.35 -15.34 46.35
C GLY A 241 57.15 -15.52 45.44
N PRO A 242 56.42 -14.45 45.14
CA PRO A 242 55.24 -14.48 44.27
C PRO A 242 55.44 -15.36 43.02
N LYS A 243 56.62 -15.26 42.42
CA LYS A 243 56.95 -16.04 41.24
C LYS A 243 56.94 -17.50 41.63
N ARG A 244 57.83 -17.86 42.55
CA ARG A 244 57.92 -19.23 43.05
C ARG A 244 56.51 -19.71 43.36
N ALA A 245 55.78 -18.88 44.09
CA ALA A 245 54.41 -19.19 44.43
C ALA A 245 53.68 -19.73 43.21
N VAL A 246 53.74 -18.99 42.12
CA VAL A 246 53.07 -19.44 40.91
C VAL A 246 53.54 -20.83 40.51
N ASP A 247 54.85 -20.99 40.29
CA ASP A 247 55.39 -22.30 39.92
C ASP A 247 54.83 -23.38 40.84
N LEU A 248 55.16 -23.27 42.12
CA LEU A 248 54.71 -24.21 43.13
C LEU A 248 53.25 -24.62 42.94
N ILE A 249 52.40 -23.69 42.53
CA ILE A 249 50.99 -24.00 42.34
C ILE A 249 50.74 -24.76 41.04
N GLN A 250 51.35 -24.30 39.95
CA GLN A 250 51.14 -24.99 38.69
C GLN A 250 51.82 -26.36 38.70
N LYS A 251 52.83 -26.52 39.55
CA LYS A 251 53.52 -27.80 39.66
C LYS A 251 52.58 -28.74 40.42
N HIS A 252 52.36 -28.43 41.69
CA HIS A 252 51.48 -29.22 42.57
C HIS A 252 50.22 -28.37 42.76
N LYS A 253 49.21 -28.62 41.95
CA LYS A 253 47.96 -27.88 41.98
C LYS A 253 47.41 -27.27 43.29
N SER A 254 47.78 -27.80 44.47
CA SER A 254 47.22 -27.25 45.71
C SER A 254 48.15 -26.94 46.88
N ILE A 255 47.64 -26.18 47.84
CA ILE A 255 48.43 -25.82 48.99
C ILE A 255 48.80 -27.04 49.83
N GLU A 256 47.83 -27.91 50.11
CA GLU A 256 48.15 -29.09 50.90
C GLU A 256 49.23 -29.86 50.15
N GLU A 257 48.97 -30.10 48.88
CA GLU A 257 49.88 -30.84 48.02
C GLU A 257 51.25 -30.20 47.92
N ILE A 258 51.35 -28.93 48.25
CA ILE A 258 52.64 -28.25 48.18
C ILE A 258 53.42 -28.51 49.44
N VAL A 259 52.73 -28.46 50.58
CA VAL A 259 53.34 -28.68 51.88
C VAL A 259 54.00 -30.06 51.87
N ARG A 260 53.28 -31.04 51.33
CA ARG A 260 53.82 -32.38 51.21
C ARG A 260 54.44 -32.30 49.82
N ARG A 261 55.75 -32.50 49.74
CA ARG A 261 56.52 -32.43 48.48
C ARG A 261 57.23 -31.10 48.44
N LEU A 262 57.78 -30.71 49.58
CA LEU A 262 58.51 -29.46 49.72
C LEU A 262 58.96 -29.52 51.17
N ASP A 263 58.63 -28.49 51.92
CA ASP A 263 58.92 -28.41 53.35
C ASP A 263 60.32 -28.44 53.95
N PRO A 264 61.38 -28.69 53.16
CA PRO A 264 62.63 -28.68 53.93
C PRO A 264 62.56 -27.46 54.84
N ASN A 265 62.75 -27.67 56.14
CA ASN A 265 62.68 -26.61 57.15
C ASN A 265 62.68 -25.20 56.57
N LYS A 266 63.54 -24.97 55.59
CA LYS A 266 63.66 -23.69 54.92
C LYS A 266 62.30 -23.06 54.59
N TYR A 267 61.29 -23.89 54.34
CA TYR A 267 59.95 -23.41 54.03
C TYR A 267 58.97 -23.74 55.15
N PRO A 268 59.12 -23.10 56.32
CA PRO A 268 58.24 -23.37 57.46
C PRO A 268 56.82 -22.94 57.13
N VAL A 269 55.86 -23.53 57.84
CA VAL A 269 54.47 -23.21 57.64
C VAL A 269 54.02 -22.28 58.76
N PRO A 270 53.01 -21.41 58.50
CA PRO A 270 52.49 -20.47 59.50
C PRO A 270 52.05 -21.28 60.70
N GLU A 271 51.84 -20.64 61.85
CA GLU A 271 51.41 -21.35 63.05
C GLU A 271 50.15 -22.17 62.69
N ASN A 272 49.07 -22.06 63.45
CA ASN A 272 47.90 -22.83 63.07
C ASN A 272 47.32 -22.20 61.81
N TRP A 273 47.64 -22.76 60.65
CA TRP A 273 47.18 -22.25 59.37
C TRP A 273 45.70 -22.52 59.15
N LEU A 274 45.00 -21.52 58.61
CA LEU A 274 43.57 -21.63 58.29
C LEU A 274 43.42 -21.47 56.78
N HIS A 275 44.30 -22.11 56.01
CA HIS A 275 44.23 -21.97 54.57
C HIS A 275 43.04 -22.73 53.99
N LYS A 276 42.77 -23.91 54.54
CA LYS A 276 41.65 -24.71 54.08
C LYS A 276 40.41 -23.89 54.45
N GLU A 277 40.49 -23.27 55.62
CA GLU A 277 39.40 -22.44 56.14
C GLU A 277 39.20 -21.24 55.21
N ALA A 278 40.31 -20.62 54.81
CA ALA A 278 40.28 -19.46 53.93
C ALA A 278 39.78 -19.88 52.57
N HIS A 279 40.55 -20.72 51.90
CA HIS A 279 40.18 -21.22 50.60
C HIS A 279 38.68 -21.45 50.41
N GLN A 280 38.01 -21.93 51.45
CA GLN A 280 36.56 -22.19 51.38
C GLN A 280 35.76 -20.89 51.24
N LEU A 281 36.15 -19.90 52.03
CA LEU A 281 35.51 -18.58 52.00
C LEU A 281 35.54 -18.02 50.59
N PHE A 282 36.71 -18.05 49.96
CA PHE A 282 36.89 -17.53 48.61
C PHE A 282 35.99 -18.23 47.60
N LEU A 283 35.80 -19.53 47.80
CA LEU A 283 34.99 -20.34 46.89
C LEU A 283 33.49 -20.20 47.07
N GLU A 284 32.99 -20.63 48.22
CA GLU A 284 31.56 -20.57 48.51
C GLU A 284 31.30 -19.53 49.62
N PRO A 285 31.32 -18.23 49.27
CA PRO A 285 31.10 -17.16 50.23
C PRO A 285 29.63 -16.82 50.36
N GLU A 286 29.29 -16.15 51.46
CA GLU A 286 27.92 -15.75 51.68
C GLU A 286 27.72 -14.45 50.92
N VAL A 287 26.75 -14.45 50.01
CA VAL A 287 26.46 -13.27 49.17
C VAL A 287 24.97 -13.01 49.00
N LEU A 288 24.63 -12.13 48.07
CA LEU A 288 23.25 -11.81 47.76
C LEU A 288 22.75 -12.75 46.69
N ASP A 289 21.45 -12.67 46.42
CA ASP A 289 20.88 -13.48 45.37
C ASP A 289 20.82 -12.49 44.21
N PRO A 290 21.75 -12.61 43.26
CA PRO A 290 21.77 -11.71 42.11
C PRO A 290 20.41 -11.56 41.46
N GLU A 291 19.58 -12.57 41.63
CA GLU A 291 18.24 -12.58 41.06
C GLU A 291 17.29 -11.69 41.83
N SER A 292 17.43 -11.66 43.13
CA SER A 292 16.55 -10.85 43.95
C SER A 292 16.99 -9.40 43.92
N VAL A 293 17.90 -9.07 43.03
CA VAL A 293 18.37 -7.69 42.96
C VAL A 293 17.45 -6.83 42.10
N GLU A 294 17.16 -5.62 42.59
CA GLU A 294 16.31 -4.69 41.87
C GLU A 294 17.11 -3.40 41.70
N LEU A 295 17.91 -3.32 40.64
CA LEU A 295 18.69 -2.10 40.45
C LEU A 295 17.88 -1.06 39.70
N LYS A 296 17.80 0.14 40.28
CA LYS A 296 17.05 1.25 39.70
C LYS A 296 17.62 2.58 40.16
N TRP A 297 17.85 3.49 39.22
CA TRP A 297 18.38 4.83 39.56
C TRP A 297 17.27 5.89 39.54
N SER A 298 17.21 6.71 40.59
CA SER A 298 16.20 7.75 40.70
C SER A 298 16.82 9.10 40.46
N GLU A 299 16.01 10.14 40.31
CA GLU A 299 16.51 11.50 40.09
C GLU A 299 16.92 12.04 41.45
N PRO A 300 18.04 12.77 41.51
CA PRO A 300 18.52 13.34 42.77
C PRO A 300 17.51 14.33 43.29
N ASN A 301 17.50 14.56 44.60
CA ASN A 301 16.58 15.51 45.19
C ASN A 301 17.39 16.68 45.70
N GLU A 302 17.60 17.66 44.82
CA GLU A 302 18.37 18.86 45.12
C GLU A 302 18.08 19.42 46.49
N GLU A 303 16.82 19.77 46.74
CA GLU A 303 16.48 20.32 48.03
C GLU A 303 17.16 19.53 49.14
N GLU A 304 16.68 18.31 49.35
CA GLU A 304 17.21 17.44 50.40
C GLU A 304 18.73 17.47 50.51
N LEU A 305 19.41 17.34 49.37
CA LEU A 305 20.88 17.32 49.36
C LEU A 305 21.49 18.57 49.98
N ILE A 306 21.00 19.73 49.56
CA ILE A 306 21.50 20.98 50.08
C ILE A 306 21.18 21.02 51.56
N LYS A 307 20.05 20.45 51.96
CA LYS A 307 19.71 20.45 53.36
C LYS A 307 20.74 19.64 54.12
N PHE A 308 20.94 18.40 53.67
CA PHE A 308 21.88 17.49 54.29
C PHE A 308 23.35 17.92 54.21
N MET A 309 23.82 18.24 53.02
CA MET A 309 25.21 18.66 52.88
C MET A 309 25.38 20.10 53.32
N CYS A 310 24.67 21.00 52.68
CA CYS A 310 24.74 22.43 53.00
C CYS A 310 23.67 22.78 54.03
N GLY A 311 23.77 22.19 55.21
CA GLY A 311 22.80 22.46 56.25
C GLY A 311 23.23 21.74 57.51
N GLU A 312 23.12 20.42 57.48
CA GLU A 312 23.52 19.61 58.63
C GLU A 312 25.05 19.53 58.61
N LYS A 313 25.60 18.85 57.61
CA LYS A 313 27.04 18.70 57.47
C LYS A 313 27.62 19.90 56.72
N GLN A 314 27.71 21.04 57.41
CA GLN A 314 28.23 22.28 56.84
C GLN A 314 29.17 22.09 55.66
N PHE A 315 28.70 22.43 54.46
CA PHE A 315 29.47 22.32 53.22
C PHE A 315 29.11 23.51 52.35
N SER A 316 30.07 24.00 51.59
CA SER A 316 29.86 25.17 50.73
C SER A 316 28.67 24.98 49.78
N GLU A 317 27.62 25.79 49.96
CA GLU A 317 26.44 25.67 49.10
C GLU A 317 26.81 25.94 47.64
N GLU A 318 27.91 26.65 47.42
CA GLU A 318 28.33 26.94 46.07
C GLU A 318 28.73 25.63 45.43
N ARG A 319 29.57 24.88 46.15
CA ARG A 319 30.07 23.59 45.69
C ARG A 319 29.02 22.50 45.48
N ILE A 320 28.17 22.29 46.47
CA ILE A 320 27.14 21.26 46.34
C ILE A 320 26.13 21.62 45.25
N ARG A 321 25.62 22.86 45.28
CA ARG A 321 24.65 23.27 44.27
C ARG A 321 25.16 22.98 42.86
N SER A 322 26.39 23.41 42.58
CA SER A 322 27.00 23.21 41.27
C SER A 322 27.19 21.74 40.98
N GLY A 323 27.79 21.01 41.92
CA GLY A 323 28.00 19.60 41.70
C GLY A 323 26.66 18.98 41.36
N VAL A 324 25.70 19.13 42.27
CA VAL A 324 24.35 18.61 42.09
C VAL A 324 23.82 18.90 40.69
N LYS A 325 24.24 20.04 40.14
CA LYS A 325 23.80 20.43 38.81
C LYS A 325 24.37 19.43 37.80
N ARG A 326 25.67 19.23 37.84
CA ARG A 326 26.29 18.30 36.93
C ARG A 326 25.56 16.98 37.01
N LEU A 327 25.31 16.51 38.22
CA LEU A 327 24.63 15.24 38.42
C LEU A 327 23.31 15.11 37.68
N SER A 328 22.36 15.99 37.97
CA SER A 328 21.06 15.91 37.33
C SER A 328 21.10 16.07 35.81
N LYS A 329 22.24 16.50 35.27
CA LYS A 329 22.41 16.68 33.84
C LYS A 329 22.70 15.34 33.15
N SER A 330 23.78 14.69 33.57
CA SER A 330 24.14 13.39 33.02
C SER A 330 22.95 12.50 33.30
N ARG A 331 22.52 12.55 34.57
CA ARG A 331 21.37 11.82 35.08
C ARG A 331 20.41 11.47 33.96
N GLN A 332 20.01 12.49 33.21
CA GLN A 332 19.11 12.30 32.08
C GLN A 332 19.81 11.39 31.07
N GLY A 333 19.67 10.09 31.26
CA GLY A 333 20.30 9.12 30.37
C GLY A 333 19.59 8.94 29.05
N SER A 334 20.31 9.18 27.95
CA SER A 334 19.77 9.05 26.60
C SER A 334 18.89 7.79 26.49
N THR A 335 17.57 7.96 26.54
CA THR A 335 16.62 6.85 26.46
C THR A 335 16.93 5.96 25.27
N GLN A 336 17.77 6.48 24.38
CA GLN A 336 18.20 5.70 23.24
C GLN A 336 19.69 5.92 23.05
N GLY A 337 20.47 4.85 23.18
CA GLY A 337 21.89 5.07 22.98
C GLY A 337 22.24 5.41 21.54
N ARG A 338 23.03 6.46 21.35
CA ARG A 338 23.49 6.86 20.03
C ARG A 338 24.89 6.27 20.06
N LEU A 339 25.33 5.62 19.00
CA LEU A 339 26.69 5.08 19.09
C LEU A 339 27.69 6.19 19.44
N ASP A 340 27.21 7.43 19.47
CA ASP A 340 28.04 8.61 19.79
C ASP A 340 28.61 8.54 21.20
N ASP A 341 27.76 8.11 22.13
CA ASP A 341 28.11 7.99 23.55
C ASP A 341 29.03 6.82 23.82
N PHE A 342 28.70 5.68 23.21
CA PHE A 342 29.50 4.49 23.42
C PHE A 342 30.88 4.58 22.82
N PHE A 343 31.01 5.25 21.68
CA PHE A 343 32.31 5.32 21.04
C PHE A 343 32.82 6.71 20.80
N LYS A 344 34.11 6.90 21.07
CA LYS A 344 34.73 8.21 20.90
C LYS A 344 34.77 8.59 19.43
N VAL A 345 34.63 9.88 19.14
CA VAL A 345 34.69 10.32 17.77
C VAL A 345 36.16 10.53 17.45
N THR A 346 36.68 9.73 16.54
CA THR A 346 38.07 9.81 16.15
C THR A 346 38.33 11.02 15.26
N GLY A 347 37.29 11.43 14.55
CA GLY A 347 37.43 12.58 13.66
C GLY A 347 36.38 12.55 12.58
N SER A 348 36.76 13.03 11.40
CA SER A 348 35.85 13.04 10.26
C SER A 348 36.66 12.80 9.01
N LEU A 349 36.20 11.84 8.22
CA LEU A 349 36.88 11.50 6.98
C LEU A 349 36.34 12.46 5.91
N SER A 350 37.24 13.21 5.26
CA SER A 350 36.79 14.17 4.26
C SER A 350 37.07 13.73 2.83
N SER A 351 36.03 13.64 2.02
CA SER A 351 36.19 13.23 0.63
C SER A 351 37.26 14.10 -0.04
N ALA A 352 38.33 13.48 -0.51
CA ALA A 352 39.44 14.19 -1.16
C ALA A 352 38.97 15.27 -2.13
N LYS A 353 39.78 16.30 -2.32
CA LYS A 353 39.47 17.40 -3.23
C LYS A 353 39.41 16.82 -4.63
N ARG A 354 38.46 17.29 -5.43
CA ARG A 354 38.31 16.81 -6.79
C ARG A 354 38.93 17.72 -7.83
N LYS A 355 39.41 17.13 -8.93
CA LYS A 355 39.99 17.90 -10.03
C LYS A 355 39.17 17.74 -11.30
N GLU A 356 38.27 18.70 -11.52
CA GLU A 356 37.34 18.78 -12.67
C GLU A 356 37.81 18.17 -13.99
N GLY B 1 -9.43 39.49 -38.20
CA GLY B 1 -9.16 38.69 -39.42
C GLY B 1 -10.31 38.66 -40.41
N ILE B 2 -10.46 37.54 -41.09
CA ILE B 2 -11.52 37.35 -42.07
C ILE B 2 -12.82 36.79 -41.46
N GLN B 3 -13.95 37.36 -41.83
CA GLN B 3 -15.24 36.93 -41.30
C GLN B 3 -15.87 35.68 -41.89
N GLY B 4 -16.45 34.86 -41.02
CA GLY B 4 -17.10 33.64 -41.44
C GLY B 4 -16.27 32.70 -42.29
N LEU B 5 -14.96 32.92 -42.30
CA LEU B 5 -14.07 32.10 -43.11
C LEU B 5 -13.99 30.66 -42.62
N ALA B 6 -13.66 30.49 -41.34
CA ALA B 6 -13.54 29.16 -40.77
C ALA B 6 -14.76 28.31 -41.11
N LYS B 7 -15.95 28.87 -40.89
CA LYS B 7 -17.18 28.15 -41.18
C LYS B 7 -17.26 27.81 -42.65
N LEU B 8 -16.95 28.77 -43.52
CA LEU B 8 -17.00 28.55 -44.96
C LEU B 8 -16.18 27.33 -45.35
N ILE B 9 -14.96 27.27 -44.84
CA ILE B 9 -14.06 26.15 -45.12
C ILE B 9 -14.69 24.90 -44.56
N ALA B 10 -14.89 24.91 -43.25
CA ALA B 10 -15.49 23.78 -42.55
C ALA B 10 -16.66 23.26 -43.34
N ASP B 11 -17.41 24.17 -43.95
CA ASP B 11 -18.60 23.81 -44.70
C ASP B 11 -18.39 23.48 -46.18
N VAL B 12 -17.19 23.68 -46.71
CA VAL B 12 -16.98 23.38 -48.14
C VAL B 12 -15.64 22.75 -48.50
N ALA B 13 -14.79 22.52 -47.50
CA ALA B 13 -13.48 21.91 -47.72
C ALA B 13 -12.88 21.50 -46.38
N PRO B 14 -13.56 20.60 -45.64
CA PRO B 14 -13.09 20.13 -44.33
C PRO B 14 -11.79 19.36 -44.39
N SER B 15 -11.41 18.95 -45.60
CA SER B 15 -10.18 18.21 -45.79
C SER B 15 -8.95 19.07 -45.51
N ALA B 16 -9.14 20.38 -45.42
CA ALA B 16 -8.03 21.29 -45.16
C ALA B 16 -7.90 21.66 -43.69
N ILE B 17 -8.78 21.11 -42.87
CA ILE B 17 -8.78 21.39 -41.42
C ILE B 17 -8.72 20.10 -40.61
N ARG B 18 -7.83 20.05 -39.62
CA ARG B 18 -7.71 18.88 -38.77
C ARG B 18 -7.76 19.24 -37.28
N GLU B 19 -8.28 18.31 -36.48
CA GLU B 19 -8.38 18.52 -35.04
C GLU B 19 -7.36 17.62 -34.37
N ASN B 20 -6.12 18.09 -34.27
CA ASN B 20 -5.02 17.31 -33.67
C ASN B 20 -4.82 17.63 -32.20
N ASP B 21 -4.09 16.75 -31.51
CA ASP B 21 -3.78 16.95 -30.11
C ASP B 21 -2.47 17.67 -29.95
N ILE B 22 -2.44 18.59 -28.99
CA ILE B 22 -1.27 19.41 -28.71
C ILE B 22 0.05 18.63 -28.72
N LYS B 23 0.00 17.36 -28.34
CA LYS B 23 1.19 16.52 -28.31
C LYS B 23 1.82 16.25 -29.68
N SER B 24 0.98 16.04 -30.69
CA SER B 24 1.44 15.73 -32.05
C SER B 24 2.30 16.81 -32.69
N TYR B 25 2.42 17.94 -32.00
CA TYR B 25 3.19 19.08 -32.48
C TYR B 25 4.60 19.13 -31.92
N PHE B 26 5.05 18.02 -31.34
CA PHE B 26 6.38 17.97 -30.78
C PHE B 26 7.44 18.21 -31.85
N GLY B 27 8.42 19.03 -31.53
CA GLY B 27 9.49 19.30 -32.47
C GLY B 27 9.21 20.45 -33.42
N ARG B 28 7.98 20.96 -33.43
CA ARG B 28 7.62 22.04 -34.34
C ARG B 28 7.94 23.44 -33.81
N LYS B 29 8.45 24.28 -34.71
CA LYS B 29 8.76 25.67 -34.39
C LYS B 29 7.56 26.43 -34.94
N VAL B 30 6.90 27.22 -34.09
CA VAL B 30 5.74 27.98 -34.51
C VAL B 30 5.87 29.47 -34.30
N ALA B 31 5.27 30.24 -35.20
CA ALA B 31 5.27 31.69 -35.14
C ALA B 31 3.96 32.11 -34.50
N ILE B 32 4.04 32.85 -33.40
CA ILE B 32 2.85 33.29 -32.71
C ILE B 32 2.65 34.79 -32.85
N ASP B 33 1.42 35.24 -32.62
CA ASP B 33 1.09 36.66 -32.68
C ASP B 33 1.03 37.14 -31.25
N ALA B 34 2.16 37.62 -30.74
CA ALA B 34 2.24 38.10 -29.37
C ALA B 34 1.10 39.07 -29.05
N SER B 35 0.93 40.08 -29.89
CA SER B 35 -0.12 41.08 -29.72
C SER B 35 -1.41 40.39 -29.29
N MET B 36 -2.08 39.76 -30.26
CA MET B 36 -3.32 39.04 -29.98
C MET B 36 -3.17 38.13 -28.77
N SER B 37 -2.05 37.42 -28.71
CA SER B 37 -1.79 36.52 -27.59
C SER B 37 -1.88 37.28 -26.29
N ILE B 38 -1.01 38.27 -26.13
CA ILE B 38 -0.98 39.09 -24.93
C ILE B 38 -2.40 39.54 -24.60
N TYR B 39 -3.13 39.94 -25.63
CA TYR B 39 -4.51 40.38 -25.47
C TYR B 39 -5.39 39.27 -24.88
N GLN B 40 -5.34 38.10 -25.52
CA GLN B 40 -6.12 36.94 -25.11
C GLN B 40 -6.07 36.70 -23.60
N PHE B 41 -4.87 36.82 -23.04
CA PHE B 41 -4.65 36.60 -21.61
C PHE B 41 -5.39 37.63 -20.75
N LEU B 42 -5.36 38.89 -21.19
CA LEU B 42 -6.04 39.93 -20.44
C LEU B 42 -7.54 39.62 -20.43
N ILE B 43 -8.14 39.55 -21.62
CA ILE B 43 -9.56 39.26 -21.76
C ILE B 43 -9.85 37.78 -21.56
N THR B 59 -3.31 43.14 -12.78
CA THR B 59 -2.90 42.95 -14.16
C THR B 59 -1.51 42.31 -14.27
N THR B 60 -1.46 41.00 -14.04
CA THR B 60 -0.23 40.23 -14.12
C THR B 60 -0.46 39.16 -15.17
N SER B 61 -1.68 39.12 -15.69
CA SER B 61 -2.10 38.16 -16.70
C SER B 61 -1.30 38.25 -18.00
N HIS B 62 -1.05 39.47 -18.46
CA HIS B 62 -0.29 39.68 -19.69
C HIS B 62 1.03 38.93 -19.66
N LEU B 63 1.40 38.43 -18.49
CA LEU B 63 2.63 37.69 -18.34
C LEU B 63 2.40 36.31 -17.73
N MET B 64 1.37 36.19 -16.89
CA MET B 64 1.09 34.89 -16.28
C MET B 64 0.83 33.89 -17.39
N GLY B 65 -0.10 34.22 -18.28
CA GLY B 65 -0.41 33.35 -19.39
C GLY B 65 0.80 33.30 -20.30
N MET B 66 1.46 34.44 -20.44
CA MET B 66 2.64 34.52 -21.28
C MET B 66 3.68 33.59 -20.68
N PHE B 67 3.45 33.19 -19.44
CA PHE B 67 4.33 32.29 -18.71
C PHE B 67 3.83 30.87 -18.92
N TYR B 68 2.88 30.45 -18.09
CA TYR B 68 2.30 29.10 -18.15
C TYR B 68 2.20 28.53 -19.57
N ARG B 69 1.33 29.14 -20.39
CA ARG B 69 1.12 28.71 -21.77
C ARG B 69 2.41 28.38 -22.50
N THR B 70 3.36 29.31 -22.50
CA THR B 70 4.62 29.05 -23.19
C THR B 70 5.32 27.86 -22.57
N ILE B 71 5.01 27.57 -21.32
CA ILE B 71 5.62 26.41 -20.68
C ILE B 71 4.95 25.17 -21.26
N ARG B 72 3.62 25.19 -21.33
CA ARG B 72 2.89 24.07 -21.89
C ARG B 72 3.29 23.86 -23.35
N MET B 73 3.47 24.95 -24.08
CA MET B 73 3.87 24.85 -25.47
C MET B 73 5.26 24.22 -25.56
N MET B 74 6.04 24.39 -24.51
CA MET B 74 7.38 23.83 -24.47
C MET B 74 7.33 22.37 -24.06
N GLU B 75 6.58 22.12 -22.97
CA GLU B 75 6.40 20.78 -22.43
C GLU B 75 6.01 19.74 -23.47
N ASN B 76 5.35 20.17 -24.54
CA ASN B 76 4.92 19.25 -25.57
C ASN B 76 5.87 19.19 -26.76
N GLY B 77 7.01 19.85 -26.63
CA GLY B 77 7.98 19.80 -27.70
C GLY B 77 7.87 20.88 -28.74
N ILE B 78 6.89 21.75 -28.58
CA ILE B 78 6.68 22.85 -29.50
C ILE B 78 7.62 24.02 -29.18
N LYS B 79 8.41 24.45 -30.16
CA LYS B 79 9.34 25.56 -30.00
C LYS B 79 8.73 26.87 -30.53
N PRO B 80 8.26 27.76 -29.63
CA PRO B 80 7.65 29.05 -29.94
C PRO B 80 8.55 30.26 -30.19
N VAL B 81 8.02 31.17 -30.98
CA VAL B 81 8.69 32.42 -31.33
C VAL B 81 7.61 33.50 -31.35
N TYR B 82 7.51 34.25 -30.26
CA TYR B 82 6.51 35.30 -30.19
C TYR B 82 6.84 36.45 -31.14
N VAL B 83 5.79 37.05 -31.69
CA VAL B 83 5.98 38.13 -32.64
C VAL B 83 5.13 39.35 -32.28
N PHE B 84 5.73 40.53 -32.45
CA PHE B 84 5.07 41.78 -32.15
C PHE B 84 4.85 42.60 -33.42
N ASP B 85 3.87 43.50 -33.36
CA ASP B 85 3.54 44.35 -34.50
C ASP B 85 4.37 45.63 -34.44
N GLY B 86 4.58 46.26 -35.59
CA GLY B 86 5.35 47.49 -35.63
C GLY B 86 4.45 48.71 -35.85
N LYS B 87 4.58 49.32 -37.02
CA LYS B 87 3.78 50.49 -37.37
C LYS B 87 2.57 50.01 -38.18
N PRO B 88 1.39 49.96 -37.55
CA PRO B 88 0.17 49.51 -38.23
C PRO B 88 -0.10 50.20 -39.57
N PRO B 89 -0.76 49.49 -40.51
CA PRO B 89 -1.11 50.00 -41.85
C PRO B 89 -2.57 50.49 -41.88
N GLN B 90 -3.12 50.71 -43.08
CA GLN B 90 -4.50 51.20 -43.23
C GLN B 90 -5.62 50.18 -43.01
N LEU B 91 -5.90 49.88 -41.74
CA LEU B 91 -6.96 48.93 -41.39
C LEU B 91 -8.31 49.66 -41.29
N LYS B 92 -9.36 49.02 -41.79
CA LYS B 92 -10.71 49.57 -41.79
C LYS B 92 -11.04 50.37 -40.53
N SER B 93 -11.62 49.71 -39.53
CA SER B 93 -11.99 50.38 -38.29
C SER B 93 -10.77 51.04 -37.68
N GLY B 94 -9.59 50.63 -38.14
CA GLY B 94 -8.35 51.20 -37.64
C GLY B 94 -8.37 52.71 -37.67
N GLU B 95 -8.30 53.27 -38.88
CA GLU B 95 -8.33 54.71 -39.08
C GLU B 95 -9.76 55.20 -39.31
N LEU B 96 -10.65 54.86 -38.37
CA LEU B 96 -12.05 55.25 -38.45
C LEU B 96 -12.31 56.43 -37.53
N ALA B 97 -11.70 56.40 -36.36
CA ALA B 97 -11.85 57.50 -35.40
C ALA B 97 -11.12 58.71 -35.96
N LYS B 98 -10.18 58.47 -36.87
CA LYS B 98 -9.43 59.53 -37.50
C LYS B 98 -10.42 60.35 -38.33
N ARG B 99 -11.62 59.83 -38.50
CA ARG B 99 -12.67 60.51 -39.23
C ARG B 99 -13.44 61.37 -38.23
N SER B 100 -12.97 61.33 -37.00
CA SER B 100 -13.58 62.09 -35.90
C SER B 100 -12.62 63.20 -35.46
N GLU B 101 -11.32 62.93 -35.57
CA GLU B 101 -10.30 63.89 -35.19
C GLU B 101 -10.21 64.99 -36.25
N THR B 133 0.04 51.26 -22.40
CA THR B 133 0.35 51.06 -23.81
C THR B 133 1.31 49.88 -23.94
N LYS B 134 2.40 50.08 -24.68
CA LYS B 134 3.39 49.03 -24.87
C LYS B 134 4.02 48.71 -23.52
N GLN B 135 3.53 49.37 -22.48
CA GLN B 135 4.03 49.17 -21.13
C GLN B 135 3.90 47.70 -20.72
N HIS B 136 2.67 47.20 -20.66
CA HIS B 136 2.45 45.80 -20.31
C HIS B 136 2.78 44.89 -21.49
N ASN B 137 3.16 45.52 -22.60
CA ASN B 137 3.51 44.82 -23.82
C ASN B 137 4.97 44.37 -23.77
N ASP B 138 5.88 45.33 -23.57
CA ASP B 138 7.30 45.03 -23.49
C ASP B 138 7.62 44.31 -22.19
N GLU B 139 6.71 44.41 -21.21
CA GLU B 139 6.88 43.74 -19.94
C GLU B 139 6.88 42.24 -20.22
N CYS B 140 6.53 41.91 -21.46
CA CYS B 140 6.48 40.53 -21.93
C CYS B 140 7.74 40.23 -22.74
N LYS B 141 8.15 41.18 -23.58
CA LYS B 141 9.35 41.04 -24.40
C LYS B 141 10.55 40.80 -23.48
N HIS B 142 10.25 40.76 -22.18
CA HIS B 142 11.24 40.53 -21.14
C HIS B 142 11.08 39.13 -20.55
N LEU B 143 9.89 38.82 -20.05
CA LEU B 143 9.64 37.50 -19.47
C LEU B 143 10.05 36.41 -20.45
N LEU B 144 10.23 36.79 -21.73
CA LEU B 144 10.61 35.84 -22.76
C LEU B 144 12.11 35.53 -22.81
N SER B 145 12.91 36.53 -23.18
CA SER B 145 14.35 36.33 -23.26
C SER B 145 14.88 35.84 -21.91
N LEU B 146 14.08 36.05 -20.87
CA LEU B 146 14.44 35.61 -19.53
C LEU B 146 14.07 34.14 -19.34
N MET B 147 13.48 33.56 -20.38
CA MET B 147 13.06 32.15 -20.38
C MET B 147 13.79 31.49 -21.54
N GLY B 148 14.51 32.30 -22.31
CA GLY B 148 15.24 31.80 -23.45
C GLY B 148 14.32 31.57 -24.63
N ILE B 149 13.35 32.47 -24.79
CA ILE B 149 12.39 32.36 -25.87
C ILE B 149 12.52 33.55 -26.83
N PRO B 150 12.68 33.25 -28.12
CA PRO B 150 12.83 34.25 -29.17
C PRO B 150 11.69 35.29 -29.20
N TYR B 151 11.87 36.32 -30.03
CA TYR B 151 10.91 37.41 -30.22
C TYR B 151 11.39 38.20 -31.43
N LEU B 152 10.46 38.74 -32.21
CA LEU B 152 10.81 39.52 -33.39
C LEU B 152 9.89 40.72 -33.57
N ASP B 153 10.48 41.86 -33.95
CA ASP B 153 9.71 43.09 -34.15
C ASP B 153 9.30 43.19 -35.62
N ALA B 154 8.04 42.86 -35.89
CA ALA B 154 7.53 42.91 -37.24
C ALA B 154 7.49 44.34 -37.74
N PRO B 155 7.83 44.56 -39.02
CA PRO B 155 7.85 45.87 -39.68
C PRO B 155 6.47 46.52 -39.68
N SER B 156 5.45 45.72 -39.40
CA SER B 156 4.08 46.20 -39.37
C SER B 156 3.19 45.17 -38.69
N GLU B 157 2.43 44.45 -39.51
CA GLU B 157 1.53 43.43 -39.00
C GLU B 157 2.28 42.11 -38.82
N ALA B 158 2.32 41.63 -37.57
CA ALA B 158 3.00 40.38 -37.26
C ALA B 158 2.43 39.25 -38.11
N GLU B 159 1.12 39.02 -37.97
CA GLU B 159 0.44 37.97 -38.72
C GLU B 159 1.00 37.80 -40.12
N ALA B 160 1.27 38.93 -40.79
CA ALA B 160 1.83 38.88 -42.14
C ALA B 160 3.25 38.34 -42.06
N SER B 161 3.96 38.80 -41.04
CA SER B 161 5.35 38.38 -40.81
C SER B 161 5.35 36.89 -40.51
N CYS B 162 4.49 36.48 -39.60
CA CYS B 162 4.40 35.07 -39.24
C CYS B 162 4.30 34.29 -40.55
N ALA B 163 3.29 34.60 -41.35
CA ALA B 163 3.15 33.93 -42.64
C ALA B 163 4.49 34.00 -43.36
N ALA B 164 5.07 35.19 -43.42
CA ALA B 164 6.35 35.40 -44.09
C ALA B 164 7.33 34.28 -43.74
N LEU B 165 7.42 33.98 -42.44
CA LEU B 165 8.30 32.94 -41.96
C LEU B 165 7.85 31.59 -42.48
N VAL B 166 6.69 31.15 -42.00
CA VAL B 166 6.12 29.87 -42.40
C VAL B 166 6.40 29.50 -43.86
N LYS B 167 6.27 30.47 -44.76
CA LYS B 167 6.49 30.24 -46.18
C LYS B 167 7.97 30.44 -46.52
N ALA B 168 8.84 30.05 -45.60
CA ALA B 168 10.28 30.16 -45.79
C ALA B 168 10.99 29.02 -45.06
N GLY B 169 10.19 28.09 -44.53
CA GLY B 169 10.73 26.94 -43.82
C GLY B 169 11.30 27.27 -42.45
N LYS B 170 11.36 28.56 -42.14
CA LYS B 170 11.90 29.05 -40.88
C LYS B 170 11.05 28.67 -39.68
N VAL B 171 9.82 28.26 -39.93
CA VAL B 171 8.93 27.86 -38.86
C VAL B 171 7.86 26.92 -39.46
N TYR B 172 7.18 26.16 -38.61
CA TYR B 172 6.18 25.19 -39.12
C TYR B 172 4.86 25.80 -39.54
N ALA B 173 4.18 26.39 -38.58
CA ALA B 173 2.90 27.02 -38.81
C ALA B 173 2.88 28.36 -38.07
N ALA B 174 1.81 29.11 -38.27
CA ALA B 174 1.65 30.39 -37.62
C ALA B 174 0.49 30.16 -36.64
N ALA B 175 0.63 30.65 -35.41
CA ALA B 175 -0.44 30.46 -34.42
C ALA B 175 -1.12 31.77 -34.01
N THR B 176 -2.34 31.97 -34.52
CA THR B 176 -3.15 33.15 -34.24
C THR B 176 -4.56 32.65 -34.13
N GLU B 177 -5.51 33.57 -33.94
CA GLU B 177 -6.90 33.19 -33.87
C GLU B 177 -7.58 33.75 -35.10
N ASP B 178 -6.90 34.64 -35.80
CA ASP B 178 -7.43 35.26 -37.00
C ASP B 178 -6.94 34.58 -38.27
N MET B 179 -7.89 34.12 -39.07
CA MET B 179 -7.58 33.44 -40.31
C MET B 179 -6.71 34.26 -41.29
N ASP B 180 -6.49 35.54 -40.98
CA ASP B 180 -5.68 36.41 -41.82
C ASP B 180 -4.48 35.65 -42.39
N CYS B 181 -3.66 35.09 -41.51
CA CYS B 181 -2.48 34.36 -41.93
C CYS B 181 -2.67 33.58 -43.21
N LEU B 182 -3.82 32.95 -43.36
CA LEU B 182 -4.08 32.17 -44.56
C LEU B 182 -4.12 33.10 -45.76
N THR B 183 -4.77 34.24 -45.58
CA THR B 183 -4.89 35.20 -46.64
C THR B 183 -3.49 35.66 -47.06
N PHE B 184 -2.65 35.96 -46.07
CA PHE B 184 -1.28 36.42 -46.30
C PHE B 184 -0.38 35.40 -46.99
N GLY B 185 -0.94 34.24 -47.33
CA GLY B 185 -0.16 33.22 -48.01
C GLY B 185 0.47 32.13 -47.16
N SER B 186 0.25 32.17 -45.84
CA SER B 186 0.80 31.16 -44.93
C SER B 186 0.24 29.77 -45.24
N PRO B 187 1.12 28.77 -45.38
CA PRO B 187 0.68 27.40 -45.67
C PRO B 187 0.01 26.65 -44.54
N VAL B 188 0.44 26.92 -43.32
CA VAL B 188 -0.12 26.25 -42.16
C VAL B 188 -0.45 27.26 -41.06
N LEU B 189 -1.68 27.19 -40.55
CA LEU B 189 -2.11 28.05 -39.46
C LEU B 189 -2.66 27.17 -38.33
N MET B 190 -2.20 27.41 -37.10
CA MET B 190 -2.65 26.62 -35.94
C MET B 190 -3.44 27.49 -34.99
N ARG B 191 -4.66 27.07 -34.69
CA ARG B 191 -5.50 27.84 -33.77
C ARG B 191 -5.70 27.15 -32.44
N HIS B 192 -5.76 27.95 -31.38
CA HIS B 192 -5.97 27.48 -30.00
C HIS B 192 -4.69 27.06 -29.28
N LEU B 193 -3.54 27.21 -29.93
CA LEU B 193 -2.26 26.83 -29.31
C LEU B 193 -1.93 27.69 -28.11
N THR B 194 -2.76 28.68 -27.82
CA THR B 194 -2.51 29.55 -26.69
C THR B 194 -3.66 29.51 -25.71
N ALA B 195 -4.55 28.55 -25.91
CA ALA B 195 -5.72 28.38 -25.04
C ALA B 195 -5.32 27.90 -23.65
N SER B 196 -6.21 28.09 -22.70
CA SER B 196 -5.96 27.68 -21.32
C SER B 196 -5.84 26.18 -21.18
N GLU B 197 -4.97 25.75 -20.27
CA GLU B 197 -4.75 24.33 -20.00
C GLU B 197 -6.11 23.68 -19.70
N ALA B 198 -6.99 24.47 -19.10
CA ALA B 198 -8.33 24.02 -18.75
C ALA B 198 -9.07 23.70 -20.04
N LYS B 199 -9.59 24.74 -20.68
CA LYS B 199 -10.32 24.59 -21.94
C LYS B 199 -9.62 23.50 -22.72
N LYS B 200 -10.13 22.28 -22.59
CA LYS B 200 -9.52 21.12 -23.23
C LYS B 200 -9.60 21.11 -24.75
N LEU B 201 -9.67 22.30 -25.33
CA LEU B 201 -9.75 22.44 -26.77
C LEU B 201 -8.47 21.99 -27.47
N PRO B 202 -8.61 21.15 -28.51
CA PRO B 202 -7.47 20.64 -29.30
C PRO B 202 -7.05 21.77 -30.21
N ILE B 203 -5.87 21.68 -30.81
CA ILE B 203 -5.49 22.76 -31.71
C ILE B 203 -6.12 22.50 -33.09
N GLN B 204 -6.49 23.56 -33.79
CA GLN B 204 -7.11 23.45 -35.09
C GLN B 204 -6.13 23.82 -36.20
N GLU B 205 -5.76 22.87 -37.05
CA GLU B 205 -4.82 23.18 -38.13
C GLU B 205 -5.53 23.50 -39.44
N PHE B 206 -4.90 24.35 -40.23
CA PHE B 206 -5.43 24.76 -41.52
C PHE B 206 -4.33 24.69 -42.55
N HIS B 207 -4.64 24.09 -43.69
CA HIS B 207 -3.67 24.00 -44.77
C HIS B 207 -4.14 24.79 -45.95
N LEU B 208 -3.43 25.89 -46.19
CA LEU B 208 -3.73 26.81 -47.28
C LEU B 208 -3.77 26.08 -48.63
N SER B 209 -2.74 25.27 -48.88
CA SER B 209 -2.60 24.51 -50.11
C SER B 209 -3.69 23.47 -50.33
N ARG B 210 -4.57 23.31 -49.34
CA ARG B 210 -5.67 22.36 -49.43
C ARG B 210 -6.92 23.20 -49.68
N ILE B 211 -6.92 24.38 -49.08
CA ILE B 211 -8.01 25.32 -49.26
C ILE B 211 -7.99 25.68 -50.74
N LEU B 212 -6.86 26.23 -51.17
CA LEU B 212 -6.68 26.61 -52.57
C LEU B 212 -7.09 25.43 -53.46
N GLN B 213 -6.77 24.23 -53.02
CA GLN B 213 -7.09 23.02 -53.76
C GLN B 213 -8.57 22.90 -54.08
N GLU B 214 -9.40 22.81 -53.04
CA GLU B 214 -10.84 22.68 -53.21
C GLU B 214 -11.48 23.86 -53.93
N LEU B 215 -11.32 25.06 -53.37
CA LEU B 215 -11.87 26.26 -53.97
C LEU B 215 -11.36 26.52 -55.37
N GLY B 216 -10.54 25.59 -55.89
CA GLY B 216 -10.00 25.74 -57.22
C GLY B 216 -9.57 27.15 -57.60
N LEU B 217 -8.79 27.80 -56.75
CA LEU B 217 -8.36 29.16 -57.04
C LEU B 217 -7.02 29.52 -56.43
N ASN B 218 -6.20 30.25 -57.18
CA ASN B 218 -4.89 30.66 -56.73
C ASN B 218 -5.02 31.48 -55.45
N GLN B 219 -3.89 31.74 -54.81
CA GLN B 219 -3.85 32.52 -53.58
C GLN B 219 -4.58 33.81 -53.82
N GLU B 220 -4.14 34.56 -54.83
CA GLU B 220 -4.76 35.84 -55.17
C GLU B 220 -6.26 35.66 -55.30
N GLN B 221 -6.67 34.66 -56.07
CA GLN B 221 -8.08 34.41 -56.24
C GLN B 221 -8.74 34.18 -54.88
N PHE B 222 -7.97 33.61 -53.96
CA PHE B 222 -8.44 33.35 -52.60
C PHE B 222 -8.52 34.68 -51.86
N VAL B 223 -7.56 35.56 -52.11
CA VAL B 223 -7.54 36.86 -51.47
C VAL B 223 -8.88 37.57 -51.67
N ASP B 224 -9.27 37.75 -52.93
CA ASP B 224 -10.54 38.41 -53.20
C ASP B 224 -11.67 37.79 -52.38
N LEU B 225 -11.69 36.47 -52.28
CA LEU B 225 -12.73 35.79 -51.51
C LEU B 225 -12.76 36.29 -50.08
N CYS B 226 -11.59 36.35 -49.44
CA CYS B 226 -11.52 36.81 -48.06
C CYS B 226 -12.07 38.22 -47.94
N ILE B 227 -11.75 39.06 -48.91
CA ILE B 227 -12.23 40.44 -48.91
C ILE B 227 -13.75 40.47 -48.95
N LEU B 228 -14.33 39.79 -49.94
CA LEU B 228 -15.77 39.76 -50.08
C LEU B 228 -16.41 38.97 -48.95
N LEU B 229 -15.59 38.29 -48.15
CA LEU B 229 -16.12 37.50 -47.04
C LEU B 229 -16.21 38.40 -45.81
N GLY B 230 -15.33 39.39 -45.75
CA GLY B 230 -15.35 40.30 -44.62
C GLY B 230 -13.96 40.59 -44.06
N SER B 231 -13.18 41.36 -44.82
CA SER B 231 -11.82 41.71 -44.40
C SER B 231 -11.87 42.80 -43.33
N ASP B 232 -10.85 42.82 -42.49
CA ASP B 232 -10.77 43.84 -41.44
C ASP B 232 -9.96 45.02 -41.96
N TYR B 233 -9.73 45.06 -43.27
CA TYR B 233 -8.98 46.14 -43.90
C TYR B 233 -9.92 47.05 -44.66
N CYS B 234 -10.91 46.46 -45.34
CA CYS B 234 -11.88 47.25 -46.08
C CYS B 234 -13.28 46.65 -46.01
N GLU B 235 -14.28 47.50 -46.22
CA GLU B 235 -15.69 47.13 -46.19
C GLU B 235 -16.00 46.09 -47.25
N SER B 236 -16.75 45.05 -46.88
CA SER B 236 -17.10 44.02 -47.86
C SER B 236 -18.26 44.54 -48.69
N ILE B 237 -18.86 43.68 -49.49
CA ILE B 237 -20.00 44.11 -50.32
C ILE B 237 -21.31 43.49 -49.86
N ARG B 238 -22.17 44.33 -49.27
CA ARG B 238 -23.48 43.92 -48.76
C ARG B 238 -24.18 42.86 -49.60
N GLY B 239 -23.83 42.81 -50.88
CA GLY B 239 -24.44 41.84 -51.76
C GLY B 239 -24.17 40.40 -51.41
N ILE B 240 -23.10 39.84 -51.97
CA ILE B 240 -22.71 38.45 -51.77
C ILE B 240 -22.72 37.86 -50.35
N GLY B 241 -23.09 36.59 -50.26
CA GLY B 241 -23.13 35.91 -48.98
C GLY B 241 -21.89 35.05 -48.83
N PRO B 242 -21.65 34.44 -47.65
CA PRO B 242 -20.47 33.60 -47.44
C PRO B 242 -20.25 32.62 -48.58
N LYS B 243 -21.20 31.70 -48.73
CA LYS B 243 -21.13 30.69 -49.77
C LYS B 243 -21.27 31.31 -51.15
N ARG B 244 -22.07 32.35 -51.24
CA ARG B 244 -22.30 33.03 -52.50
C ARG B 244 -21.00 33.64 -53.02
N ALA B 245 -20.32 34.38 -52.15
CA ALA B 245 -19.05 35.04 -52.48
C ALA B 245 -18.04 34.08 -53.11
N VAL B 246 -18.05 32.83 -52.68
CA VAL B 246 -17.14 31.85 -53.24
C VAL B 246 -17.44 31.70 -54.72
N ASP B 247 -18.59 31.10 -55.02
CA ASP B 247 -19.03 30.86 -56.38
C ASP B 247 -18.64 31.95 -57.37
N LEU B 248 -19.02 33.19 -57.09
CA LEU B 248 -18.67 34.29 -57.98
C LEU B 248 -17.19 34.25 -58.31
N ILE B 249 -16.37 34.25 -57.28
CA ILE B 249 -14.92 34.22 -57.46
C ILE B 249 -14.49 33.01 -58.30
N GLN B 250 -15.27 31.93 -58.23
CA GLN B 250 -14.96 30.72 -58.97
C GLN B 250 -15.01 30.85 -60.48
N LYS B 251 -15.89 31.71 -60.99
CA LYS B 251 -15.98 31.90 -62.43
C LYS B 251 -15.67 33.35 -62.81
N HIS B 252 -15.07 34.05 -61.87
CA HIS B 252 -14.66 35.45 -62.02
C HIS B 252 -13.43 35.56 -61.12
N LYS B 253 -12.25 35.26 -61.67
CA LYS B 253 -11.00 35.29 -60.91
C LYS B 253 -10.60 36.65 -60.36
N SER B 254 -11.58 37.44 -59.93
CA SER B 254 -11.33 38.76 -59.36
C SER B 254 -12.63 39.49 -59.07
N ILE B 255 -12.59 40.40 -58.10
CA ILE B 255 -13.77 41.18 -57.76
C ILE B 255 -13.97 42.17 -58.90
N GLU B 256 -12.86 42.64 -59.47
CA GLU B 256 -12.89 43.60 -60.56
C GLU B 256 -13.78 43.12 -61.69
N GLU B 257 -13.89 41.81 -61.83
CA GLU B 257 -14.72 41.21 -62.87
C GLU B 257 -16.09 40.88 -62.30
N ILE B 258 -16.14 40.66 -60.99
CA ILE B 258 -17.38 40.34 -60.32
C ILE B 258 -18.30 41.57 -60.28
N VAL B 259 -17.69 42.74 -60.07
CA VAL B 259 -18.45 43.97 -60.02
C VAL B 259 -19.12 44.31 -61.34
N ARG B 260 -18.31 44.50 -62.38
CA ARG B 260 -18.85 44.84 -63.69
C ARG B 260 -19.98 43.92 -64.14
N ARG B 261 -20.03 42.71 -63.57
CA ARG B 261 -21.11 41.79 -63.92
C ARG B 261 -22.37 42.21 -63.16
N LEU B 262 -22.61 41.64 -61.99
CA LEU B 262 -23.79 42.03 -61.20
C LEU B 262 -23.62 43.53 -60.97
N ASP B 263 -24.63 44.31 -61.34
CA ASP B 263 -24.52 45.76 -61.21
C ASP B 263 -25.78 46.52 -60.74
N PRO B 264 -26.95 45.85 -60.72
CA PRO B 264 -28.14 46.59 -60.27
C PRO B 264 -28.00 47.28 -58.93
N ASN B 265 -28.95 48.17 -58.63
CA ASN B 265 -28.97 48.89 -57.37
C ASN B 265 -29.47 47.89 -56.32
N LYS B 266 -29.42 46.61 -56.69
CA LYS B 266 -29.84 45.51 -55.83
C LYS B 266 -28.61 44.87 -55.16
N TYR B 267 -27.44 45.21 -55.68
CA TYR B 267 -26.17 44.71 -55.17
C TYR B 267 -25.10 45.78 -55.43
N PRO B 268 -25.21 46.94 -54.77
CA PRO B 268 -24.29 48.08 -54.91
C PRO B 268 -22.92 47.83 -54.29
N VAL B 269 -21.88 48.39 -54.89
CA VAL B 269 -20.53 48.24 -54.38
C VAL B 269 -20.20 49.38 -53.42
N PRO B 270 -19.60 49.05 -52.26
CA PRO B 270 -19.21 49.98 -51.21
C PRO B 270 -18.84 51.40 -51.58
N GLU B 271 -18.83 52.24 -50.55
CA GLU B 271 -18.49 53.66 -50.65
C GLU B 271 -17.08 53.81 -51.21
N ASN B 272 -16.12 54.02 -50.31
CA ASN B 272 -14.72 54.14 -50.70
C ASN B 272 -14.15 52.74 -50.63
N TRP B 273 -14.44 51.95 -51.66
CA TRP B 273 -13.99 50.57 -51.71
C TRP B 273 -12.56 50.45 -52.20
N LEU B 274 -11.68 50.05 -51.29
CA LEU B 274 -10.27 49.87 -51.61
C LEU B 274 -10.05 48.39 -51.89
N HIS B 275 -11.00 47.76 -52.57
CA HIS B 275 -10.91 46.35 -52.89
C HIS B 275 -9.59 46.05 -53.56
N LYS B 276 -8.86 47.10 -53.89
CA LYS B 276 -7.56 46.98 -54.54
C LYS B 276 -6.43 47.05 -53.50
N GLU B 277 -6.28 48.22 -52.87
CA GLU B 277 -5.25 48.42 -51.85
C GLU B 277 -5.08 47.20 -50.97
N ALA B 278 -6.21 46.66 -50.53
CA ALA B 278 -6.26 45.48 -49.65
C ALA B 278 -5.67 44.27 -50.34
N HIS B 279 -6.28 43.90 -51.47
CA HIS B 279 -5.83 42.75 -52.24
C HIS B 279 -4.30 42.75 -52.34
N GLN B 280 -3.71 43.94 -52.23
CA GLN B 280 -2.26 44.09 -52.32
C GLN B 280 -1.61 43.67 -51.01
N LEU B 281 -2.04 44.28 -49.92
CA LEU B 281 -1.50 43.97 -48.61
C LEU B 281 -1.44 42.46 -48.38
N PHE B 282 -2.57 41.79 -48.58
CA PHE B 282 -2.64 40.34 -48.41
C PHE B 282 -1.60 39.63 -49.26
N LEU B 283 -1.12 40.32 -50.29
CA LEU B 283 -0.11 39.75 -51.17
C LEU B 283 1.27 40.13 -50.71
N GLU B 284 1.67 41.36 -50.97
CA GLU B 284 3.00 41.79 -50.56
C GLU B 284 2.91 42.69 -49.33
N PRO B 285 2.92 42.10 -48.14
CA PRO B 285 2.84 42.94 -46.94
C PRO B 285 4.18 43.55 -46.58
N GLU B 286 4.25 44.05 -45.36
CA GLU B 286 5.45 44.65 -44.80
C GLU B 286 5.92 43.66 -43.75
N VAL B 287 6.96 42.90 -44.09
CA VAL B 287 7.46 41.88 -43.17
C VAL B 287 8.97 41.74 -43.17
N LEU B 288 9.53 41.53 -41.99
CA LEU B 288 10.96 41.35 -41.83
C LEU B 288 11.36 40.11 -42.61
N ASP B 289 12.41 40.21 -43.42
CA ASP B 289 12.86 39.08 -44.21
C ASP B 289 12.97 37.83 -43.34
N PRO B 290 12.60 36.67 -43.89
CA PRO B 290 12.69 35.43 -43.11
C PRO B 290 14.13 35.13 -42.70
N GLU B 291 15.01 34.98 -43.68
CA GLU B 291 16.42 34.67 -43.44
C GLU B 291 17.14 35.70 -42.57
N SER B 292 16.63 36.92 -42.51
CA SER B 292 17.24 37.99 -41.74
C SER B 292 17.83 37.56 -40.39
N VAL B 293 17.23 36.56 -39.75
CA VAL B 293 17.72 36.09 -38.46
C VAL B 293 17.44 34.61 -38.18
N GLU B 294 18.14 34.05 -37.20
CA GLU B 294 17.99 32.66 -36.81
C GLU B 294 17.60 32.63 -35.33
N LEU B 295 16.40 32.14 -35.05
CA LEU B 295 15.90 32.06 -33.67
C LEU B 295 16.59 30.94 -32.92
N LYS B 296 16.97 31.20 -31.67
CA LYS B 296 17.65 30.20 -30.86
C LYS B 296 17.09 30.18 -29.45
N TRP B 297 16.46 29.07 -29.09
CA TRP B 297 15.87 28.90 -27.76
C TRP B 297 16.98 28.71 -26.72
N SER B 298 17.09 29.67 -25.81
CA SER B 298 18.09 29.66 -24.77
C SER B 298 17.60 28.96 -23.52
N GLU B 299 18.48 28.88 -22.54
CA GLU B 299 18.15 28.25 -21.26
C GLU B 299 17.56 29.29 -20.33
N PRO B 300 16.48 28.94 -19.62
CA PRO B 300 15.84 29.88 -18.70
C PRO B 300 16.72 30.20 -17.49
N ASN B 301 16.73 31.46 -17.10
CA ASN B 301 17.53 31.90 -15.96
C ASN B 301 16.67 32.00 -14.69
N GLU B 302 16.56 30.88 -13.98
CA GLU B 302 15.76 30.78 -12.75
C GLU B 302 15.76 32.02 -11.85
N GLU B 303 16.92 32.38 -11.32
CA GLU B 303 17.03 33.54 -10.43
C GLU B 303 16.63 34.84 -11.10
N GLU B 304 17.52 35.37 -11.94
CA GLU B 304 17.29 36.62 -12.64
C GLU B 304 15.83 36.82 -13.00
N LEU B 305 15.14 35.74 -13.36
CA LEU B 305 13.73 35.81 -13.72
C LEU B 305 12.82 35.78 -12.49
N ILE B 306 13.01 34.77 -11.65
CA ILE B 306 12.21 34.62 -10.44
C ILE B 306 12.41 35.82 -9.52
N LYS B 307 13.48 36.57 -9.79
CA LYS B 307 13.81 37.75 -9.02
C LYS B 307 13.25 38.96 -9.76
N PHE B 308 12.43 38.67 -10.77
CA PHE B 308 11.78 39.69 -11.59
C PHE B 308 10.35 39.24 -11.86
N MET B 309 9.86 38.33 -11.03
CA MET B 309 8.51 37.81 -11.16
C MET B 309 7.83 37.72 -9.79
N CYS B 310 8.06 36.62 -9.07
CA CYS B 310 7.48 36.43 -7.75
C CYS B 310 7.84 37.57 -6.81
N GLY B 311 8.91 38.27 -7.13
CA GLY B 311 9.34 39.38 -6.31
C GLY B 311 8.79 40.70 -6.82
N GLU B 312 9.38 41.19 -7.90
CA GLU B 312 8.97 42.47 -8.48
C GLU B 312 7.51 42.55 -8.93
N LYS B 313 6.86 41.42 -9.12
CA LYS B 313 5.46 41.42 -9.55
C LYS B 313 4.55 40.60 -8.63
N GLN B 314 5.12 40.14 -7.53
CA GLN B 314 4.43 39.34 -6.52
C GLN B 314 3.46 38.26 -7.02
N PHE B 315 3.83 37.01 -6.78
CA PHE B 315 3.01 35.87 -7.16
C PHE B 315 3.59 34.58 -6.57
N SER B 316 2.69 33.70 -6.13
CA SER B 316 3.06 32.42 -5.53
C SER B 316 4.41 31.89 -5.99
N GLU B 317 5.38 31.93 -5.08
CA GLU B 317 6.73 31.47 -5.41
C GLU B 317 6.78 29.99 -5.74
N GLU B 318 6.31 29.16 -4.82
CA GLU B 318 6.33 27.71 -5.03
C GLU B 318 6.07 27.31 -6.48
N ARG B 319 5.08 27.93 -7.10
CA ARG B 319 4.71 27.62 -8.48
C ARG B 319 5.70 28.10 -9.55
N ILE B 320 5.88 29.41 -9.67
CA ILE B 320 6.79 29.96 -10.67
C ILE B 320 8.21 29.39 -10.55
N ARG B 321 8.45 28.60 -9.52
CA ARG B 321 9.74 27.96 -9.31
C ARG B 321 9.68 26.60 -10.00
N SER B 322 8.66 25.80 -9.65
CA SER B 322 8.47 24.49 -10.26
C SER B 322 8.24 24.72 -11.75
N GLY B 323 7.73 25.89 -12.07
CA GLY B 323 7.48 26.25 -13.46
C GLY B 323 8.80 26.36 -14.18
N VAL B 324 9.61 27.35 -13.79
CA VAL B 324 10.92 27.53 -14.43
C VAL B 324 11.66 26.21 -14.48
N LYS B 325 11.36 25.35 -13.51
CA LYS B 325 11.98 24.03 -13.45
C LYS B 325 11.53 23.20 -14.65
N ARG B 326 10.22 23.12 -14.85
CA ARG B 326 9.64 22.37 -15.94
C ARG B 326 10.11 22.88 -17.30
N LEU B 327 10.09 24.20 -17.49
CA LEU B 327 10.55 24.79 -18.75
C LEU B 327 11.96 24.30 -19.04
N SER B 328 12.81 24.33 -18.02
CA SER B 328 14.20 23.90 -18.16
C SER B 328 14.31 22.44 -18.56
N LYS B 329 13.35 21.63 -18.12
CA LYS B 329 13.36 20.21 -18.45
C LYS B 329 13.06 19.95 -19.94
N SER B 330 11.92 20.47 -20.38
CA SER B 330 11.47 20.34 -21.76
C SER B 330 12.60 20.58 -22.74
N ARG B 331 13.58 21.36 -22.32
CA ARG B 331 14.71 21.67 -23.18
C ARG B 331 15.46 20.41 -23.60
N GLN B 332 15.48 19.41 -22.73
CA GLN B 332 16.16 18.15 -23.00
C GLN B 332 15.95 17.65 -24.44
N GLY B 333 14.70 17.32 -24.75
CA GLY B 333 14.38 16.81 -26.08
C GLY B 333 14.32 17.85 -27.18
N SER B 334 15.18 18.86 -27.10
CA SER B 334 15.21 19.92 -28.11
C SER B 334 16.19 19.55 -29.23
N THR B 335 16.34 18.25 -29.45
CA THR B 335 17.23 17.72 -30.46
C THR B 335 16.51 16.55 -31.13
N GLN B 336 15.49 16.06 -30.43
CA GLN B 336 14.67 14.95 -30.87
C GLN B 336 13.84 15.31 -32.11
N GLY B 337 14.22 14.75 -33.26
CA GLY B 337 13.51 15.00 -34.50
C GLY B 337 12.18 14.26 -34.58
N ARG B 338 11.41 14.54 -35.63
CA ARG B 338 10.11 13.89 -35.82
C ARG B 338 10.23 12.87 -36.95
N LEU B 339 9.28 11.96 -37.03
CA LEU B 339 9.35 10.97 -38.11
C LEU B 339 9.05 11.70 -39.42
N ASP B 340 8.21 12.72 -39.33
CA ASP B 340 7.87 13.54 -40.48
C ASP B 340 9.17 13.93 -41.15
N ASP B 341 10.13 14.37 -40.35
CA ASP B 341 11.45 14.80 -40.82
C ASP B 341 12.11 13.81 -41.77
N PHE B 342 11.61 12.58 -41.83
CA PHE B 342 12.23 11.60 -42.71
C PHE B 342 11.28 10.77 -43.59
N PHE B 343 10.01 10.64 -43.20
CA PHE B 343 9.06 9.85 -44.00
C PHE B 343 7.84 10.69 -44.38
N LYS B 344 7.48 10.67 -45.66
CA LYS B 344 6.33 11.41 -46.18
C LYS B 344 5.06 10.86 -45.56
N VAL B 345 4.13 11.73 -45.19
CA VAL B 345 2.89 11.25 -44.59
C VAL B 345 1.96 10.66 -45.64
N THR B 346 1.69 9.36 -45.50
CA THR B 346 0.83 8.61 -46.39
C THR B 346 -0.65 9.06 -46.39
N GLY B 347 -1.22 9.31 -45.22
CA GLY B 347 -2.61 9.70 -45.18
C GLY B 347 -3.28 9.28 -43.89
N SER B 348 -4.40 8.56 -43.98
CA SER B 348 -5.09 8.13 -42.77
C SER B 348 -5.97 6.92 -43.00
N LEU B 349 -5.79 5.93 -42.14
CA LEU B 349 -6.56 4.70 -42.19
C LEU B 349 -7.72 4.94 -41.25
N SER B 350 -8.95 4.83 -41.74
CA SER B 350 -10.10 5.06 -40.88
C SER B 350 -10.88 3.79 -40.66
N SER B 351 -11.15 3.47 -39.40
CA SER B 351 -11.90 2.27 -39.06
C SER B 351 -13.21 2.21 -39.85
N ALA B 352 -13.60 1.00 -40.22
CA ALA B 352 -14.83 0.80 -40.97
C ALA B 352 -16.02 1.22 -40.12
N LYS B 353 -16.96 1.94 -40.74
CA LYS B 353 -18.14 2.39 -40.02
C LYS B 353 -18.93 1.23 -39.43
N ARG B 354 -19.00 1.21 -38.11
CA ARG B 354 -19.70 0.16 -37.39
C ARG B 354 -21.20 0.19 -37.65
N LYS B 355 -21.77 -0.97 -37.93
CA LYS B 355 -23.19 -1.09 -38.19
C LYS B 355 -23.94 -0.65 -36.92
N GLU B 356 -25.19 -1.07 -36.79
CA GLU B 356 -25.97 -0.72 -35.61
C GLU B 356 -26.17 -1.97 -34.75
N PRO B 357 -26.65 -1.79 -33.50
CA PRO B 357 -26.89 -2.90 -32.58
C PRO B 357 -27.56 -4.10 -33.24
N GLU B 358 -26.77 -4.88 -33.96
CA GLU B 358 -27.27 -6.07 -34.65
C GLU B 358 -27.38 -7.21 -33.65
N GLY C 1 -52.44 -2.01 18.68
CA GLY C 1 -51.03 -2.35 19.04
C GLY C 1 -50.94 -2.88 20.45
N ILE C 2 -49.75 -2.74 21.05
CA ILE C 2 -49.52 -3.19 22.43
C ILE C 2 -48.69 -2.14 23.16
N GLN C 3 -49.37 -1.29 23.93
CA GLN C 3 -48.69 -0.22 24.65
C GLN C 3 -47.60 -0.71 25.58
N GLY C 4 -46.58 0.12 25.78
CA GLY C 4 -45.48 -0.23 26.66
C GLY C 4 -44.47 -1.16 26.02
N LEU C 5 -44.97 -2.08 25.21
CA LEU C 5 -44.17 -3.09 24.51
C LEU C 5 -42.81 -2.59 24.00
N ALA C 6 -42.84 -1.54 23.19
CA ALA C 6 -41.64 -0.97 22.62
C ALA C 6 -40.66 -0.56 23.72
N LYS C 7 -41.18 0.14 24.72
CA LYS C 7 -40.37 0.60 25.84
C LYS C 7 -39.76 -0.59 26.59
N LEU C 8 -40.61 -1.47 27.07
CA LEU C 8 -40.16 -2.65 27.82
C LEU C 8 -38.97 -3.29 27.11
N ILE C 9 -39.20 -3.80 25.91
CA ILE C 9 -38.14 -4.43 25.15
C ILE C 9 -36.94 -3.52 25.06
N ALA C 10 -37.22 -2.24 24.83
CA ALA C 10 -36.18 -1.23 24.75
C ALA C 10 -35.36 -1.23 26.03
N ASP C 11 -36.05 -1.21 27.16
CA ASP C 11 -35.41 -1.19 28.46
C ASP C 11 -34.86 -2.56 28.88
N VAL C 12 -35.78 -3.47 29.22
CA VAL C 12 -35.42 -4.82 29.65
C VAL C 12 -34.23 -5.40 28.90
N ALA C 13 -34.41 -5.66 27.60
CA ALA C 13 -33.34 -6.22 26.79
C ALA C 13 -33.28 -5.62 25.38
N PRO C 14 -32.40 -4.64 25.17
CA PRO C 14 -32.24 -3.98 23.87
C PRO C 14 -31.51 -4.86 22.86
N SER C 15 -31.10 -6.04 23.30
CA SER C 15 -30.37 -6.96 22.44
C SER C 15 -31.10 -7.32 21.14
N ALA C 16 -32.40 -7.59 21.24
CA ALA C 16 -33.18 -7.95 20.06
C ALA C 16 -33.44 -6.77 19.11
N ILE C 17 -33.09 -5.57 19.54
CA ILE C 17 -33.31 -4.37 18.73
C ILE C 17 -32.10 -3.79 18.04
N ARG C 18 -32.00 -4.07 16.75
CA ARG C 18 -30.91 -3.59 15.92
C ARG C 18 -31.34 -2.28 15.29
N GLU C 19 -30.36 -1.47 14.90
CA GLU C 19 -30.60 -0.18 14.27
C GLU C 19 -30.05 -0.18 12.85
N ASN C 20 -30.43 -1.17 12.06
CA ASN C 20 -29.93 -1.24 10.69
C ASN C 20 -30.38 -0.10 9.80
N ASP C 21 -29.82 -0.06 8.60
CA ASP C 21 -30.13 0.96 7.62
C ASP C 21 -30.68 0.33 6.33
N ILE C 22 -31.59 1.05 5.69
CA ILE C 22 -32.24 0.61 4.47
C ILE C 22 -31.30 -0.05 3.47
N LYS C 23 -30.20 0.63 3.17
CA LYS C 23 -29.22 0.11 2.22
C LYS C 23 -29.03 -1.39 2.39
N SER C 24 -28.84 -1.78 3.65
CA SER C 24 -28.60 -3.17 4.03
C SER C 24 -29.78 -4.13 3.97
N TYR C 25 -30.86 -3.74 3.31
CA TYR C 25 -31.99 -4.64 3.24
C TYR C 25 -32.22 -5.16 1.82
N PHE C 26 -31.23 -4.91 0.95
CA PHE C 26 -31.29 -5.35 -0.45
C PHE C 26 -31.66 -6.82 -0.61
N GLY C 27 -32.22 -7.14 -1.76
CA GLY C 27 -32.62 -8.51 -2.02
C GLY C 27 -33.47 -9.10 -0.92
N ARG C 28 -34.10 -8.26 -0.11
CA ARG C 28 -34.97 -8.76 0.96
C ARG C 28 -36.44 -8.42 0.75
N LYS C 29 -37.28 -9.44 0.73
CA LYS C 29 -38.72 -9.24 0.56
C LYS C 29 -39.34 -8.81 1.90
N VAL C 30 -40.46 -8.08 1.82
CA VAL C 30 -41.14 -7.60 3.03
C VAL C 30 -42.63 -7.44 2.82
N ALA C 31 -43.38 -7.76 3.88
CA ALA C 31 -44.83 -7.64 3.86
C ALA C 31 -45.17 -6.38 4.64
N ILE C 32 -45.63 -5.37 3.93
CA ILE C 32 -45.97 -4.09 4.52
C ILE C 32 -47.45 -3.99 4.86
N ASP C 33 -47.75 -3.30 5.96
CA ASP C 33 -49.13 -3.10 6.40
C ASP C 33 -49.72 -1.95 5.59
N ALA C 34 -50.40 -2.29 4.50
CA ALA C 34 -51.00 -1.29 3.63
C ALA C 34 -51.80 -0.25 4.40
N SER C 35 -52.51 -0.72 5.42
CA SER C 35 -53.33 0.16 6.25
C SER C 35 -52.42 1.04 7.13
N MET C 36 -51.73 0.39 8.07
CA MET C 36 -50.84 1.07 8.98
C MET C 36 -49.95 2.11 8.27
N SER C 37 -49.81 1.97 6.95
CA SER C 37 -48.99 2.90 6.17
C SER C 37 -49.78 4.12 5.68
N ILE C 38 -50.78 3.89 4.84
CA ILE C 38 -51.61 4.98 4.32
C ILE C 38 -52.04 5.88 5.49
N TYR C 39 -52.49 5.26 6.57
CA TYR C 39 -52.89 5.99 7.76
C TYR C 39 -51.70 6.86 8.15
N GLN C 40 -50.57 6.20 8.33
CA GLN C 40 -49.35 6.90 8.70
C GLN C 40 -49.15 8.14 7.84
N PHE C 41 -49.09 7.94 6.53
CA PHE C 41 -48.88 9.02 5.56
C PHE C 41 -49.74 10.27 5.78
N LEU C 42 -51.04 10.08 5.92
CA LEU C 42 -51.97 11.20 6.13
C LEU C 42 -51.69 11.95 7.42
N ILE C 43 -51.64 11.21 8.52
CA ILE C 43 -51.38 11.78 9.84
C ILE C 43 -49.88 12.06 9.90
N ALA C 44 -49.45 13.02 9.08
CA ALA C 44 -48.06 13.43 9.00
C ALA C 44 -48.02 14.84 8.46
N VAL C 45 -48.54 15.01 7.26
CA VAL C 45 -48.60 16.31 6.60
C VAL C 45 -49.67 17.17 7.29
N ARG C 46 -49.76 17.01 8.61
CA ARG C 46 -50.73 17.74 9.41
C ARG C 46 -50.11 18.76 10.35
N GLN C 47 -49.71 19.91 9.79
CA GLN C 47 -49.13 20.98 10.60
C GLN C 47 -50.34 21.64 11.24
N GLY C 48 -50.46 21.51 12.56
CA GLY C 48 -51.59 22.09 13.25
C GLY C 48 -51.82 23.56 12.99
N GLY C 49 -51.06 24.14 12.07
CA GLY C 49 -51.21 25.56 11.75
C GLY C 49 -51.81 25.82 10.38
N ASP C 50 -51.77 24.84 9.48
CA ASP C 50 -52.31 25.01 8.15
C ASP C 50 -53.75 25.54 8.22
N VAL C 51 -54.13 26.33 7.21
CA VAL C 51 -55.46 26.92 7.15
C VAL C 51 -56.53 25.85 6.98
N LEU C 52 -57.52 25.88 7.86
CA LEU C 52 -58.60 24.91 7.86
C LEU C 52 -59.85 25.44 7.17
N GLN C 53 -60.51 24.57 6.41
CA GLN C 53 -61.75 24.90 5.69
C GLN C 53 -62.82 23.95 6.22
N ASN C 54 -64.09 24.35 6.13
CA ASN C 54 -65.19 23.51 6.62
C ASN C 54 -65.04 22.13 6.00
N GLU C 55 -65.41 22.05 4.72
CA GLU C 55 -65.33 20.81 3.97
C GLU C 55 -63.87 20.42 3.75
N GLU C 56 -63.56 19.14 3.98
CA GLU C 56 -62.22 18.63 3.80
C GLU C 56 -61.83 18.75 2.33
N GLY C 57 -60.60 19.17 2.07
CA GLY C 57 -60.14 19.33 0.70
C GLY C 57 -59.71 18.03 0.05
N GLU C 58 -58.99 18.14 -1.06
CA GLU C 58 -58.50 16.98 -1.79
C GLU C 58 -57.11 16.63 -1.26
N THR C 59 -57.01 15.55 -0.48
CA THR C 59 -55.72 15.13 0.07
C THR C 59 -54.87 14.44 -1.01
N THR C 60 -53.56 14.63 -0.93
CA THR C 60 -52.66 14.03 -1.91
C THR C 60 -51.55 13.28 -1.20
N SER C 61 -51.68 13.16 0.12
CA SER C 61 -50.70 12.46 0.95
C SER C 61 -50.59 10.99 0.55
N HIS C 62 -51.66 10.24 0.79
CA HIS C 62 -51.70 8.82 0.48
C HIS C 62 -50.97 8.48 -0.81
N LEU C 63 -51.23 9.24 -1.88
CA LEU C 63 -50.56 8.99 -3.15
C LEU C 63 -49.10 9.40 -3.06
N MET C 64 -48.85 10.69 -2.85
CA MET C 64 -47.46 11.17 -2.75
C MET C 64 -46.70 10.27 -1.78
N GLY C 65 -47.41 9.69 -0.83
CA GLY C 65 -46.76 8.81 0.13
C GLY C 65 -46.34 7.50 -0.51
N MET C 66 -47.30 6.70 -0.94
CA MET C 66 -47.07 5.40 -1.58
C MET C 66 -46.00 5.50 -2.66
N PHE C 67 -46.07 6.57 -3.44
CA PHE C 67 -45.15 6.81 -4.54
C PHE C 67 -43.71 6.87 -4.07
N TYR C 68 -43.24 8.07 -3.73
CA TYR C 68 -41.88 8.27 -3.29
C TYR C 68 -41.35 7.29 -2.24
N ARG C 69 -42.22 6.68 -1.44
CA ARG C 69 -41.73 5.73 -0.44
C ARG C 69 -41.48 4.35 -1.04
N THR C 70 -42.47 3.77 -1.73
CA THR C 70 -42.28 2.45 -2.33
C THR C 70 -41.22 2.52 -3.42
N ILE C 71 -40.80 3.74 -3.75
CA ILE C 71 -39.77 3.92 -4.75
C ILE C 71 -38.43 3.67 -4.06
N ARG C 72 -38.14 4.48 -3.04
CA ARG C 72 -36.90 4.35 -2.28
C ARG C 72 -36.66 2.89 -1.92
N MET C 73 -37.74 2.19 -1.57
CA MET C 73 -37.62 0.77 -1.22
C MET C 73 -37.03 0.01 -2.39
N MET C 74 -37.79 -0.10 -3.48
CA MET C 74 -37.37 -0.80 -4.70
C MET C 74 -36.00 -0.35 -5.17
N GLU C 75 -35.72 0.94 -4.99
CA GLU C 75 -34.45 1.53 -5.39
C GLU C 75 -33.34 1.10 -4.43
N ASN C 76 -33.72 0.40 -3.37
CA ASN C 76 -32.75 -0.07 -2.39
C ASN C 76 -32.62 -1.58 -2.42
N GLY C 77 -33.34 -2.20 -3.34
CA GLY C 77 -33.27 -3.64 -3.46
C GLY C 77 -34.35 -4.32 -2.66
N ILE C 78 -35.18 -3.53 -2.00
CA ILE C 78 -36.27 -4.06 -1.19
C ILE C 78 -37.48 -4.34 -2.08
N LYS C 79 -38.01 -5.57 -2.01
CA LYS C 79 -39.20 -5.92 -2.78
C LYS C 79 -40.40 -5.95 -1.83
N PRO C 80 -41.16 -4.85 -1.75
CA PRO C 80 -42.34 -4.75 -0.88
C PRO C 80 -43.59 -5.47 -1.33
N VAL C 81 -44.38 -5.86 -0.35
CA VAL C 81 -45.65 -6.53 -0.58
C VAL C 81 -46.66 -5.87 0.36
N TYR C 82 -47.29 -4.80 -0.13
CA TYR C 82 -48.28 -4.09 0.68
C TYR C 82 -49.44 -5.02 0.98
N VAL C 83 -50.00 -4.89 2.17
CA VAL C 83 -51.11 -5.74 2.58
C VAL C 83 -52.20 -4.97 3.32
N PHE C 84 -53.31 -4.73 2.62
CA PHE C 84 -54.47 -4.01 3.15
C PHE C 84 -55.28 -4.89 4.10
N ASP C 85 -55.84 -4.29 5.15
CA ASP C 85 -56.62 -5.05 6.13
C ASP C 85 -57.90 -5.64 5.51
N GLY C 86 -58.64 -6.39 6.31
CA GLY C 86 -59.88 -7.00 5.82
C GLY C 86 -61.10 -6.76 6.69
N LYS C 87 -61.55 -7.82 7.35
CA LYS C 87 -62.71 -7.71 8.22
C LYS C 87 -62.28 -7.86 9.67
N PRO C 88 -62.26 -6.74 10.41
CA PRO C 88 -61.88 -6.66 11.82
C PRO C 88 -62.55 -7.71 12.70
N PRO C 89 -61.81 -8.27 13.67
CA PRO C 89 -62.42 -9.28 14.54
C PRO C 89 -63.52 -8.66 15.41
N GLN C 90 -64.50 -9.45 15.81
CA GLN C 90 -65.59 -8.96 16.64
C GLN C 90 -65.15 -8.61 18.05
N LEU C 91 -64.01 -7.95 18.16
CA LEU C 91 -63.46 -7.55 19.45
C LEU C 91 -63.26 -6.03 19.41
N LYS C 92 -64.37 -5.32 19.49
CA LYS C 92 -64.42 -3.85 19.44
C LYS C 92 -63.49 -3.11 20.41
N SER C 93 -63.80 -3.19 21.70
CA SER C 93 -63.03 -2.50 22.75
C SER C 93 -61.50 -2.51 22.58
N GLY C 94 -60.85 -1.59 23.28
CA GLY C 94 -59.39 -1.49 23.22
C GLY C 94 -58.92 -0.66 22.04
N GLU C 95 -59.79 -0.50 21.07
CA GLU C 95 -59.50 0.27 19.85
C GLU C 95 -60.79 0.61 19.13
N LEU C 96 -61.53 -0.41 18.70
CA LEU C 96 -62.79 -0.19 18.01
C LEU C 96 -63.84 0.05 19.08
N ALA C 97 -65.04 0.44 18.67
CA ALA C 97 -66.11 0.73 19.61
C ALA C 97 -65.65 1.97 20.34
N LYS C 98 -64.40 2.36 20.10
CA LYS C 98 -63.83 3.54 20.70
C LYS C 98 -63.97 4.68 19.72
N ARG C 99 -65.19 5.16 19.61
CA ARG C 99 -65.52 6.30 18.78
C ARG C 99 -65.73 7.31 19.90
N SER C 100 -65.96 6.75 21.09
CA SER C 100 -66.16 7.49 22.32
C SER C 100 -64.76 7.94 22.74
N GLU C 101 -63.78 7.09 22.45
CA GLU C 101 -62.38 7.41 22.75
C GLU C 101 -61.91 8.34 21.64
N ARG C 102 -62.62 8.27 20.51
CA ARG C 102 -62.32 9.10 19.36
C ARG C 102 -63.19 10.34 19.53
N ARG C 103 -63.21 10.84 20.77
CA ARG C 103 -63.99 12.02 21.12
C ARG C 103 -63.16 13.29 21.09
N ALA C 104 -62.32 13.41 20.07
CA ALA C 104 -61.51 14.60 19.90
C ALA C 104 -62.29 15.43 18.89
N GLU C 105 -63.25 14.78 18.25
CA GLU C 105 -64.09 15.42 17.25
C GLU C 105 -64.71 16.68 17.86
N ALA C 106 -64.91 16.64 19.19
CA ALA C 106 -65.47 17.76 19.92
C ALA C 106 -64.35 18.68 20.38
N GLU C 107 -63.28 18.08 20.88
CA GLU C 107 -62.11 18.84 21.34
C GLU C 107 -61.77 19.85 20.26
N LYS C 108 -61.66 19.34 19.03
CA LYS C 108 -61.35 20.19 17.88
C LYS C 108 -62.63 20.90 17.46
N GLN C 109 -62.95 21.96 18.19
CA GLN C 109 -64.13 22.77 17.95
C GLN C 109 -63.76 24.10 18.60
N LEU C 110 -62.85 24.01 19.56
CA LEU C 110 -62.37 25.16 20.30
C LEU C 110 -61.58 26.09 19.39
N GLN C 111 -60.54 25.56 18.74
CA GLN C 111 -59.70 26.35 17.84
C GLN C 111 -58.97 27.48 18.57
N GLN C 112 -59.76 28.43 19.08
CA GLN C 112 -59.25 29.60 19.81
C GLN C 112 -57.89 29.36 20.49
N GLU C 119 -53.97 26.37 21.00
CA GLU C 119 -53.09 27.14 20.11
C GLU C 119 -52.76 26.34 18.86
N GLN C 120 -51.57 26.60 18.31
CA GLN C 120 -51.11 25.92 17.10
C GLN C 120 -50.39 24.62 17.46
N GLU C 121 -50.69 24.12 18.66
CA GLU C 121 -50.09 22.87 19.13
C GLU C 121 -51.19 21.98 19.70
N VAL C 122 -52.39 22.55 19.83
CA VAL C 122 -53.55 21.83 20.35
C VAL C 122 -54.66 21.72 19.31
N GLU C 123 -54.68 22.67 18.38
CA GLU C 123 -55.67 22.66 17.31
C GLU C 123 -55.22 21.57 16.35
N LYS C 124 -54.00 21.09 16.57
CA LYS C 124 -53.41 20.02 15.75
C LYS C 124 -53.84 18.66 16.26
N PHE C 125 -54.62 18.63 17.33
CA PHE C 125 -55.14 17.38 17.88
C PHE C 125 -56.33 17.00 16.98
N THR C 126 -56.17 17.36 15.71
CA THR C 126 -57.14 17.10 14.65
C THR C 126 -56.71 15.84 13.93
N LYS C 127 -55.65 15.23 14.43
CA LYS C 127 -55.12 14.00 13.86
C LYS C 127 -56.03 12.83 14.22
N ARG C 128 -56.84 13.02 15.25
CA ARG C 128 -57.77 11.98 15.66
C ARG C 128 -58.73 11.88 14.49
N LEU C 129 -59.23 13.03 14.04
CA LEU C 129 -60.15 13.10 12.91
C LEU C 129 -59.48 12.55 11.65
N VAL C 130 -58.18 12.25 11.73
CA VAL C 130 -57.47 11.73 10.57
C VAL C 130 -57.28 10.23 10.63
N LYS C 131 -58.38 9.52 10.91
CA LYS C 131 -58.38 8.06 10.95
C LYS C 131 -59.03 7.74 9.59
N VAL C 132 -59.21 8.82 8.83
CA VAL C 132 -59.83 8.79 7.50
C VAL C 132 -59.12 7.92 6.47
N THR C 133 -59.12 6.62 6.71
CA THR C 133 -58.51 5.68 5.79
C THR C 133 -59.35 5.64 4.53
N LYS C 134 -60.63 5.96 4.69
CA LYS C 134 -61.59 5.98 3.58
C LYS C 134 -61.24 5.06 2.42
N GLN C 135 -61.18 5.62 1.22
CA GLN C 135 -60.84 4.86 0.03
C GLN C 135 -59.61 5.42 -0.65
N HIS C 136 -58.59 5.68 0.15
CA HIS C 136 -57.31 6.16 -0.34
C HIS C 136 -56.66 4.85 -0.79
N ASN C 137 -57.32 3.74 -0.43
CA ASN C 137 -56.86 2.38 -0.76
C ASN C 137 -57.04 2.17 -2.27
N ASP C 138 -58.28 2.33 -2.72
CA ASP C 138 -58.57 2.16 -4.13
C ASP C 138 -57.78 3.24 -4.86
N GLU C 139 -57.28 4.21 -4.10
CA GLU C 139 -56.51 5.30 -4.67
C GLU C 139 -55.02 4.95 -4.75
N CYS C 140 -54.57 4.10 -3.82
CA CYS C 140 -53.16 3.68 -3.77
C CYS C 140 -52.93 2.38 -4.54
N LYS C 141 -53.91 1.49 -4.50
CA LYS C 141 -53.79 0.23 -5.21
C LYS C 141 -53.63 0.48 -6.69
N HIS C 142 -54.12 1.62 -7.14
CA HIS C 142 -54.03 2.04 -8.54
C HIS C 142 -52.58 2.44 -8.83
N LEU C 143 -51.97 3.18 -7.91
CA LEU C 143 -50.59 3.60 -8.06
C LEU C 143 -49.72 2.35 -8.06
N LEU C 144 -49.99 1.44 -7.12
CA LEU C 144 -49.23 0.20 -7.01
C LEU C 144 -49.25 -0.65 -8.28
N SER C 145 -50.42 -0.82 -8.88
CA SER C 145 -50.55 -1.62 -10.10
C SER C 145 -49.77 -0.94 -11.21
N LEU C 146 -49.79 0.39 -11.25
CA LEU C 146 -49.05 1.12 -12.27
C LEU C 146 -47.57 1.13 -11.93
N MET C 147 -47.25 0.87 -10.66
CA MET C 147 -45.87 0.86 -10.20
C MET C 147 -45.20 -0.50 -10.30
N GLY C 148 -46.03 -1.53 -10.45
CA GLY C 148 -45.51 -2.89 -10.57
C GLY C 148 -45.69 -3.71 -9.31
N ILE C 149 -45.43 -3.08 -8.16
CA ILE C 149 -45.54 -3.74 -6.87
C ILE C 149 -46.82 -4.57 -6.70
N PRO C 150 -46.71 -5.70 -5.98
CA PRO C 150 -47.85 -6.57 -5.74
C PRO C 150 -48.48 -6.28 -4.38
N TYR C 151 -49.81 -6.14 -4.36
CA TYR C 151 -50.51 -5.88 -3.12
C TYR C 151 -51.48 -7.03 -2.81
N LEU C 152 -51.87 -7.15 -1.56
CA LEU C 152 -52.78 -8.21 -1.16
C LEU C 152 -53.84 -7.76 -0.18
N ASP C 153 -55.05 -8.29 -0.33
CA ASP C 153 -56.13 -7.96 0.59
C ASP C 153 -56.25 -9.12 1.57
N ALA C 154 -55.61 -8.96 2.72
CA ALA C 154 -55.63 -9.99 3.75
C ALA C 154 -57.06 -10.25 4.20
N PRO C 155 -57.29 -11.37 4.88
CA PRO C 155 -58.62 -11.72 5.37
C PRO C 155 -59.14 -10.66 6.35
N SER C 156 -58.40 -10.44 7.43
CA SER C 156 -58.73 -9.46 8.46
C SER C 156 -57.58 -8.49 8.66
N GLU C 157 -57.18 -8.30 9.91
CA GLU C 157 -56.08 -7.40 10.24
C GLU C 157 -54.82 -7.85 9.51
N ALA C 158 -54.35 -7.01 8.58
CA ALA C 158 -53.16 -7.32 7.81
C ALA C 158 -51.95 -7.60 8.70
N GLU C 159 -51.97 -7.05 9.91
CA GLU C 159 -50.88 -7.23 10.85
C GLU C 159 -50.41 -8.69 11.00
N ALA C 160 -51.34 -9.62 11.08
CA ALA C 160 -51.00 -11.03 11.23
C ALA C 160 -50.69 -11.70 9.90
N SER C 161 -51.45 -11.37 8.87
CA SER C 161 -51.22 -11.94 7.55
C SER C 161 -49.74 -11.72 7.23
N CYS C 162 -49.30 -10.46 7.32
CA CYS C 162 -47.92 -10.14 7.08
C CYS C 162 -47.03 -10.95 8.02
N ALA C 163 -47.36 -10.91 9.31
CA ALA C 163 -46.57 -11.65 10.29
C ALA C 163 -46.63 -13.14 10.01
N ALA C 164 -47.55 -13.56 9.14
CA ALA C 164 -47.69 -14.97 8.78
C ALA C 164 -46.72 -15.31 7.68
N LEU C 165 -46.77 -14.51 6.62
CA LEU C 165 -45.91 -14.65 5.46
C LEU C 165 -44.45 -14.77 5.88
N VAL C 166 -44.06 -13.98 6.87
CA VAL C 166 -42.68 -14.01 7.34
C VAL C 166 -42.38 -15.43 7.83
N LYS C 167 -43.23 -15.91 8.73
CA LYS C 167 -43.09 -17.24 9.29
C LYS C 167 -43.10 -18.26 8.17
N ALA C 168 -43.95 -18.03 7.17
CA ALA C 168 -44.06 -18.94 6.04
C ALA C 168 -42.91 -18.77 5.06
N GLY C 169 -41.82 -18.16 5.54
CA GLY C 169 -40.66 -17.95 4.70
C GLY C 169 -40.93 -17.24 3.38
N LYS C 170 -42.19 -16.98 3.08
CA LYS C 170 -42.55 -16.32 1.83
C LYS C 170 -42.14 -14.84 1.83
N VAL C 171 -41.39 -14.43 2.86
CA VAL C 171 -40.91 -13.06 2.99
C VAL C 171 -39.97 -12.96 4.18
N TYR C 172 -39.16 -11.92 4.23
CA TYR C 172 -38.19 -11.75 5.30
C TYR C 172 -38.71 -11.22 6.62
N ALA C 173 -39.60 -10.23 6.57
CA ALA C 173 -40.14 -9.64 7.78
C ALA C 173 -41.32 -8.70 7.53
N ALA C 174 -42.03 -8.37 8.61
CA ALA C 174 -43.19 -7.50 8.52
C ALA C 174 -42.82 -6.03 8.75
N ALA C 175 -43.37 -5.19 7.88
CA ALA C 175 -43.13 -3.76 7.94
C ALA C 175 -44.34 -3.04 8.50
N THR C 176 -44.31 -2.77 9.81
CA THR C 176 -45.40 -2.07 10.48
C THR C 176 -44.94 -1.43 11.76
N GLU C 177 -45.55 -0.30 12.09
CA GLU C 177 -45.22 0.42 13.32
C GLU C 177 -45.91 -0.27 14.49
N ASP C 178 -47.04 -0.90 14.21
CA ASP C 178 -47.81 -1.60 15.23
C ASP C 178 -47.10 -2.87 15.73
N MET C 179 -46.71 -2.85 17.00
CA MET C 179 -46.01 -3.96 17.64
C MET C 179 -46.77 -5.27 17.76
N ASP C 180 -48.10 -5.23 17.66
CA ASP C 180 -48.90 -6.45 17.81
C ASP C 180 -48.54 -7.48 16.76
N CYS C 181 -47.54 -7.17 15.95
CA CYS C 181 -47.11 -8.08 14.91
C CYS C 181 -46.19 -9.17 15.44
N LEU C 182 -45.69 -8.96 16.65
CA LEU C 182 -44.83 -9.95 17.28
C LEU C 182 -45.73 -10.82 18.14
N THR C 183 -47.00 -10.43 18.24
CA THR C 183 -47.97 -11.16 19.03
C THR C 183 -48.60 -12.19 18.11
N PHE C 184 -48.16 -12.19 16.86
CA PHE C 184 -48.66 -13.13 15.88
C PHE C 184 -47.57 -14.15 15.57
N GLY C 185 -46.36 -13.86 16.01
CA GLY C 185 -45.26 -14.78 15.75
C GLY C 185 -44.23 -14.25 14.78
N SER C 186 -44.60 -13.30 13.92
CA SER C 186 -43.67 -12.72 12.96
C SER C 186 -42.31 -12.70 13.62
N PRO C 187 -41.43 -13.63 13.20
CA PRO C 187 -40.06 -13.78 13.73
C PRO C 187 -39.22 -12.51 13.67
N VAL C 188 -39.56 -11.64 12.72
CA VAL C 188 -38.87 -10.37 12.55
C VAL C 188 -39.86 -9.27 12.18
N LEU C 189 -39.74 -8.14 12.86
CA LEU C 189 -40.61 -7.01 12.60
C LEU C 189 -39.74 -5.77 12.54
N MET C 190 -39.82 -5.06 11.42
CA MET C 190 -39.03 -3.86 11.30
C MET C 190 -39.98 -2.67 11.15
N ARG C 191 -39.72 -1.65 11.97
CA ARG C 191 -40.54 -0.45 11.95
C ARG C 191 -39.77 0.70 11.34
N HIS C 192 -40.46 1.79 11.08
CA HIS C 192 -39.85 2.98 10.49
C HIS C 192 -39.44 2.76 9.05
N LEU C 193 -40.09 1.80 8.38
CA LEU C 193 -39.76 1.55 6.97
C LEU C 193 -40.51 2.52 6.06
N THR C 194 -41.83 2.51 6.17
CA THR C 194 -42.69 3.38 5.37
C THR C 194 -42.46 4.82 5.78
N ALA C 195 -41.34 5.07 6.45
CA ALA C 195 -40.96 6.40 6.93
C ALA C 195 -40.89 7.45 5.83
N SER C 196 -39.91 8.33 5.96
CA SER C 196 -39.73 9.41 5.01
C SER C 196 -38.28 9.55 4.57
N GLU C 197 -38.02 9.32 3.28
CA GLU C 197 -36.67 9.44 2.74
C GLU C 197 -36.02 10.69 3.34
N ALA C 198 -36.86 11.68 3.62
CA ALA C 198 -36.43 12.94 4.18
C ALA C 198 -36.25 12.91 5.70
N LYS C 199 -37.10 12.15 6.38
CA LYS C 199 -37.00 12.05 7.83
C LYS C 199 -35.70 11.33 8.14
N LYS C 200 -35.19 10.62 7.14
CA LYS C 200 -33.95 9.84 7.25
C LYS C 200 -33.91 9.18 8.62
N LEU C 201 -34.87 8.30 8.84
CA LEU C 201 -35.01 7.60 10.10
C LEU C 201 -34.54 6.16 9.99
N PRO C 202 -33.33 5.87 10.51
CA PRO C 202 -32.80 4.51 10.45
C PRO C 202 -33.85 3.49 10.90
N ILE C 203 -34.00 2.45 10.11
CA ILE C 203 -34.97 1.39 10.39
C ILE C 203 -34.59 0.58 11.62
N GLN C 204 -35.58 -0.01 12.29
CA GLN C 204 -35.31 -0.84 13.46
C GLN C 204 -35.90 -2.23 13.28
N GLU C 205 -35.13 -3.22 13.72
CA GLU C 205 -35.53 -4.62 13.60
C GLU C 205 -35.76 -5.27 14.96
N PHE C 206 -36.88 -5.97 15.09
CA PHE C 206 -37.21 -6.67 16.33
C PHE C 206 -37.13 -8.16 16.04
N HIS C 207 -36.17 -8.83 16.67
CA HIS C 207 -36.03 -10.26 16.48
C HIS C 207 -36.79 -10.97 17.60
N LEU C 208 -38.02 -11.35 17.27
CA LEU C 208 -38.95 -12.00 18.18
C LEU C 208 -38.32 -13.07 19.08
N SER C 209 -37.47 -13.90 18.49
CA SER C 209 -36.80 -14.96 19.24
C SER C 209 -35.93 -14.30 20.30
N ARG C 210 -35.03 -13.43 19.86
CA ARG C 210 -34.14 -12.73 20.79
C ARG C 210 -34.92 -12.12 21.94
N ILE C 211 -36.22 -11.88 21.72
CA ILE C 211 -37.05 -11.35 22.78
C ILE C 211 -37.25 -12.52 23.72
N LEU C 212 -38.09 -13.46 23.30
CA LEU C 212 -38.40 -14.65 24.09
C LEU C 212 -37.18 -15.32 24.72
N GLN C 213 -35.99 -14.97 24.21
CA GLN C 213 -34.75 -15.54 24.71
C GLN C 213 -34.05 -14.50 25.63
N GLU C 214 -34.89 -13.68 26.25
CA GLU C 214 -34.45 -12.62 27.16
C GLU C 214 -35.52 -12.48 28.23
N LEU C 215 -36.77 -12.74 27.83
CA LEU C 215 -37.91 -12.69 28.73
C LEU C 215 -38.14 -14.12 29.21
N GLY C 216 -37.73 -15.07 28.38
CA GLY C 216 -37.90 -16.48 28.70
C GLY C 216 -39.07 -17.10 27.97
N LEU C 217 -40.26 -16.59 28.24
CA LEU C 217 -41.50 -17.07 27.66
C LEU C 217 -41.44 -17.54 26.21
N ASN C 218 -42.57 -18.04 25.72
CA ASN C 218 -42.71 -18.51 24.35
C ASN C 218 -43.90 -17.79 23.75
N GLN C 219 -44.19 -18.06 22.47
CA GLN C 219 -45.30 -17.41 21.76
C GLN C 219 -46.63 -17.40 22.53
N GLU C 220 -46.90 -18.46 23.29
CA GLU C 220 -48.13 -18.51 24.07
C GLU C 220 -48.10 -17.53 25.24
N GLN C 221 -47.04 -17.64 26.06
CA GLN C 221 -46.88 -16.77 27.20
C GLN C 221 -46.82 -15.31 26.75
N PHE C 222 -45.95 -15.05 25.77
CA PHE C 222 -45.79 -13.71 25.23
C PHE C 222 -47.14 -13.05 25.00
N VAL C 223 -48.05 -13.76 24.34
CA VAL C 223 -49.38 -13.22 24.06
C VAL C 223 -50.11 -12.91 25.36
N ASP C 224 -49.77 -13.63 26.42
CA ASP C 224 -50.39 -13.35 27.72
C ASP C 224 -49.83 -12.01 28.18
N LEU C 225 -48.51 -11.88 28.13
CA LEU C 225 -47.85 -10.64 28.54
C LEU C 225 -48.29 -9.44 27.69
N CYS C 226 -48.63 -9.68 26.43
CA CYS C 226 -49.06 -8.59 25.55
C CYS C 226 -50.50 -8.17 25.88
N ILE C 227 -51.38 -9.15 26.06
CA ILE C 227 -52.76 -8.86 26.39
C ILE C 227 -52.78 -8.21 27.77
N LEU C 228 -51.89 -8.68 28.63
CA LEU C 228 -51.77 -8.16 29.99
C LEU C 228 -51.17 -6.76 29.96
N LEU C 229 -50.45 -6.46 28.88
CA LEU C 229 -49.81 -5.15 28.71
C LEU C 229 -50.74 -4.16 28.02
N GLY C 230 -51.80 -4.67 27.42
CA GLY C 230 -52.75 -3.82 26.74
C GLY C 230 -52.76 -3.96 25.23
N SER C 231 -53.66 -4.79 24.73
CA SER C 231 -53.80 -5.02 23.31
C SER C 231 -54.79 -3.99 22.77
N ASP C 232 -55.52 -4.37 21.74
CA ASP C 232 -56.54 -3.50 21.16
C ASP C 232 -57.66 -4.40 20.66
N TYR C 233 -57.59 -5.67 21.05
CA TYR C 233 -58.59 -6.65 20.68
C TYR C 233 -59.56 -6.87 21.85
N CYS C 234 -59.01 -6.92 23.07
CA CYS C 234 -59.82 -7.10 24.27
C CYS C 234 -59.43 -6.04 25.31
N GLU C 235 -59.48 -6.41 26.59
CA GLU C 235 -59.14 -5.51 27.69
C GLU C 235 -57.86 -5.95 28.40
N SER C 236 -57.54 -5.29 29.51
CA SER C 236 -56.35 -5.61 30.29
C SER C 236 -56.56 -5.32 31.78
N ILE C 237 -55.59 -5.72 32.59
CA ILE C 237 -55.63 -5.52 34.04
C ILE C 237 -55.72 -4.03 34.41
N ARG C 238 -56.07 -3.74 35.66
CA ARG C 238 -56.22 -2.36 36.10
C ARG C 238 -54.98 -1.77 36.78
N GLY C 239 -54.51 -2.39 37.86
CA GLY C 239 -53.36 -1.88 38.58
C GLY C 239 -51.98 -2.23 38.04
N ILE C 240 -51.93 -3.17 37.09
CA ILE C 240 -50.66 -3.60 36.50
C ILE C 240 -50.50 -3.14 35.05
N GLY C 241 -49.28 -2.77 34.68
CA GLY C 241 -49.02 -2.31 33.32
C GLY C 241 -47.79 -2.96 32.71
N PRO C 242 -46.98 -2.18 31.98
CA PRO C 242 -45.76 -2.65 31.32
C PRO C 242 -44.88 -3.59 32.13
N LYS C 243 -43.76 -3.09 32.65
CA LYS C 243 -42.86 -3.93 33.44
C LYS C 243 -43.49 -4.29 34.77
N ARG C 244 -44.47 -3.48 35.18
CA ARG C 244 -45.18 -3.70 36.42
C ARG C 244 -46.01 -4.99 36.36
N ALA C 245 -45.86 -5.72 35.25
CA ALA C 245 -46.61 -6.96 35.06
C ALA C 245 -45.84 -7.97 34.21
N VAL C 246 -44.51 -7.91 34.27
CA VAL C 246 -43.68 -8.84 33.52
C VAL C 246 -43.32 -10.03 34.38
N ASP C 247 -43.00 -9.76 35.65
CA ASP C 247 -42.65 -10.82 36.59
C ASP C 247 -43.89 -11.66 36.84
N LEU C 248 -45.06 -11.02 36.73
CA LEU C 248 -46.33 -11.69 36.95
C LEU C 248 -46.64 -12.63 35.79
N ILE C 249 -45.91 -12.47 34.70
CA ILE C 249 -46.09 -13.32 33.52
C ILE C 249 -45.01 -14.40 33.51
N GLN C 250 -43.85 -14.06 34.07
CA GLN C 250 -42.73 -14.99 34.16
C GLN C 250 -43.04 -16.01 35.25
N LYS C 251 -44.12 -15.76 35.97
CA LYS C 251 -44.57 -16.63 37.05
C LYS C 251 -46.10 -16.60 36.98
N HIS C 252 -46.70 -17.79 36.82
CA HIS C 252 -48.15 -17.96 36.70
C HIS C 252 -48.53 -17.86 35.23
N LYS C 253 -47.52 -17.63 34.39
CA LYS C 253 -47.66 -17.49 32.94
C LYS C 253 -48.91 -18.08 32.32
N SER C 254 -50.02 -17.36 32.49
CA SER C 254 -51.31 -17.78 31.97
C SER C 254 -52.37 -16.83 32.51
N ILE C 255 -53.07 -16.15 31.61
CA ILE C 255 -54.12 -15.20 31.99
C ILE C 255 -55.18 -15.87 32.85
N GLU C 256 -54.89 -17.07 33.33
CA GLU C 256 -55.80 -17.83 34.18
C GLU C 256 -55.08 -18.13 35.50
N GLU C 257 -53.89 -18.71 35.41
CA GLU C 257 -53.12 -19.02 36.59
C GLU C 257 -52.50 -17.75 37.14
N ILE C 258 -52.93 -16.64 36.55
CA ILE C 258 -52.47 -15.31 36.95
C ILE C 258 -53.54 -14.66 37.81
N VAL C 259 -54.80 -14.88 37.44
CA VAL C 259 -55.92 -14.31 38.17
C VAL C 259 -56.24 -15.13 39.42
N ARG C 260 -55.31 -16.00 39.81
CA ARG C 260 -55.54 -16.84 40.99
C ARG C 260 -54.33 -16.93 41.92
N ARG C 261 -53.32 -16.07 41.71
CA ARG C 261 -52.13 -16.08 42.54
C ARG C 261 -51.51 -14.69 42.71
N LEU C 262 -51.25 -14.32 43.96
CA LEU C 262 -50.67 -13.01 44.29
C LEU C 262 -51.55 -11.90 43.73
N ASP C 263 -52.70 -11.69 44.36
CA ASP C 263 -53.64 -10.65 43.92
C ASP C 263 -54.74 -10.32 44.94
N PRO C 264 -54.55 -9.26 45.74
CA PRO C 264 -55.53 -8.83 46.76
C PRO C 264 -56.87 -8.44 46.13
N ASN C 265 -57.09 -8.93 44.92
CA ASN C 265 -58.30 -8.66 44.15
C ASN C 265 -58.60 -7.18 44.01
N LYS C 266 -57.79 -6.33 44.63
CA LYS C 266 -58.01 -4.89 44.53
C LYS C 266 -57.61 -4.52 43.10
N TYR C 267 -57.44 -5.57 42.28
CA TYR C 267 -57.08 -5.44 40.88
C TYR C 267 -58.00 -6.42 40.14
N PRO C 268 -59.30 -6.10 40.07
CA PRO C 268 -60.38 -6.87 39.42
C PRO C 268 -60.37 -6.99 37.89
N VAL C 269 -60.81 -8.15 37.42
CA VAL C 269 -60.89 -8.47 35.99
C VAL C 269 -62.16 -7.90 35.38
N PRO C 270 -62.02 -7.13 34.29
CA PRO C 270 -63.18 -6.53 33.60
C PRO C 270 -64.36 -7.48 33.46
N GLU C 271 -65.56 -6.93 33.36
CA GLU C 271 -66.76 -7.74 33.20
C GLU C 271 -66.61 -8.51 31.90
N ASN C 272 -67.12 -9.74 31.88
CA ASN C 272 -67.03 -10.60 30.70
C ASN C 272 -65.74 -10.32 29.91
N TRP C 273 -64.62 -10.36 30.62
CA TRP C 273 -63.30 -10.11 30.04
C TRP C 273 -62.84 -11.22 29.11
N LEU C 274 -62.68 -10.88 27.83
CA LEU C 274 -62.28 -11.85 26.82
C LEU C 274 -60.77 -12.01 26.66
N HIS C 275 -60.09 -12.47 27.71
CA HIS C 275 -58.66 -12.67 27.65
C HIS C 275 -58.42 -14.03 27.02
N LYS C 276 -59.42 -14.91 27.18
CA LYS C 276 -59.35 -16.26 26.65
C LYS C 276 -59.64 -16.29 25.14
N GLU C 277 -60.77 -15.72 24.75
CA GLU C 277 -61.16 -15.69 23.34
C GLU C 277 -60.25 -14.81 22.49
N ALA C 278 -59.48 -13.94 23.13
CA ALA C 278 -58.56 -13.05 22.43
C ALA C 278 -57.19 -13.70 22.32
N HIS C 279 -56.75 -14.32 23.41
CA HIS C 279 -55.46 -15.00 23.44
C HIS C 279 -55.44 -16.01 22.31
N GLN C 280 -56.61 -16.52 21.95
CA GLN C 280 -56.77 -17.48 20.87
C GLN C 280 -56.53 -16.79 19.53
N LEU C 281 -57.15 -15.64 19.36
CA LEU C 281 -57.01 -14.88 18.12
C LEU C 281 -55.56 -14.51 17.81
N PHE C 282 -54.89 -13.86 18.76
CA PHE C 282 -53.49 -13.46 18.58
C PHE C 282 -52.63 -14.71 18.45
N LEU C 283 -53.21 -15.78 17.90
CA LEU C 283 -52.52 -17.04 17.72
C LEU C 283 -53.00 -17.76 16.46
N GLU C 284 -54.29 -17.64 16.17
CA GLU C 284 -54.86 -18.28 15.00
C GLU C 284 -55.62 -17.24 14.18
N PRO C 285 -54.99 -16.08 13.94
CA PRO C 285 -55.63 -15.01 13.17
C PRO C 285 -56.05 -15.43 11.77
N GLU C 286 -57.07 -14.76 11.26
CA GLU C 286 -57.57 -15.06 9.92
C GLU C 286 -56.57 -14.54 8.90
N VAL C 287 -55.52 -15.33 8.69
CA VAL C 287 -54.48 -14.98 7.76
C VAL C 287 -54.60 -15.79 6.48
N LEU C 288 -54.41 -15.11 5.35
CA LEU C 288 -54.49 -15.75 4.04
C LEU C 288 -53.48 -16.88 3.91
N ASP C 289 -53.53 -17.56 2.76
CA ASP C 289 -52.63 -18.67 2.48
C ASP C 289 -51.32 -18.12 1.90
N PRO C 290 -50.18 -18.50 2.48
CA PRO C 290 -48.89 -18.02 1.99
C PRO C 290 -48.60 -18.49 0.56
N GLU C 291 -49.10 -19.68 0.23
CA GLU C 291 -48.87 -20.28 -1.08
C GLU C 291 -49.48 -19.56 -2.28
N SER C 292 -50.80 -19.47 -2.34
CA SER C 292 -51.46 -18.81 -3.44
C SER C 292 -50.98 -17.36 -3.61
N VAL C 293 -49.99 -17.00 -2.80
CA VAL C 293 -49.41 -15.66 -2.83
C VAL C 293 -48.20 -15.62 -3.75
N GLU C 294 -48.44 -15.80 -5.05
CA GLU C 294 -47.35 -15.77 -6.02
C GLU C 294 -47.01 -14.33 -6.36
N LEU C 295 -46.47 -13.61 -5.39
CA LEU C 295 -46.10 -12.21 -5.59
C LEU C 295 -45.27 -12.07 -6.87
N LYS C 296 -45.45 -10.98 -7.60
CA LYS C 296 -44.73 -10.80 -8.86
C LYS C 296 -44.42 -9.36 -9.29
N TRP C 297 -43.30 -8.81 -8.84
CA TRP C 297 -42.91 -7.44 -9.20
C TRP C 297 -42.73 -7.28 -10.71
N SER C 298 -43.51 -6.39 -11.32
CA SER C 298 -43.46 -6.16 -12.77
C SER C 298 -42.70 -4.89 -13.19
N GLU C 299 -43.22 -4.21 -14.20
CA GLU C 299 -42.59 -2.98 -14.70
C GLU C 299 -43.66 -1.90 -14.90
N PRO C 300 -43.28 -0.62 -14.68
CA PRO C 300 -44.13 0.56 -14.81
C PRO C 300 -44.98 0.65 -16.08
N ASN C 301 -46.20 1.19 -15.94
CA ASN C 301 -47.12 1.37 -17.06
C ASN C 301 -46.84 2.74 -17.64
N GLU C 302 -45.73 3.33 -17.21
CA GLU C 302 -45.28 4.66 -17.64
C GLU C 302 -46.43 5.66 -17.72
N GLU C 303 -46.78 6.07 -18.93
CA GLU C 303 -47.85 7.06 -19.14
C GLU C 303 -49.07 6.86 -18.26
N GLU C 304 -49.57 5.62 -18.17
CA GLU C 304 -50.73 5.33 -17.34
C GLU C 304 -50.54 5.97 -15.96
N LEU C 305 -49.28 6.16 -15.57
CA LEU C 305 -48.92 6.76 -14.29
C LEU C 305 -48.73 8.28 -14.33
N ILE C 306 -48.15 8.80 -15.41
CA ILE C 306 -47.95 10.23 -15.52
C ILE C 306 -49.34 10.88 -15.61
N LYS C 307 -50.22 10.26 -16.40
CA LYS C 307 -51.58 10.73 -16.58
C LYS C 307 -52.28 10.74 -15.22
N PHE C 308 -52.59 9.55 -14.73
CA PHE C 308 -53.23 9.40 -13.42
C PHE C 308 -52.65 10.35 -12.39
N MET C 309 -51.32 10.43 -12.35
CA MET C 309 -50.63 11.33 -11.41
C MET C 309 -50.83 12.73 -11.95
N CYS C 310 -49.80 13.28 -12.60
CA CYS C 310 -49.95 14.60 -13.18
C CYS C 310 -50.99 14.45 -14.28
N GLY C 311 -52.24 14.71 -13.94
CA GLY C 311 -53.33 14.60 -14.88
C GLY C 311 -54.63 14.61 -14.10
N GLU C 312 -55.05 13.43 -13.64
CA GLU C 312 -56.27 13.30 -12.86
C GLU C 312 -56.07 13.98 -11.51
N LYS C 313 -54.84 13.90 -11.04
CA LYS C 313 -54.47 14.48 -9.76
C LYS C 313 -53.09 15.13 -9.90
N GLN C 314 -53.11 16.34 -10.47
CA GLN C 314 -51.93 17.17 -10.71
C GLN C 314 -50.69 16.93 -9.84
N PHE C 315 -49.59 16.60 -10.50
CA PHE C 315 -48.32 16.33 -9.85
C PHE C 315 -47.23 16.68 -10.84
N SER C 316 -46.18 17.36 -10.38
CA SER C 316 -45.08 17.73 -11.26
C SER C 316 -44.68 16.59 -12.20
N GLU C 317 -45.15 16.65 -13.45
CA GLU C 317 -44.82 15.63 -14.43
C GLU C 317 -43.31 15.54 -14.57
N GLU C 318 -42.64 16.65 -14.29
CA GLU C 318 -41.19 16.73 -14.38
C GLU C 318 -40.51 15.91 -13.30
N ARG C 319 -41.31 15.35 -12.39
CA ARG C 319 -40.76 14.54 -11.30
C ARG C 319 -41.44 13.19 -11.23
N ILE C 320 -42.71 13.12 -11.60
CA ILE C 320 -43.42 11.84 -11.58
C ILE C 320 -42.69 10.96 -12.59
N ARG C 321 -42.27 11.56 -13.70
CA ARG C 321 -41.53 10.83 -14.71
C ARG C 321 -40.21 10.48 -14.04
N SER C 322 -39.51 11.51 -13.58
CA SER C 322 -38.23 11.34 -12.90
C SER C 322 -38.35 10.40 -11.72
N GLY C 323 -39.59 10.11 -11.35
CA GLY C 323 -39.85 9.20 -10.24
C GLY C 323 -39.88 7.81 -10.83
N VAL C 324 -40.69 7.63 -11.87
CA VAL C 324 -40.82 6.34 -12.54
C VAL C 324 -39.54 6.01 -13.29
N LYS C 325 -38.74 7.05 -13.53
CA LYS C 325 -37.48 6.89 -14.23
C LYS C 325 -36.51 6.14 -13.32
N ARG C 326 -36.40 6.62 -12.07
CA ARG C 326 -35.52 6.03 -11.08
C ARG C 326 -36.13 4.76 -10.49
N LEU C 327 -37.28 4.37 -11.01
CA LEU C 327 -37.97 3.16 -10.56
C LEU C 327 -37.50 2.00 -11.42
N SER C 328 -37.26 2.29 -12.70
CA SER C 328 -36.82 1.27 -13.65
C SER C 328 -35.32 1.01 -13.53
N LYS C 329 -34.53 2.08 -13.45
CA LYS C 329 -33.08 1.97 -13.31
C LYS C 329 -32.77 1.21 -12.03
N SER C 330 -33.82 0.89 -11.28
CA SER C 330 -33.72 0.16 -10.01
C SER C 330 -34.12 -1.29 -10.21
N ARG C 331 -34.56 -1.61 -11.42
CA ARG C 331 -34.95 -2.97 -11.73
C ARG C 331 -33.98 -3.55 -12.74
N GLN C 332 -33.05 -2.71 -13.18
CA GLN C 332 -32.04 -3.14 -14.15
C GLN C 332 -31.19 -4.26 -13.55
N GLY C 333 -30.57 -5.05 -14.43
CA GLY C 333 -29.74 -6.14 -13.96
C GLY C 333 -30.48 -7.14 -13.11
N SER C 334 -29.90 -7.51 -11.97
CA SER C 334 -30.50 -8.49 -11.07
C SER C 334 -30.13 -8.19 -9.62
N THR C 335 -30.97 -8.64 -8.68
CA THR C 335 -30.72 -8.41 -7.27
C THR C 335 -30.11 -9.63 -6.59
N GLN C 336 -29.20 -9.36 -5.66
CA GLN C 336 -28.47 -10.38 -4.90
C GLN C 336 -29.33 -11.01 -3.81
N GLY C 337 -29.33 -12.34 -3.76
CA GLY C 337 -30.08 -13.04 -2.73
C GLY C 337 -29.29 -13.02 -1.45
N ARG C 338 -29.97 -13.21 -0.32
CA ARG C 338 -29.31 -13.23 0.98
C ARG C 338 -29.32 -14.68 1.47
N LEU C 339 -28.18 -15.16 1.96
CA LEU C 339 -28.10 -16.53 2.42
C LEU C 339 -29.14 -16.78 3.52
N ASP C 340 -29.36 -15.75 4.32
CA ASP C 340 -30.32 -15.83 5.40
C ASP C 340 -31.60 -16.47 4.88
N ASP C 341 -32.17 -15.85 3.86
CA ASP C 341 -33.41 -16.29 3.24
C ASP C 341 -33.39 -17.68 2.61
N PHE C 342 -32.36 -18.46 2.91
CA PHE C 342 -32.26 -19.81 2.36
C PHE C 342 -32.03 -20.82 3.47
N PHE C 343 -31.18 -20.49 4.42
CA PHE C 343 -30.94 -21.40 5.52
C PHE C 343 -31.48 -20.80 6.81
N LYS C 344 -32.21 -21.62 7.57
CA LYS C 344 -32.81 -21.16 8.82
C LYS C 344 -31.72 -20.91 9.85
N VAL C 345 -31.80 -19.76 10.54
CA VAL C 345 -30.81 -19.45 11.56
C VAL C 345 -31.03 -20.41 12.72
N THR C 346 -29.96 -20.82 13.38
CA THR C 346 -30.08 -21.76 14.48
C THR C 346 -29.42 -21.24 15.75
N GLY C 347 -29.23 -19.93 15.81
CA GLY C 347 -28.63 -19.34 16.97
C GLY C 347 -27.23 -18.83 16.74
N SER C 348 -26.56 -18.46 17.83
CA SER C 348 -25.21 -17.95 17.75
C SER C 348 -24.31 -18.82 18.63
N LEU C 349 -23.04 -18.92 18.25
CA LEU C 349 -22.07 -19.68 19.00
C LEU C 349 -21.27 -18.56 19.66
N SER C 350 -21.02 -18.65 20.96
CA SER C 350 -20.28 -17.60 21.68
C SER C 350 -19.03 -18.05 22.42
N SER C 351 -17.95 -17.28 22.25
CA SER C 351 -16.66 -17.57 22.87
C SER C 351 -16.71 -17.68 24.39
N ALA C 352 -16.08 -18.73 24.91
CA ALA C 352 -16.02 -19.00 26.33
C ALA C 352 -15.52 -17.79 27.11
N LYS C 353 -16.09 -17.57 28.29
CA LYS C 353 -15.70 -16.45 29.14
C LYS C 353 -14.19 -16.29 29.12
N ARG C 354 -13.73 -15.20 28.51
CA ARG C 354 -12.29 -14.92 28.42
C ARG C 354 -11.73 -14.40 29.74
N LYS C 355 -11.11 -15.30 30.50
CA LYS C 355 -10.51 -14.94 31.78
C LYS C 355 -9.18 -15.68 31.93
N MET D 1 45.47 7.33 -5.85
CA MET D 1 45.19 6.50 -7.04
C MET D 1 45.13 5.03 -6.67
N PHE D 2 44.00 4.39 -6.93
CA PHE D 2 43.89 2.97 -6.61
C PHE D 2 43.10 2.20 -7.66
N GLU D 3 43.51 0.95 -7.90
CA GLU D 3 42.82 0.13 -8.86
C GLU D 3 42.69 -1.28 -8.31
N ALA D 4 41.46 -1.77 -8.25
CA ALA D 4 41.22 -3.10 -7.72
C ALA D 4 40.42 -3.95 -8.71
N ARG D 5 40.85 -5.18 -8.87
CA ARG D 5 40.19 -6.11 -9.79
C ARG D 5 39.61 -7.28 -9.03
N LEU D 6 38.30 -7.33 -8.83
CA LEU D 6 37.69 -8.45 -8.14
C LEU D 6 36.95 -9.35 -9.11
N VAL D 7 37.49 -10.54 -9.29
CA VAL D 7 36.91 -11.53 -10.18
C VAL D 7 35.55 -11.99 -9.63
N GLN D 8 35.36 -11.88 -8.31
CA GLN D 8 34.10 -12.28 -7.69
C GLN D 8 33.13 -11.11 -7.71
N GLY D 9 33.13 -10.37 -8.80
CA GLY D 9 32.26 -9.21 -8.92
C GLY D 9 31.11 -9.13 -7.92
N SER D 10 30.26 -10.14 -7.90
CA SER D 10 29.10 -10.16 -7.04
C SER D 10 29.33 -9.70 -5.61
N ILE D 11 30.48 -9.99 -5.03
CA ILE D 11 30.75 -9.55 -3.66
C ILE D 11 30.46 -8.06 -3.48
N LEU D 12 30.93 -7.27 -4.45
CA LEU D 12 30.74 -5.84 -4.44
C LEU D 12 29.26 -5.57 -4.53
N LYS D 13 28.60 -6.31 -5.40
CA LYS D 13 27.17 -6.12 -5.57
C LYS D 13 26.51 -6.36 -4.21
N LYS D 14 26.81 -7.49 -3.61
CA LYS D 14 26.23 -7.81 -2.33
C LYS D 14 26.63 -6.79 -1.27
N VAL D 15 27.89 -6.39 -1.26
CA VAL D 15 28.37 -5.41 -0.28
C VAL D 15 27.62 -4.08 -0.33
N LEU D 16 27.13 -3.69 -1.50
CA LEU D 16 26.40 -2.44 -1.58
C LEU D 16 24.93 -2.62 -1.27
N GLU D 17 24.31 -3.66 -1.79
CA GLU D 17 22.92 -3.89 -1.47
C GLU D 17 22.83 -3.99 0.05
N ALA D 18 23.94 -4.33 0.69
CA ALA D 18 23.97 -4.47 2.14
C ALA D 18 24.22 -3.17 2.91
N LEU D 19 24.49 -2.08 2.19
CA LEU D 19 24.77 -0.80 2.83
C LEU D 19 23.80 0.30 2.52
N LYS D 20 23.37 0.38 1.25
CA LYS D 20 22.49 1.44 0.78
C LYS D 20 21.23 1.75 1.57
N ASP D 21 20.37 0.76 1.78
CA ASP D 21 19.13 1.02 2.52
C ASP D 21 19.36 1.62 3.91
N LEU D 22 20.52 1.33 4.51
CA LEU D 22 20.84 1.81 5.85
C LEU D 22 21.57 3.16 5.88
N ILE D 23 22.45 3.41 4.92
CA ILE D 23 23.10 4.71 4.92
C ILE D 23 23.07 5.20 3.46
N ASN D 24 22.82 6.48 3.26
CA ASN D 24 22.72 7.02 1.91
C ASN D 24 24.05 7.36 1.28
N GLU D 25 24.85 8.15 1.99
CA GLU D 25 26.15 8.53 1.46
C GLU D 25 27.23 8.05 2.39
N ALA D 26 28.45 7.95 1.89
CA ALA D 26 29.54 7.49 2.73
C ALA D 26 30.86 7.75 2.05
N CYS D 27 31.93 7.56 2.81
CA CYS D 27 33.30 7.77 2.36
C CYS D 27 34.04 6.46 2.31
N TRP D 28 34.68 6.17 1.20
CA TRP D 28 35.42 4.94 1.12
C TRP D 28 36.85 5.21 1.50
N ASP D 29 37.42 4.37 2.35
CA ASP D 29 38.79 4.53 2.79
C ASP D 29 39.76 3.59 2.09
N ILE D 30 40.26 4.02 0.94
CA ILE D 30 41.18 3.19 0.18
C ILE D 30 42.62 3.53 0.52
N SER D 31 43.45 2.49 0.69
CA SER D 31 44.86 2.68 0.99
C SER D 31 45.63 1.49 0.40
N SER D 32 46.86 1.30 0.85
CA SER D 32 47.63 0.18 0.35
C SER D 32 47.14 -1.04 1.10
N SER D 33 46.68 -0.82 2.32
CA SER D 33 46.19 -1.89 3.19
C SER D 33 44.90 -2.51 2.67
N GLY D 34 44.03 -1.67 2.11
CA GLY D 34 42.77 -2.16 1.58
C GLY D 34 41.65 -1.13 1.56
N VAL D 35 40.42 -1.62 1.49
CA VAL D 35 39.24 -0.77 1.43
C VAL D 35 38.38 -0.91 2.67
N ASN D 36 38.05 0.23 3.30
CA ASN D 36 37.21 0.23 4.50
C ASN D 36 36.10 1.25 4.37
N LEU D 37 35.10 1.14 5.23
CA LEU D 37 34.00 2.11 5.22
C LEU D 37 33.23 2.00 6.51
N GLN D 38 33.28 3.06 7.30
CA GLN D 38 32.55 3.08 8.56
C GLN D 38 31.69 4.33 8.63
N SER D 39 30.39 4.15 8.82
CA SER D 39 29.46 5.26 8.91
C SER D 39 28.29 4.91 9.82
N MET D 40 27.75 5.89 10.52
CA MET D 40 26.58 5.65 11.36
C MET D 40 25.38 5.84 10.47
N ASP D 41 24.18 5.50 10.95
CA ASP D 41 22.98 5.74 10.16
C ASP D 41 22.63 7.17 10.51
N SER D 42 21.80 7.82 9.71
CA SER D 42 21.45 9.21 9.96
C SER D 42 21.04 9.50 11.40
N SER D 43 20.47 8.52 12.07
CA SER D 43 20.02 8.72 13.45
C SER D 43 21.09 8.43 14.50
N HIS D 44 22.29 8.12 14.06
CA HIS D 44 23.35 7.80 14.99
C HIS D 44 23.03 6.67 15.99
N VAL D 45 21.99 5.91 15.74
CA VAL D 45 21.65 4.84 16.66
C VAL D 45 22.22 3.51 16.19
N SER D 46 22.81 3.51 14.99
CA SER D 46 23.43 2.30 14.45
C SER D 46 24.68 2.72 13.68
N LEU D 47 25.54 1.76 13.35
CA LEU D 47 26.76 2.07 12.60
C LEU D 47 27.29 0.85 11.89
N VAL D 48 27.68 1.03 10.63
CA VAL D 48 28.20 -0.07 9.84
C VAL D 48 29.70 0.12 9.61
N GLN D 49 30.40 -0.99 9.47
CA GLN D 49 31.85 -0.97 9.26
C GLN D 49 32.24 -2.00 8.23
N LEU D 50 32.68 -1.55 7.07
CA LEU D 50 33.09 -2.45 6.02
C LEU D 50 34.61 -2.58 6.04
N THR D 51 35.11 -3.75 5.65
CA THR D 51 36.54 -4.03 5.62
C THR D 51 36.89 -5.02 4.54
N LEU D 52 37.56 -4.55 3.50
CA LEU D 52 37.98 -5.43 2.42
C LEU D 52 39.48 -5.29 2.33
N ARG D 53 40.19 -6.34 2.77
CA ARG D 53 41.66 -6.35 2.76
C ARG D 53 42.16 -6.43 1.34
N SER D 54 43.33 -5.86 1.08
CA SER D 54 43.86 -5.88 -0.28
C SER D 54 44.26 -7.29 -0.73
N GLU D 55 44.67 -8.13 0.22
CA GLU D 55 45.07 -9.48 -0.14
C GLU D 55 43.87 -10.24 -0.70
N GLY D 56 42.68 -9.67 -0.50
CA GLY D 56 41.50 -10.34 -0.98
C GLY D 56 41.14 -10.08 -2.43
N PHE D 57 41.74 -9.06 -3.03
CA PHE D 57 41.43 -8.74 -4.41
C PHE D 57 42.33 -9.53 -5.34
N ASP D 58 41.81 -9.88 -6.50
CA ASP D 58 42.61 -10.63 -7.48
C ASP D 58 43.79 -9.78 -7.88
N THR D 59 43.62 -8.47 -7.78
CA THR D 59 44.63 -7.48 -8.09
C THR D 59 44.27 -6.24 -7.29
N TYR D 60 45.26 -5.63 -6.65
CA TYR D 60 44.98 -4.42 -5.88
C TYR D 60 46.22 -3.57 -5.91
N ARG D 61 46.06 -2.30 -6.21
CA ARG D 61 47.20 -1.42 -6.27
C ARG D 61 46.81 -0.04 -5.83
N CYS D 62 47.59 0.49 -4.89
CA CYS D 62 47.37 1.84 -4.37
C CYS D 62 48.72 2.49 -4.08
N ASP D 63 48.87 3.74 -4.50
CA ASP D 63 50.11 4.46 -4.27
C ASP D 63 49.85 5.78 -3.54
N ARG D 64 48.63 5.97 -3.09
CA ARG D 64 48.28 7.18 -2.37
C ARG D 64 46.86 7.01 -1.85
N ASN D 65 46.72 7.03 -0.53
CA ASN D 65 45.40 6.88 0.10
C ASN D 65 44.38 7.88 -0.39
N LEU D 66 43.13 7.42 -0.45
CA LEU D 66 42.01 8.21 -0.91
C LEU D 66 40.84 8.10 0.04
N ALA D 67 39.83 8.89 -0.27
CA ALA D 67 38.57 8.92 0.45
C ALA D 67 37.63 9.48 -0.60
N MET D 68 36.76 8.64 -1.14
CA MET D 68 35.82 9.06 -2.15
C MET D 68 34.47 9.26 -1.50
N GLY D 69 33.87 10.42 -1.69
CA GLY D 69 32.54 10.64 -1.14
C GLY D 69 31.58 9.97 -2.10
N VAL D 70 30.79 9.02 -1.63
CA VAL D 70 29.88 8.34 -2.56
C VAL D 70 28.42 8.29 -2.18
N ASN D 71 27.55 8.56 -3.14
CA ASN D 71 26.10 8.47 -2.93
C ASN D 71 25.80 6.99 -3.18
N LEU D 72 25.91 6.19 -2.12
CA LEU D 72 25.70 4.75 -2.24
C LEU D 72 24.54 4.30 -3.13
N THR D 73 23.46 5.06 -3.16
CA THR D 73 22.34 4.64 -3.98
C THR D 73 22.71 4.67 -5.44
N SER D 74 23.53 5.65 -5.82
CA SER D 74 23.98 5.79 -7.20
C SER D 74 24.90 4.65 -7.54
N MET D 75 25.81 4.34 -6.63
CA MET D 75 26.73 3.24 -6.87
C MET D 75 25.93 1.95 -6.87
N SER D 76 24.84 1.95 -6.10
CA SER D 76 23.97 0.77 -6.05
C SER D 76 23.39 0.48 -7.41
N LYS D 77 23.01 1.54 -8.13
CA LYS D 77 22.44 1.39 -9.47
C LYS D 77 23.47 0.92 -10.47
N ILE D 78 24.62 1.59 -10.48
CA ILE D 78 25.69 1.24 -11.40
C ILE D 78 26.15 -0.21 -11.25
N LEU D 79 26.05 -0.75 -10.04
CA LEU D 79 26.48 -2.14 -9.85
C LEU D 79 25.39 -3.11 -10.28
N LYS D 80 24.15 -2.62 -10.31
CA LYS D 80 23.02 -3.42 -10.75
C LYS D 80 23.12 -3.58 -12.25
N CYS D 81 24.16 -3.02 -12.83
CA CYS D 81 24.37 -3.10 -14.26
C CYS D 81 25.51 -4.09 -14.54
N ALA D 82 25.85 -4.89 -13.55
CA ALA D 82 26.90 -5.87 -13.73
C ALA D 82 26.30 -7.21 -13.37
N GLY D 83 26.47 -8.18 -14.26
CA GLY D 83 25.96 -9.51 -14.00
C GLY D 83 26.66 -10.16 -12.83
N ASN D 84 25.97 -11.07 -12.14
CA ASN D 84 26.55 -11.73 -10.99
C ASN D 84 27.87 -12.46 -11.26
N GLU D 85 28.19 -12.71 -12.52
CA GLU D 85 29.43 -13.41 -12.86
C GLU D 85 30.55 -12.56 -13.44
N ASP D 86 30.30 -11.28 -13.67
CA ASP D 86 31.31 -10.39 -14.24
C ASP D 86 32.50 -10.15 -13.35
N ILE D 87 33.60 -9.73 -13.96
CA ILE D 87 34.81 -9.44 -13.22
C ILE D 87 34.86 -7.92 -13.05
N ILE D 88 34.58 -7.46 -11.84
CA ILE D 88 34.56 -6.04 -11.56
C ILE D 88 35.90 -5.41 -11.22
N THR D 89 36.13 -4.21 -11.74
CA THR D 89 37.37 -3.51 -11.47
C THR D 89 37.04 -2.08 -11.11
N LEU D 90 37.62 -1.61 -10.01
CA LEU D 90 37.42 -0.24 -9.55
C LEU D 90 38.74 0.46 -9.80
N ARG D 91 38.69 1.70 -10.27
CA ARG D 91 39.92 2.44 -10.50
C ARG D 91 39.63 3.90 -10.26
N ALA D 92 40.40 4.53 -9.39
CA ALA D 92 40.19 5.95 -9.07
C ALA D 92 41.49 6.75 -9.09
N GLU D 93 41.48 7.83 -9.87
CA GLU D 93 42.64 8.69 -10.01
C GLU D 93 42.89 9.46 -8.72
N ASP D 94 44.03 10.16 -8.65
CA ASP D 94 44.38 10.92 -7.45
C ASP D 94 43.28 11.86 -6.99
N ASN D 95 43.34 13.14 -7.37
CA ASN D 95 42.29 14.04 -6.94
C ASN D 95 41.05 13.69 -7.73
N ALA D 96 40.62 12.44 -7.51
CA ALA D 96 39.48 11.84 -8.17
C ALA D 96 38.23 12.69 -8.22
N ASP D 97 37.66 12.75 -9.41
CA ASP D 97 36.45 13.49 -9.66
C ASP D 97 35.34 12.46 -9.84
N THR D 98 35.74 11.25 -10.21
CA THR D 98 34.81 10.16 -10.44
C THR D 98 35.47 8.82 -10.14
N LEU D 99 34.67 7.79 -9.91
CA LEU D 99 35.19 6.44 -9.66
C LEU D 99 34.78 5.56 -10.84
N ALA D 100 35.75 4.84 -11.41
CA ALA D 100 35.45 4.02 -12.55
C ALA D 100 35.16 2.58 -12.19
N LEU D 101 34.01 2.08 -12.59
CA LEU D 101 33.65 0.70 -12.32
C LEU D 101 33.62 -0.02 -13.65
N VAL D 102 34.45 -1.03 -13.82
CA VAL D 102 34.47 -1.78 -15.07
C VAL D 102 33.98 -3.22 -14.91
N PHE D 103 33.03 -3.61 -15.78
CA PHE D 103 32.49 -4.96 -15.71
C PHE D 103 32.86 -5.80 -16.93
N GLU D 104 33.74 -6.78 -16.73
CA GLU D 104 34.14 -7.70 -17.80
C GLU D 104 33.23 -8.92 -17.69
N ALA D 105 32.67 -9.39 -18.79
CA ALA D 105 31.78 -10.53 -18.74
C ALA D 105 32.51 -11.83 -18.95
N PRO D 106 32.01 -12.91 -18.34
CA PRO D 106 32.63 -14.23 -18.48
C PRO D 106 32.68 -14.61 -19.96
N ASN D 107 31.51 -14.76 -20.58
CA ASN D 107 31.44 -15.08 -22.00
C ASN D 107 32.04 -13.91 -22.80
N GLN D 108 33.37 -13.88 -22.88
CA GLN D 108 34.13 -12.85 -23.60
C GLN D 108 33.43 -12.25 -24.81
N GLU D 109 32.59 -11.27 -24.57
CA GLU D 109 31.85 -10.62 -25.63
C GLU D 109 31.44 -9.22 -25.17
N LYS D 110 30.94 -9.14 -23.96
CA LYS D 110 30.47 -7.89 -23.39
C LYS D 110 31.44 -7.29 -22.36
N VAL D 111 31.58 -5.97 -22.40
CA VAL D 111 32.46 -5.28 -21.45
C VAL D 111 31.87 -3.89 -21.22
N SER D 112 31.39 -3.66 -19.99
CA SER D 112 30.76 -2.41 -19.62
C SER D 112 31.68 -1.62 -18.72
N ASP D 113 31.58 -0.30 -18.80
CA ASP D 113 32.38 0.57 -17.96
C ASP D 113 31.58 1.83 -17.64
N TYR D 114 31.69 2.29 -16.39
CA TYR D 114 30.97 3.48 -15.90
C TYR D 114 31.89 4.42 -15.13
N GLU D 115 31.49 5.68 -15.04
CA GLU D 115 32.25 6.68 -14.30
C GLU D 115 31.27 7.30 -13.33
N MET D 116 31.30 6.85 -12.10
CA MET D 116 30.40 7.40 -11.11
C MET D 116 30.95 8.71 -10.55
N LYS D 117 30.14 9.76 -10.64
CA LYS D 117 30.53 11.04 -10.12
C LYS D 117 30.58 10.98 -8.59
N LEU D 118 31.72 11.41 -8.03
CA LEU D 118 31.95 11.43 -6.59
C LEU D 118 31.46 12.73 -5.99
N MET D 119 31.29 12.77 -4.67
CA MET D 119 30.81 13.99 -4.05
C MET D 119 31.68 14.46 -2.88
N ASP D 120 31.45 15.70 -2.44
CA ASP D 120 32.18 16.26 -1.31
C ASP D 120 31.38 15.79 -0.11
N LEU D 121 31.98 14.94 0.69
CA LEU D 121 31.30 14.42 1.87
C LEU D 121 32.24 14.31 3.07
N ASP D 122 31.69 14.56 4.27
CA ASP D 122 32.47 14.50 5.51
C ASP D 122 31.81 13.56 6.52
N VAL D 123 32.26 12.31 6.54
CA VAL D 123 31.67 11.35 7.45
C VAL D 123 32.39 11.31 8.79
N GLU D 124 31.61 11.46 9.86
CA GLU D 124 32.13 11.42 11.22
C GLU D 124 32.57 9.99 11.55
N GLN D 125 33.77 9.85 12.09
CA GLN D 125 34.32 8.54 12.42
C GLN D 125 34.38 8.19 13.91
N LEU D 126 34.22 6.91 14.24
CA LEU D 126 34.28 6.45 15.63
C LEU D 126 35.43 5.45 15.85
N GLY D 127 35.89 5.36 17.10
CA GLY D 127 36.94 4.44 17.45
C GLY D 127 36.31 3.28 18.21
N ILE D 128 36.10 2.16 17.53
CA ILE D 128 35.50 1.01 18.17
C ILE D 128 36.62 0.29 18.89
N PRO D 129 36.49 0.12 20.21
CA PRO D 129 37.53 -0.55 20.97
C PRO D 129 37.34 -2.04 21.07
N GLU D 130 38.44 -2.78 21.00
CA GLU D 130 38.36 -4.23 21.11
C GLU D 130 37.86 -4.52 22.52
N GLN D 131 36.79 -5.30 22.61
CA GLN D 131 36.25 -5.66 23.91
C GLN D 131 35.78 -7.10 23.92
N GLU D 132 35.60 -7.67 25.11
CA GLU D 132 35.17 -9.05 25.22
C GLU D 132 33.70 -9.10 25.64
N TYR D 133 32.82 -9.46 24.72
CA TYR D 133 31.42 -9.52 25.04
C TYR D 133 31.09 -10.74 25.91
N SER D 134 30.07 -10.61 26.75
CA SER D 134 29.70 -11.71 27.64
C SER D 134 28.62 -12.60 27.02
N CYS D 135 28.75 -12.85 25.72
CA CYS D 135 27.82 -13.71 24.99
C CYS D 135 28.05 -13.52 23.51
N VAL D 136 28.35 -14.61 22.83
CA VAL D 136 28.62 -14.58 21.41
C VAL D 136 27.89 -15.73 20.77
N VAL D 137 26.99 -15.43 19.84
CA VAL D 137 26.21 -16.44 19.18
C VAL D 137 26.57 -16.51 17.70
N LYS D 138 26.93 -17.71 17.24
CA LYS D 138 27.26 -17.88 15.82
C LYS D 138 26.13 -18.74 15.25
N MET D 139 25.49 -18.28 14.18
CA MET D 139 24.40 -19.03 13.63
C MET D 139 24.23 -18.83 12.12
N PRO D 140 23.24 -19.51 11.52
CA PRO D 140 23.02 -19.37 10.08
C PRO D 140 22.50 -17.99 9.72
N SER D 141 23.10 -17.41 8.69
CA SER D 141 22.69 -16.09 8.22
C SER D 141 21.21 -16.11 7.92
N GLY D 142 20.79 -17.18 7.27
CA GLY D 142 19.39 -17.33 6.91
C GLY D 142 18.43 -17.26 8.08
N GLU D 143 18.71 -18.05 9.12
CA GLU D 143 17.87 -18.07 10.30
C GLU D 143 17.74 -16.72 10.97
N PHE D 144 18.85 -16.15 11.40
CA PHE D 144 18.80 -14.86 12.06
C PHE D 144 17.98 -13.89 11.25
N ALA D 145 18.11 -13.98 9.93
CA ALA D 145 17.40 -13.08 9.03
C ALA D 145 15.91 -13.31 9.04
N ARG D 146 15.49 -14.55 9.27
CA ARG D 146 14.09 -14.89 9.31
C ARG D 146 13.51 -14.48 10.65
N ILE D 147 14.24 -14.80 11.71
CA ILE D 147 13.82 -14.47 13.07
C ILE D 147 13.47 -12.99 13.14
N CYS D 148 14.39 -12.14 12.70
CA CYS D 148 14.11 -10.71 12.73
C CYS D 148 12.88 -10.33 11.92
N ARG D 149 12.69 -10.97 10.77
CA ARG D 149 11.54 -10.65 9.94
C ARG D 149 10.24 -11.07 10.56
N ASP D 150 10.14 -12.33 10.96
CA ASP D 150 8.90 -12.79 11.56
C ASP D 150 8.60 -11.97 12.80
N LEU D 151 9.58 -11.85 13.67
CA LEU D 151 9.39 -11.11 14.90
C LEU D 151 8.98 -9.66 14.69
N SER D 152 9.29 -9.10 13.53
CA SER D 152 8.93 -7.72 13.29
C SER D 152 7.43 -7.63 13.03
N HIS D 153 6.79 -8.78 12.91
CA HIS D 153 5.35 -8.82 12.66
C HIS D 153 4.55 -8.86 13.96
N ILE D 154 5.16 -9.39 15.01
CA ILE D 154 4.48 -9.45 16.29
C ILE D 154 4.63 -8.11 17.03
N GLY D 155 5.84 -7.56 16.98
CA GLY D 155 6.14 -6.29 17.63
C GLY D 155 7.35 -5.62 16.97
N ASP D 156 7.77 -4.45 17.48
CA ASP D 156 8.91 -3.75 16.88
C ASP D 156 10.22 -3.84 17.64
N ALA D 157 10.17 -4.46 18.82
CA ALA D 157 11.37 -4.59 19.62
C ALA D 157 11.60 -6.06 19.93
N VAL D 158 12.85 -6.49 19.82
CA VAL D 158 13.19 -7.88 20.11
C VAL D 158 14.00 -7.99 21.39
N VAL D 159 13.73 -9.03 22.17
CA VAL D 159 14.45 -9.25 23.40
C VAL D 159 15.24 -10.54 23.30
N ILE D 160 16.53 -10.39 22.98
CA ILE D 160 17.44 -11.51 22.86
C ILE D 160 17.92 -11.90 24.25
N SER D 161 17.79 -13.18 24.57
CA SER D 161 18.18 -13.75 25.85
C SER D 161 19.22 -14.82 25.58
N CYS D 162 20.23 -14.93 26.44
CA CYS D 162 21.24 -15.94 26.17
C CYS D 162 21.85 -16.64 27.38
N ALA D 163 21.65 -17.96 27.43
CA ALA D 163 22.16 -18.81 28.48
C ALA D 163 23.28 -19.64 27.89
N LYS D 164 23.66 -20.69 28.60
CA LYS D 164 24.76 -21.54 28.16
C LYS D 164 24.45 -22.47 26.99
N ASP D 165 23.20 -22.90 26.86
CA ASP D 165 22.87 -23.82 25.79
C ASP D 165 21.85 -23.38 24.77
N GLY D 166 21.28 -22.20 24.97
CA GLY D 166 20.29 -21.73 24.01
C GLY D 166 20.23 -20.22 23.97
N VAL D 167 19.59 -19.68 22.96
CA VAL D 167 19.42 -18.25 22.84
C VAL D 167 17.95 -18.07 22.51
N LYS D 168 17.38 -16.91 22.84
CA LYS D 168 15.96 -16.73 22.59
C LYS D 168 15.55 -15.31 22.21
N PHE D 169 14.99 -15.15 21.01
CA PHE D 169 14.53 -13.84 20.57
C PHE D 169 13.04 -13.91 20.73
N SER D 170 12.50 -12.96 21.48
CA SER D 170 11.06 -12.91 21.71
C SER D 170 10.61 -11.48 21.56
N ALA D 171 9.34 -11.29 21.20
CA ALA D 171 8.78 -9.96 21.02
C ALA D 171 7.28 -9.97 21.27
N SER D 172 6.75 -8.92 21.89
CA SER D 172 5.33 -8.84 22.19
C SER D 172 4.68 -7.70 21.44
N GLY D 173 3.36 -7.78 21.27
CA GLY D 173 2.66 -6.75 20.55
C GLY D 173 1.15 -6.84 20.61
N GLU D 174 0.50 -6.13 19.71
CA GLU D 174 -0.96 -6.11 19.66
C GLU D 174 -1.60 -7.48 19.67
N LEU D 175 -1.32 -8.27 18.65
CA LEU D 175 -1.91 -9.59 18.55
C LEU D 175 -1.37 -10.62 19.55
N GLY D 176 -0.39 -10.21 20.33
CA GLY D 176 0.18 -11.12 21.30
C GLY D 176 1.69 -11.04 21.39
N ASN D 177 2.31 -12.14 21.80
CA ASN D 177 3.76 -12.18 21.90
C ASN D 177 4.23 -13.50 21.35
N GLY D 178 5.54 -13.60 21.08
CA GLY D 178 6.07 -14.82 20.54
C GLY D 178 7.53 -15.01 20.92
N ASN D 179 7.95 -16.27 21.04
CA ASN D 179 9.32 -16.58 21.41
C ASN D 179 9.92 -17.55 20.39
N ILE D 180 11.23 -17.48 20.21
CA ILE D 180 11.91 -18.39 19.30
C ILE D 180 13.19 -18.82 19.97
N LYS D 181 13.21 -20.06 20.44
CA LYS D 181 14.37 -20.60 21.13
C LYS D 181 15.29 -21.41 20.23
N LEU D 182 16.57 -21.04 20.21
CA LEU D 182 17.57 -21.77 19.45
C LEU D 182 18.40 -22.52 20.47
N SER D 183 18.51 -23.84 20.27
CA SER D 183 19.25 -24.69 21.18
C SER D 183 20.60 -25.01 20.56
N GLN D 184 21.64 -24.99 21.37
CA GLN D 184 22.98 -25.23 20.87
C GLN D 184 23.18 -26.62 20.28
N THR D 185 23.72 -26.66 19.07
CA THR D 185 23.96 -27.91 18.38
C THR D 185 25.16 -28.60 19.00
N SER D 186 25.01 -29.90 19.23
CA SER D 186 26.08 -30.73 19.81
C SER D 186 25.49 -32.08 20.20
N LYS D 190 28.18 -33.27 14.37
CA LYS D 190 28.42 -32.40 13.22
C LYS D 190 27.15 -32.21 12.41
N GLU D 191 27.14 -31.17 11.58
CA GLU D 191 26.00 -30.88 10.74
C GLU D 191 26.32 -29.70 9.83
N GLU D 192 25.37 -29.32 8.97
CA GLU D 192 25.56 -28.20 8.06
C GLU D 192 25.96 -26.97 8.86
N GLU D 193 25.01 -26.08 9.08
CA GLU D 193 25.29 -24.89 9.86
C GLU D 193 24.59 -24.99 11.22
N ALA D 194 25.42 -25.05 12.25
CA ALA D 194 24.94 -25.17 13.61
C ALA D 194 25.05 -23.87 14.37
N VAL D 195 24.34 -23.81 15.48
CA VAL D 195 24.32 -22.66 16.36
C VAL D 195 25.32 -22.92 17.47
N THR D 196 26.14 -21.92 17.79
CA THR D 196 27.14 -22.08 18.83
C THR D 196 27.14 -20.86 19.74
N ILE D 197 27.06 -21.11 21.04
CA ILE D 197 27.05 -20.05 22.04
C ILE D 197 28.28 -20.12 22.93
N GLU D 198 29.06 -19.05 22.97
CA GLU D 198 30.27 -18.99 23.79
C GLU D 198 29.99 -17.92 24.83
N MET D 199 29.12 -18.24 25.78
CA MET D 199 28.70 -17.32 26.84
C MET D 199 29.46 -17.26 28.17
N ASN D 200 29.88 -16.06 28.56
CA ASN D 200 30.59 -15.85 29.83
C ASN D 200 29.54 -15.49 30.86
N GLU D 201 28.87 -14.36 30.67
CA GLU D 201 27.80 -13.94 31.58
C GLU D 201 26.51 -14.00 30.80
N PRO D 202 25.39 -14.32 31.46
CA PRO D 202 24.09 -14.40 30.78
C PRO D 202 23.66 -13.01 30.35
N VAL D 203 22.86 -12.92 29.29
CA VAL D 203 22.41 -11.61 28.83
C VAL D 203 21.00 -11.59 28.32
N GLN D 204 20.37 -10.44 28.48
CA GLN D 204 19.02 -10.20 28.02
C GLN D 204 18.95 -8.75 27.57
N LEU D 205 19.00 -8.56 26.25
CA LEU D 205 18.97 -7.22 25.70
C LEU D 205 17.75 -6.98 24.83
N THR D 206 17.49 -5.71 24.56
CA THR D 206 16.38 -5.31 23.73
C THR D 206 16.92 -4.48 22.58
N PHE D 207 16.44 -4.74 21.37
CA PHE D 207 16.91 -4.01 20.19
C PHE D 207 15.76 -3.76 19.24
N ALA D 208 15.84 -2.69 18.45
CA ALA D 208 14.78 -2.36 17.50
C ALA D 208 14.88 -3.19 16.24
N LEU D 209 13.89 -4.02 15.97
CA LEU D 209 13.90 -4.87 14.80
C LEU D 209 14.08 -4.13 13.48
N ARG D 210 13.48 -2.95 13.36
CA ARG D 210 13.58 -2.14 12.15
C ARG D 210 15.03 -2.14 11.68
N TYR D 211 15.92 -1.76 12.60
CA TYR D 211 17.33 -1.69 12.32
C TYR D 211 17.95 -3.02 11.97
N LEU D 212 17.53 -4.07 12.67
CA LEU D 212 18.09 -5.38 12.39
C LEU D 212 17.73 -5.84 11.00
N ASN D 213 16.51 -5.56 10.59
CA ASN D 213 16.07 -5.99 9.28
C ASN D 213 16.88 -5.36 8.17
N PHE D 214 17.61 -4.30 8.50
CA PHE D 214 18.46 -3.69 7.52
C PHE D 214 19.73 -4.53 7.54
N PHE D 215 20.27 -4.74 8.73
CA PHE D 215 21.49 -5.52 8.85
C PHE D 215 21.38 -6.81 8.08
N THR D 216 20.21 -7.43 8.10
CA THR D 216 20.05 -8.70 7.42
C THR D 216 20.14 -8.64 5.89
N LYS D 217 20.11 -7.44 5.34
CA LYS D 217 20.23 -7.30 3.89
C LYS D 217 21.59 -7.82 3.48
N ALA D 218 22.49 -7.91 4.45
CA ALA D 218 23.83 -8.40 4.20
C ALA D 218 23.93 -9.91 4.23
N THR D 219 22.79 -10.60 4.36
CA THR D 219 22.82 -12.06 4.46
C THR D 219 23.50 -12.86 3.33
N PRO D 220 23.37 -12.44 2.08
CA PRO D 220 24.02 -13.22 1.01
C PRO D 220 25.56 -13.23 0.99
N LEU D 221 26.17 -12.43 1.85
CA LEU D 221 27.62 -12.35 1.89
C LEU D 221 28.28 -13.48 2.64
N SER D 222 27.51 -14.14 3.49
CA SER D 222 28.05 -15.23 4.28
C SER D 222 26.97 -16.17 4.69
N SER D 223 27.29 -17.46 4.76
CA SER D 223 26.31 -18.48 5.13
C SER D 223 26.00 -18.34 6.62
N THR D 224 27.03 -18.04 7.39
CA THR D 224 26.89 -17.88 8.82
C THR D 224 26.99 -16.42 9.27
N VAL D 225 26.38 -16.12 10.41
CA VAL D 225 26.38 -14.78 11.00
C VAL D 225 26.65 -14.89 12.49
N THR D 226 27.41 -13.94 13.06
CA THR D 226 27.70 -14.01 14.47
C THR D 226 27.38 -12.72 15.27
N LEU D 227 26.59 -12.90 16.33
CA LEU D 227 26.15 -11.82 17.19
C LEU D 227 26.97 -11.76 18.47
N SER D 228 27.51 -10.59 18.81
CA SER D 228 28.29 -10.39 20.03
C SER D 228 27.55 -9.41 20.92
N MET D 229 27.33 -9.75 22.18
CA MET D 229 26.61 -8.83 23.06
C MET D 229 27.02 -8.74 24.53
N SER D 230 26.71 -7.59 25.13
CA SER D 230 27.02 -7.29 26.53
C SER D 230 25.94 -6.43 27.19
N ALA D 231 25.97 -6.42 28.51
CA ALA D 231 25.05 -5.66 29.36
C ALA D 231 24.28 -4.52 28.70
N ASP D 232 24.70 -3.28 28.92
CA ASP D 232 23.99 -2.10 28.38
C ASP D 232 24.65 -1.35 27.25
N VAL D 233 25.41 -2.05 26.42
CA VAL D 233 26.09 -1.44 25.30
C VAL D 233 25.51 -2.02 24.01
N PRO D 234 26.07 -1.64 22.85
CA PRO D 234 25.65 -2.09 21.53
C PRO D 234 25.74 -3.58 21.24
N LEU D 235 24.99 -4.02 20.24
CA LEU D 235 24.98 -5.40 19.77
C LEU D 235 25.79 -5.38 18.51
N VAL D 236 26.67 -6.37 18.34
CA VAL D 236 27.46 -6.42 17.11
C VAL D 236 27.09 -7.61 16.22
N VAL D 237 26.51 -7.27 15.07
CA VAL D 237 26.06 -8.24 14.09
C VAL D 237 27.13 -8.31 13.00
N GLU D 238 27.80 -9.46 12.88
CA GLU D 238 28.87 -9.60 11.91
C GLU D 238 28.75 -10.67 10.84
N TYR D 239 29.03 -10.27 9.60
CA TYR D 239 28.98 -11.18 8.46
C TYR D 239 30.39 -11.26 7.90
N LYS D 240 30.94 -12.47 7.78
CA LYS D 240 32.29 -12.59 7.26
C LYS D 240 32.25 -12.70 5.74
N ILE D 241 33.04 -11.87 5.07
CA ILE D 241 33.06 -11.88 3.62
C ILE D 241 34.13 -12.76 2.96
N ALA D 242 33.87 -14.07 2.90
CA ALA D 242 34.81 -14.98 2.27
C ALA D 242 36.18 -14.81 2.89
N ASP D 243 37.22 -14.85 2.08
CA ASP D 243 38.58 -14.69 2.59
C ASP D 243 39.07 -13.31 2.22
N MET D 244 38.15 -12.35 2.23
CA MET D 244 38.49 -10.99 1.85
C MET D 244 38.36 -9.96 2.96
N GLY D 245 37.53 -10.25 3.94
CA GLY D 245 37.34 -9.32 5.03
C GLY D 245 36.05 -9.60 5.73
N HIS D 246 35.28 -8.57 6.06
CA HIS D 246 34.02 -8.77 6.75
C HIS D 246 33.21 -7.48 6.79
N LEU D 247 32.05 -7.54 7.43
CA LEU D 247 31.14 -6.39 7.55
C LEU D 247 30.39 -6.42 8.88
N LYS D 248 30.58 -5.39 9.71
CA LYS D 248 29.90 -5.36 11.00
C LYS D 248 28.93 -4.20 11.13
N TYR D 249 27.83 -4.44 11.83
CA TYR D 249 26.84 -3.42 12.10
C TYR D 249 26.75 -3.37 13.61
N TYR D 250 26.71 -2.18 14.18
CA TYR D 250 26.59 -2.11 15.61
C TYR D 250 25.27 -1.43 15.87
N LEU D 251 24.52 -1.94 16.83
CA LEU D 251 23.23 -1.36 17.15
C LEU D 251 23.10 -1.08 18.62
N ALA D 252 22.84 0.19 18.96
CA ALA D 252 22.68 0.54 20.36
C ALA D 252 21.40 -0.12 20.85
N PRO D 253 21.36 -0.44 22.14
CA PRO D 253 20.20 -1.10 22.71
C PRO D 253 19.14 -0.10 23.09
N LYS D 254 17.94 -0.61 23.31
CA LYS D 254 16.80 0.18 23.70
C LYS D 254 16.84 0.18 25.23
N ILE D 255 16.85 1.37 25.85
CA ILE D 255 16.93 1.47 27.30
C ILE D 255 15.78 0.81 28.05
N GLU D 256 16.14 0.01 29.05
CA GLU D 256 15.18 -0.74 29.86
C GLU D 256 14.84 -0.06 31.19
N ASP D 257 13.89 -0.65 31.91
CA ASP D 257 13.44 -0.13 33.21
C ASP D 257 14.52 0.00 34.26
N GLU D 258 15.00 1.22 34.44
CA GLU D 258 16.04 1.52 35.43
C GLU D 258 15.70 2.90 36.00
N GLU D 259 14.51 3.35 35.67
CA GLU D 259 13.97 4.64 36.09
C GLU D 259 13.46 4.52 37.53
N MET E 1 -16.30 -9.35 -44.26
CA MET E 1 -16.08 -10.65 -43.56
C MET E 1 -14.62 -10.82 -43.19
N PHE E 2 -14.36 -11.64 -42.18
CA PHE E 2 -13.00 -11.88 -41.71
C PHE E 2 -12.92 -12.99 -40.66
N GLU E 3 -12.03 -13.95 -40.88
CA GLU E 3 -11.82 -15.05 -39.93
C GLU E 3 -10.42 -15.68 -40.02
N ALA E 4 -9.61 -15.44 -38.99
CA ALA E 4 -8.25 -15.99 -38.95
C ALA E 4 -8.06 -16.90 -37.76
N ARG E 5 -7.60 -18.13 -38.03
CA ARG E 5 -7.34 -19.10 -36.98
C ARG E 5 -5.83 -19.21 -36.94
N LEU E 6 -5.26 -18.89 -35.78
CA LEU E 6 -3.82 -18.93 -35.59
C LEU E 6 -3.49 -19.93 -34.50
N VAL E 7 -2.82 -21.01 -34.88
CA VAL E 7 -2.46 -22.05 -33.92
C VAL E 7 -1.60 -21.53 -32.80
N GLN E 8 -0.57 -20.76 -33.15
CA GLN E 8 0.32 -20.19 -32.16
C GLN E 8 -0.32 -18.92 -31.61
N GLY E 9 -1.30 -19.07 -30.73
CA GLY E 9 -1.98 -17.93 -30.14
C GLY E 9 -1.09 -16.96 -29.37
N SER E 10 -0.07 -17.51 -28.70
CA SER E 10 0.87 -16.70 -27.94
C SER E 10 1.33 -15.46 -28.72
N ILE E 11 1.35 -15.57 -30.04
CA ILE E 11 1.76 -14.48 -30.88
C ILE E 11 0.86 -13.27 -30.64
N LEU E 12 -0.45 -13.48 -30.69
CA LEU E 12 -1.36 -12.36 -30.44
C LEU E 12 -1.11 -11.82 -29.05
N LYS E 13 -1.19 -12.69 -28.05
CA LYS E 13 -0.95 -12.26 -26.69
C LYS E 13 0.30 -11.40 -26.67
N LYS E 14 1.43 -12.00 -27.03
CA LYS E 14 2.69 -11.26 -27.01
C LYS E 14 2.67 -9.96 -27.77
N VAL E 15 2.02 -9.94 -28.93
CA VAL E 15 1.96 -8.72 -29.74
C VAL E 15 1.23 -7.59 -29.02
N LEU E 16 -0.01 -7.87 -28.63
CA LEU E 16 -0.83 -6.92 -27.93
C LEU E 16 -0.18 -6.43 -26.66
N GLU E 17 0.81 -7.13 -26.16
CA GLU E 17 1.46 -6.68 -24.95
C GLU E 17 2.54 -5.66 -25.34
N ALA E 18 3.19 -5.92 -26.46
CA ALA E 18 4.23 -5.03 -26.97
C ALA E 18 3.63 -3.70 -27.41
N LEU E 19 2.45 -3.79 -28.01
CA LEU E 19 1.76 -2.60 -28.51
C LEU E 19 1.03 -1.74 -27.48
N LYS E 20 0.17 -2.37 -26.69
CA LYS E 20 -0.65 -1.65 -25.74
C LYS E 20 0.08 -0.59 -24.94
N ASP E 21 1.35 -0.81 -24.65
CA ASP E 21 2.08 0.14 -23.83
C ASP E 21 2.70 1.30 -24.57
N LEU E 22 2.82 1.21 -25.89
CA LEU E 22 3.40 2.29 -26.67
C LEU E 22 2.34 3.09 -27.39
N ILE E 23 1.19 2.49 -27.62
CA ILE E 23 0.10 3.18 -28.29
C ILE E 23 -1.14 2.60 -27.64
N ASN E 24 -2.11 3.45 -27.33
CA ASN E 24 -3.33 3.05 -26.65
C ASN E 24 -4.42 2.41 -27.50
N GLU E 25 -4.42 2.73 -28.78
CA GLU E 25 -5.42 2.23 -29.71
C GLU E 25 -4.91 2.33 -31.15
N ALA E 26 -5.52 1.56 -32.06
CA ALA E 26 -5.08 1.64 -33.45
C ALA E 26 -5.97 0.86 -34.39
N CYS E 27 -5.69 1.03 -35.69
CA CYS E 27 -6.42 0.37 -36.77
C CYS E 27 -5.71 -0.81 -37.37
N TRP E 28 -6.40 -1.94 -37.41
CA TRP E 28 -5.86 -3.16 -38.00
C TRP E 28 -6.32 -3.24 -39.44
N ASP E 29 -5.39 -3.11 -40.38
CA ASP E 29 -5.79 -3.18 -41.77
C ASP E 29 -5.88 -4.63 -42.25
N ILE E 30 -7.09 -5.17 -42.27
CA ILE E 30 -7.30 -6.54 -42.70
C ILE E 30 -7.54 -6.66 -44.21
N SER E 31 -6.92 -7.68 -44.81
CA SER E 31 -7.04 -7.92 -46.24
C SER E 31 -6.73 -9.37 -46.60
N SER E 32 -6.77 -9.65 -47.90
CA SER E 32 -6.48 -10.99 -48.40
C SER E 32 -5.02 -11.28 -48.16
N SER E 33 -4.23 -10.23 -48.03
CA SER E 33 -2.82 -10.36 -47.78
C SER E 33 -2.64 -10.97 -46.41
N GLY E 34 -2.99 -10.19 -45.39
CA GLY E 34 -2.86 -10.65 -44.02
C GLY E 34 -3.34 -9.56 -43.08
N VAL E 35 -2.68 -9.44 -41.94
CA VAL E 35 -3.03 -8.45 -40.96
C VAL E 35 -1.86 -7.51 -40.81
N ASN E 36 -2.12 -6.22 -40.91
CA ASN E 36 -1.06 -5.25 -40.80
C ASN E 36 -1.55 -4.17 -39.85
N LEU E 37 -0.62 -3.41 -39.27
CA LEU E 37 -0.99 -2.36 -38.34
C LEU E 37 0.11 -1.31 -38.20
N GLN E 38 -0.27 -0.04 -38.35
CA GLN E 38 0.69 1.05 -38.20
C GLN E 38 0.07 2.18 -37.39
N SER E 39 0.89 2.82 -36.57
CA SER E 39 0.47 3.91 -35.71
C SER E 39 1.73 4.46 -35.06
N MET E 40 1.73 5.74 -34.74
CA MET E 40 2.91 6.34 -34.09
C MET E 40 2.51 6.65 -32.67
N ASP E 41 3.48 7.05 -31.86
CA ASP E 41 3.17 7.41 -30.47
C ASP E 41 2.65 8.84 -30.56
N SER E 42 1.88 9.26 -29.58
CA SER E 42 1.32 10.61 -29.60
C SER E 42 2.29 11.71 -29.97
N SER E 43 3.58 11.46 -29.85
CA SER E 43 4.55 12.50 -30.17
C SER E 43 5.01 12.43 -31.62
N HIS E 44 4.74 11.31 -32.26
CA HIS E 44 5.11 11.12 -33.65
C HIS E 44 6.63 11.09 -33.83
N VAL E 45 7.33 10.54 -32.85
CA VAL E 45 8.80 10.41 -32.91
C VAL E 45 9.12 8.96 -33.18
N SER E 46 8.10 8.14 -33.21
CA SER E 46 8.28 6.71 -33.41
C SER E 46 6.99 6.06 -33.90
N LEU E 47 7.10 4.84 -34.39
CA LEU E 47 5.91 4.11 -34.85
C LEU E 47 6.12 2.61 -34.85
N VAL E 48 5.00 1.89 -34.78
CA VAL E 48 5.00 0.43 -34.81
C VAL E 48 4.51 -0.07 -36.16
N GLN E 49 5.18 -1.07 -36.72
CA GLN E 49 4.79 -1.60 -38.01
C GLN E 49 4.62 -3.10 -37.85
N LEU E 50 3.42 -3.52 -37.50
CA LEU E 50 3.10 -4.92 -37.32
C LEU E 50 2.70 -5.59 -38.63
N THR E 51 3.22 -6.79 -38.88
CA THR E 51 2.88 -7.49 -40.11
C THR E 51 2.70 -8.98 -39.90
N LEU E 52 1.49 -9.48 -40.20
CA LEU E 52 1.21 -10.88 -40.03
C LEU E 52 0.69 -11.52 -41.30
N ARG E 53 1.61 -11.99 -42.16
CA ARG E 53 1.23 -12.64 -43.42
C ARG E 53 0.16 -13.73 -43.25
N SER E 54 -0.86 -13.71 -44.11
CA SER E 54 -1.93 -14.70 -44.02
C SER E 54 -1.38 -16.09 -44.30
N GLU E 55 -0.12 -16.14 -44.71
CA GLU E 55 0.49 -17.41 -45.01
C GLU E 55 0.75 -18.13 -43.69
N GLY E 56 0.83 -17.36 -42.61
CA GLY E 56 1.10 -17.96 -41.33
C GLY E 56 -0.10 -18.51 -40.59
N PHE E 57 -1.29 -18.04 -40.92
CA PHE E 57 -2.48 -18.49 -40.22
C PHE E 57 -2.92 -19.87 -40.63
N ASP E 58 -3.48 -20.61 -39.67
CA ASP E 58 -3.94 -21.97 -39.95
C ASP E 58 -5.05 -21.93 -40.95
N THR E 59 -5.87 -20.89 -40.87
CA THR E 59 -6.97 -20.71 -41.82
C THR E 59 -7.21 -19.22 -41.83
N TYR E 60 -7.33 -18.65 -43.03
CA TYR E 60 -7.54 -17.23 -43.19
C TYR E 60 -8.70 -17.09 -44.14
N ARG E 61 -9.33 -15.93 -44.17
CA ARG E 61 -10.46 -15.70 -45.04
C ARG E 61 -10.99 -14.29 -44.83
N CYS E 62 -10.65 -13.41 -45.76
CA CYS E 62 -11.08 -12.03 -45.72
C CYS E 62 -11.52 -11.68 -47.12
N ASP E 63 -12.81 -11.79 -47.41
CA ASP E 63 -13.30 -11.46 -48.73
C ASP E 63 -13.31 -9.95 -48.92
N ARG E 64 -13.82 -9.22 -47.95
CA ARG E 64 -13.82 -7.76 -48.07
C ARG E 64 -12.85 -7.16 -47.04
N ASN E 65 -11.99 -6.26 -47.50
CA ASN E 65 -10.99 -5.61 -46.62
C ASN E 65 -11.67 -4.93 -45.45
N LEU E 66 -10.95 -4.89 -44.33
CA LEU E 66 -11.45 -4.27 -43.13
C LEU E 66 -10.40 -3.40 -42.49
N ALA E 67 -10.86 -2.44 -41.70
CA ALA E 67 -9.99 -1.53 -40.96
C ALA E 67 -10.63 -1.45 -39.60
N MET E 68 -10.20 -2.30 -38.68
CA MET E 68 -10.78 -2.30 -37.34
C MET E 68 -10.19 -1.26 -36.42
N GLY E 69 -11.06 -0.53 -35.75
CA GLY E 69 -10.60 0.46 -34.81
C GLY E 69 -10.58 -0.34 -33.53
N VAL E 70 -9.44 -0.39 -32.86
CA VAL E 70 -9.35 -1.18 -31.64
C VAL E 70 -8.65 -0.50 -30.48
N ASN E 71 -9.30 -0.51 -29.33
CA ASN E 71 -8.69 0.03 -28.11
C ASN E 71 -7.73 -1.08 -27.70
N LEU E 72 -6.45 -0.91 -28.03
CA LEU E 72 -5.45 -1.93 -27.73
C LEU E 72 -5.56 -2.51 -26.34
N THR E 73 -5.56 -1.63 -25.36
CA THR E 73 -5.66 -2.05 -23.97
C THR E 73 -6.73 -3.13 -23.75
N SER E 74 -7.94 -2.90 -24.26
CA SER E 74 -9.01 -3.85 -24.10
C SER E 74 -8.63 -5.23 -24.66
N MET E 75 -7.95 -5.24 -25.81
CA MET E 75 -7.51 -6.49 -26.43
C MET E 75 -6.55 -7.14 -25.47
N SER E 76 -5.60 -6.36 -24.98
CA SER E 76 -4.65 -6.86 -24.01
C SER E 76 -5.38 -7.60 -22.89
N LYS E 77 -6.40 -6.97 -22.31
CA LYS E 77 -7.18 -7.57 -21.22
C LYS E 77 -7.90 -8.85 -21.62
N ILE E 78 -8.50 -8.86 -22.80
CA ILE E 78 -9.23 -10.04 -23.25
C ILE E 78 -8.32 -11.18 -23.64
N LEU E 79 -7.15 -10.84 -24.18
CA LEU E 79 -6.19 -11.85 -24.59
C LEU E 79 -5.46 -12.46 -23.39
N LYS E 80 -5.45 -11.75 -22.27
CA LYS E 80 -4.81 -12.27 -21.07
C LYS E 80 -5.65 -13.44 -20.57
N CYS E 81 -6.81 -13.66 -21.21
CA CYS E 81 -7.67 -14.75 -20.84
C CYS E 81 -7.38 -15.93 -21.73
N ALA E 82 -6.51 -15.73 -22.71
CA ALA E 82 -6.17 -16.81 -23.63
C ALA E 82 -4.99 -17.62 -23.11
N GLY E 83 -5.09 -18.94 -23.24
CA GLY E 83 -4.00 -19.77 -22.77
C GLY E 83 -2.76 -19.67 -23.63
N ASN E 84 -1.61 -19.40 -23.03
CA ASN E 84 -0.37 -19.29 -23.78
C ASN E 84 -0.20 -20.36 -24.86
N GLU E 85 -0.98 -21.45 -24.78
CA GLU E 85 -0.85 -22.50 -25.76
C GLU E 85 -2.14 -22.74 -26.55
N ASP E 86 -3.11 -21.86 -26.35
CA ASP E 86 -4.41 -21.95 -27.02
C ASP E 86 -4.41 -21.52 -28.48
N ILE E 87 -5.50 -21.80 -29.17
CA ILE E 87 -5.61 -21.39 -30.56
C ILE E 87 -6.55 -20.19 -30.61
N ILE E 88 -5.95 -19.00 -30.70
CA ILE E 88 -6.67 -17.73 -30.79
C ILE E 88 -7.25 -17.75 -32.18
N THR E 89 -8.46 -17.23 -32.33
CA THR E 89 -9.11 -17.20 -33.64
C THR E 89 -9.91 -15.92 -33.74
N LEU E 90 -9.46 -15.02 -34.61
CA LEU E 90 -10.15 -13.75 -34.78
C LEU E 90 -11.24 -13.90 -35.82
N ARG E 91 -12.26 -13.05 -35.73
CA ARG E 91 -13.36 -13.08 -36.69
C ARG E 91 -14.05 -11.77 -36.59
N ALA E 92 -14.51 -11.27 -37.73
CA ALA E 92 -15.19 -9.97 -37.78
C ALA E 92 -16.21 -9.93 -38.91
N GLU E 93 -17.34 -9.28 -38.66
CA GLU E 93 -18.37 -9.19 -39.68
C GLU E 93 -18.07 -8.04 -40.60
N ASP E 94 -18.79 -7.99 -41.73
CA ASP E 94 -18.57 -6.96 -42.73
C ASP E 94 -18.55 -5.55 -42.15
N ASN E 95 -19.70 -5.01 -41.80
CA ASN E 95 -19.70 -3.68 -41.21
C ASN E 95 -19.67 -3.88 -39.71
N ALA E 96 -18.69 -4.65 -39.27
CA ALA E 96 -18.50 -5.00 -37.86
C ALA E 96 -18.38 -3.84 -36.89
N ASP E 97 -18.96 -4.06 -35.72
CA ASP E 97 -18.95 -3.09 -34.64
C ASP E 97 -18.27 -3.75 -33.45
N THR E 98 -17.98 -5.03 -33.59
CA THR E 98 -17.31 -5.78 -32.54
C THR E 98 -16.39 -6.85 -33.14
N LEU E 99 -15.46 -7.37 -32.34
CA LEU E 99 -14.51 -8.39 -32.79
C LEU E 99 -14.68 -9.69 -32.01
N ALA E 100 -14.79 -10.80 -32.73
CA ALA E 100 -14.95 -12.10 -32.12
C ALA E 100 -13.60 -12.77 -31.92
N LEU E 101 -13.31 -13.19 -30.68
CA LEU E 101 -12.07 -13.87 -30.38
C LEU E 101 -12.46 -15.22 -29.83
N VAL E 102 -11.76 -16.27 -30.27
CA VAL E 102 -12.08 -17.62 -29.80
C VAL E 102 -10.87 -18.41 -29.34
N PHE E 103 -10.66 -18.49 -28.04
CA PHE E 103 -9.52 -19.23 -27.54
C PHE E 103 -9.79 -20.72 -27.44
N GLU E 104 -8.94 -21.53 -28.06
CA GLU E 104 -9.10 -22.98 -28.07
C GLU E 104 -7.96 -23.71 -27.40
N ALA E 105 -8.21 -24.27 -26.23
CA ALA E 105 -7.17 -25.03 -25.57
C ALA E 105 -7.06 -26.29 -26.41
N PRO E 106 -5.83 -26.71 -26.74
CA PRO E 106 -5.62 -27.92 -27.55
C PRO E 106 -6.24 -29.15 -26.87
N ASN E 107 -6.18 -29.19 -25.55
CA ASN E 107 -6.73 -30.32 -24.78
C ASN E 107 -8.23 -30.52 -25.03
N GLN E 108 -8.80 -29.70 -25.92
CA GLN E 108 -10.21 -29.80 -26.28
C GLN E 108 -11.21 -29.84 -25.13
N GLU E 109 -10.75 -29.54 -23.91
CA GLU E 109 -11.67 -29.57 -22.79
C GLU E 109 -12.13 -28.18 -22.40
N LYS E 110 -11.50 -27.17 -22.98
CA LYS E 110 -11.85 -25.78 -22.69
C LYS E 110 -11.86 -24.88 -23.92
N VAL E 111 -12.89 -24.05 -24.01
CA VAL E 111 -13.04 -23.10 -25.10
C VAL E 111 -13.68 -21.82 -24.62
N SER E 112 -13.02 -20.71 -24.91
CA SER E 112 -13.55 -19.43 -24.52
C SER E 112 -13.84 -18.70 -25.82
N ASP E 113 -14.53 -17.58 -25.70
CA ASP E 113 -14.85 -16.75 -26.84
C ASP E 113 -15.36 -15.44 -26.24
N TYR E 114 -14.74 -14.35 -26.63
CA TYR E 114 -15.14 -13.06 -26.13
C TYR E 114 -15.54 -12.16 -27.31
N GLU E 115 -16.51 -11.28 -27.07
CA GLU E 115 -16.93 -10.37 -28.10
C GLU E 115 -16.49 -9.02 -27.58
N MET E 116 -15.54 -8.42 -28.27
CA MET E 116 -15.01 -7.13 -27.88
C MET E 116 -15.55 -5.98 -28.72
N LYS E 117 -15.90 -4.90 -28.05
CA LYS E 117 -16.42 -3.72 -28.71
C LYS E 117 -15.32 -3.06 -29.53
N LEU E 118 -15.69 -2.52 -30.69
CA LEU E 118 -14.71 -1.84 -31.56
C LEU E 118 -14.93 -0.34 -31.43
N MET E 119 -14.23 0.46 -32.22
CA MET E 119 -14.40 1.88 -32.13
C MET E 119 -14.02 2.58 -33.42
N ASP E 120 -14.38 3.85 -33.52
CA ASP E 120 -14.07 4.64 -34.71
C ASP E 120 -12.71 5.23 -34.48
N LEU E 121 -11.88 5.26 -35.52
CA LEU E 121 -10.54 5.78 -35.37
C LEU E 121 -9.83 6.11 -36.69
N ASP E 122 -9.17 7.27 -36.72
CA ASP E 122 -8.42 7.72 -37.90
C ASP E 122 -6.95 7.72 -37.51
N VAL E 123 -6.10 7.09 -38.32
CA VAL E 123 -4.68 7.00 -37.99
C VAL E 123 -3.69 7.48 -39.01
N GLU E 124 -3.10 8.65 -38.76
CA GLU E 124 -2.14 9.21 -39.69
C GLU E 124 -1.08 8.18 -40.09
N GLN E 125 -0.99 7.88 -41.38
CA GLN E 125 -0.02 6.93 -41.88
C GLN E 125 1.26 7.61 -42.35
N LEU E 126 2.31 6.81 -42.55
CA LEU E 126 3.62 7.28 -42.99
C LEU E 126 4.16 6.27 -43.98
N GLY E 127 4.88 6.76 -44.99
CA GLY E 127 5.42 5.85 -45.97
C GLY E 127 6.89 5.56 -45.75
N ILE E 128 7.19 4.36 -45.26
CA ILE E 128 8.57 4.00 -45.02
C ILE E 128 9.03 3.30 -46.28
N PRO E 129 9.89 3.96 -47.04
CA PRO E 129 10.42 3.44 -48.30
C PRO E 129 11.34 2.28 -48.02
N GLU E 130 11.40 1.31 -48.94
CA GLU E 130 12.29 0.17 -48.75
C GLU E 130 13.70 0.72 -48.88
N GLN E 131 14.54 0.52 -47.88
CA GLN E 131 15.92 1.02 -47.93
C GLN E 131 16.95 0.16 -47.23
N GLU E 132 18.15 0.12 -47.81
CA GLU E 132 19.24 -0.65 -47.25
C GLU E 132 19.99 0.25 -46.27
N TYR E 133 20.49 -0.32 -45.17
CA TYR E 133 21.20 0.48 -44.16
C TYR E 133 22.72 0.26 -44.03
N SER E 134 23.39 1.25 -43.43
CA SER E 134 24.83 1.24 -43.23
C SER E 134 25.31 0.23 -42.19
N CYS E 135 24.51 0.04 -41.15
CA CYS E 135 24.84 -0.91 -40.08
C CYS E 135 23.63 -1.76 -39.78
N VAL E 136 23.86 -3.04 -39.51
CA VAL E 136 22.77 -3.94 -39.15
C VAL E 136 23.28 -4.91 -38.11
N VAL E 137 22.86 -4.68 -36.87
CA VAL E 137 23.25 -5.46 -35.71
C VAL E 137 22.19 -6.44 -35.23
N LYS E 138 22.44 -7.73 -35.42
CA LYS E 138 21.54 -8.78 -34.96
C LYS E 138 22.13 -9.14 -33.61
N MET E 139 21.29 -9.23 -32.58
CA MET E 139 21.83 -9.56 -31.28
C MET E 139 20.72 -10.02 -30.35
N PRO E 140 21.07 -10.75 -29.27
CA PRO E 140 20.13 -11.28 -28.28
C PRO E 140 19.09 -10.22 -27.97
N SER E 141 17.82 -10.56 -28.14
CA SER E 141 16.77 -9.59 -27.90
C SER E 141 16.69 -9.24 -26.42
N GLY E 142 17.03 -10.20 -25.58
CA GLY E 142 17.00 -9.96 -24.15
C GLY E 142 18.21 -9.20 -23.68
N GLU E 143 19.27 -9.22 -24.48
CA GLU E 143 20.48 -8.50 -24.15
C GLU E 143 20.20 -7.04 -24.43
N PHE E 144 19.63 -6.78 -25.60
CA PHE E 144 19.29 -5.43 -26.00
C PHE E 144 18.30 -4.86 -25.01
N ALA E 145 17.54 -5.72 -24.35
CA ALA E 145 16.59 -5.20 -23.38
C ALA E 145 17.31 -4.69 -22.15
N ARG E 146 18.17 -5.52 -21.58
CA ARG E 146 18.92 -5.17 -20.39
C ARG E 146 19.74 -3.92 -20.64
N ILE E 147 20.33 -3.82 -21.82
CA ILE E 147 21.12 -2.65 -22.11
C ILE E 147 20.30 -1.37 -22.02
N CYS E 148 19.25 -1.29 -22.81
CA CYS E 148 18.40 -0.10 -22.83
C CYS E 148 17.88 0.29 -21.46
N ARG E 149 17.58 -0.72 -20.64
CA ARG E 149 17.08 -0.54 -19.29
C ARG E 149 18.17 0.05 -18.42
N ASP E 150 19.25 -0.71 -18.29
CA ASP E 150 20.34 -0.25 -17.46
C ASP E 150 20.83 1.15 -17.76
N LEU E 151 21.12 1.45 -19.03
CA LEU E 151 21.59 2.80 -19.34
C LEU E 151 20.48 3.81 -19.07
N SER E 152 19.24 3.36 -19.09
CA SER E 152 18.14 4.26 -18.87
C SER E 152 18.16 4.77 -17.44
N HIS E 153 19.09 4.27 -16.64
CA HIS E 153 19.22 4.68 -15.24
C HIS E 153 20.39 5.62 -15.06
N ILE E 154 21.23 5.69 -16.08
CA ILE E 154 22.40 6.53 -16.07
C ILE E 154 21.99 7.83 -16.73
N GLY E 155 21.42 7.70 -17.92
CA GLY E 155 20.97 8.86 -18.66
C GLY E 155 19.65 8.51 -19.31
N ASP E 156 19.14 9.41 -20.15
CA ASP E 156 17.88 9.17 -20.84
C ASP E 156 18.08 9.31 -22.35
N ALA E 157 19.36 9.34 -22.74
CA ALA E 157 19.77 9.45 -24.13
C ALA E 157 20.95 8.49 -24.34
N VAL E 158 20.85 7.65 -25.36
CA VAL E 158 21.91 6.69 -25.66
C VAL E 158 22.57 6.95 -27.00
N VAL E 159 23.86 6.66 -27.04
CA VAL E 159 24.59 6.82 -28.28
C VAL E 159 25.00 5.43 -28.76
N ILE E 160 24.45 5.02 -29.89
CA ILE E 160 24.78 3.73 -30.47
C ILE E 160 25.94 4.02 -31.42
N SER E 161 27.04 3.29 -31.25
CA SER E 161 28.21 3.49 -32.08
C SER E 161 28.62 2.19 -32.71
N CYS E 162 28.08 1.93 -33.90
CA CYS E 162 28.34 0.71 -34.63
C CYS E 162 29.64 0.83 -35.44
N ALA E 163 30.29 -0.31 -35.66
CA ALA E 163 31.55 -0.37 -36.40
C ALA E 163 31.75 -1.83 -36.82
N LYS E 164 32.78 -2.09 -37.61
CA LYS E 164 33.03 -3.46 -38.04
C LYS E 164 33.40 -4.31 -36.84
N ASP E 165 34.02 -3.67 -35.87
CA ASP E 165 34.46 -4.32 -34.64
C ASP E 165 33.29 -4.71 -33.71
N GLY E 166 32.40 -3.76 -33.44
CA GLY E 166 31.27 -4.04 -32.57
C GLY E 166 30.48 -2.79 -32.24
N VAL E 167 29.38 -2.94 -31.52
CA VAL E 167 28.51 -1.83 -31.14
C VAL E 167 28.85 -1.29 -29.75
N LYS E 168 28.65 0.01 -29.55
CA LYS E 168 28.92 0.59 -28.23
C LYS E 168 27.82 1.54 -27.79
N PHE E 169 26.96 1.04 -26.92
CA PHE E 169 25.88 1.83 -26.38
C PHE E 169 26.42 2.68 -25.23
N SER E 170 26.15 3.98 -25.28
CA SER E 170 26.61 4.91 -24.24
C SER E 170 25.55 5.90 -23.84
N ALA E 171 25.54 6.25 -22.56
CA ALA E 171 24.59 7.18 -21.99
C ALA E 171 25.28 7.98 -20.89
N SER E 172 24.76 9.16 -20.60
CA SER E 172 25.37 10.01 -19.58
C SER E 172 24.30 10.76 -18.79
N GLY E 173 24.49 10.86 -17.47
CA GLY E 173 23.48 11.53 -16.67
C GLY E 173 24.00 12.20 -15.41
N GLU E 174 23.08 12.54 -14.52
CA GLU E 174 23.45 13.19 -13.28
C GLU E 174 24.56 12.46 -12.53
N LEU E 175 24.37 11.16 -12.28
CA LEU E 175 25.37 10.39 -11.54
C LEU E 175 26.62 10.00 -12.32
N GLY E 176 26.70 10.42 -13.57
CA GLY E 176 27.88 10.11 -14.36
C GLY E 176 27.55 9.55 -15.73
N ASN E 177 28.32 8.57 -16.15
CA ASN E 177 28.01 7.94 -17.42
C ASN E 177 28.54 6.53 -17.49
N GLY E 178 28.01 5.77 -18.45
CA GLY E 178 28.44 4.40 -18.63
C GLY E 178 28.35 3.97 -20.08
N ASN E 179 29.18 2.99 -20.45
CA ASN E 179 29.18 2.51 -21.82
C ASN E 179 29.31 1.01 -21.89
N ILE E 180 28.31 0.35 -22.47
CA ILE E 180 28.36 -1.08 -22.64
C ILE E 180 28.89 -1.28 -24.05
N LYS E 181 29.78 -2.26 -24.24
CA LYS E 181 30.33 -2.50 -25.57
C LYS E 181 30.35 -3.96 -25.96
N LEU E 182 29.53 -4.31 -26.94
CA LEU E 182 29.45 -5.68 -27.43
C LEU E 182 30.37 -5.81 -28.64
N SER E 183 31.10 -6.92 -28.71
CA SER E 183 32.03 -7.17 -29.80
C SER E 183 31.64 -8.40 -30.58
N GLN E 184 32.08 -8.45 -31.83
CA GLN E 184 31.77 -9.59 -32.66
C GLN E 184 32.74 -10.70 -32.27
N THR E 185 32.24 -11.65 -31.51
CA THR E 185 33.05 -12.77 -31.04
C THR E 185 33.32 -13.71 -32.20
N SER E 186 34.27 -13.34 -33.05
CA SER E 186 34.64 -14.17 -34.18
C SER E 186 35.40 -15.37 -33.63
N ASN E 187 35.29 -15.56 -32.32
CA ASN E 187 35.95 -16.64 -31.60
C ASN E 187 35.39 -18.00 -32.02
N VAL E 188 35.36 -18.26 -33.32
CA VAL E 188 34.86 -19.52 -33.87
C VAL E 188 33.36 -19.72 -33.59
N ASP E 189 33.04 -20.47 -32.53
CA ASP E 189 31.63 -20.73 -32.20
C ASP E 189 31.31 -20.76 -30.70
N LYS E 190 32.31 -20.83 -29.84
CA LYS E 190 32.07 -20.88 -28.39
C LYS E 190 31.28 -19.68 -27.86
N GLU E 191 30.74 -19.84 -26.65
CA GLU E 191 29.96 -18.81 -25.95
C GLU E 191 28.48 -18.64 -26.29
N GLU E 192 27.96 -17.46 -25.96
CA GLU E 192 26.56 -17.09 -26.17
C GLU E 192 26.20 -16.84 -27.62
N GLU E 193 24.90 -16.65 -27.88
CA GLU E 193 24.41 -16.38 -29.23
C GLU E 193 24.80 -14.93 -29.51
N ALA E 194 26.09 -14.66 -29.30
CA ALA E 194 26.70 -13.36 -29.47
C ALA E 194 26.15 -12.41 -30.53
N VAL E 195 26.87 -11.32 -30.72
CA VAL E 195 26.50 -10.27 -31.65
C VAL E 195 27.23 -10.33 -32.99
N THR E 196 26.51 -10.08 -34.07
CA THR E 196 27.12 -10.07 -35.40
C THR E 196 26.72 -8.81 -36.18
N ILE E 197 27.68 -8.16 -36.79
CA ILE E 197 27.42 -6.94 -37.54
C ILE E 197 27.74 -6.99 -39.02
N GLU E 198 26.80 -6.53 -39.84
CA GLU E 198 27.00 -6.43 -41.27
C GLU E 198 27.03 -4.92 -41.39
N MET E 199 28.05 -4.35 -42.03
CA MET E 199 28.05 -2.90 -42.12
C MET E 199 28.89 -2.33 -43.24
N ASN E 200 28.32 -1.35 -43.92
CA ASN E 200 29.01 -0.68 -45.01
C ASN E 200 29.88 0.40 -44.38
N GLU E 201 29.23 1.33 -43.67
CA GLU E 201 29.93 2.45 -43.02
C GLU E 201 29.58 2.57 -41.53
N PRO E 202 30.58 2.95 -40.71
CA PRO E 202 30.38 3.13 -39.27
C PRO E 202 29.38 4.24 -39.03
N VAL E 203 28.42 4.00 -38.14
CA VAL E 203 27.39 5.00 -37.84
C VAL E 203 27.46 5.36 -36.36
N GLN E 204 26.80 6.45 -35.97
CA GLN E 204 26.78 6.86 -34.57
C GLN E 204 25.62 7.79 -34.31
N LEU E 205 24.47 7.24 -33.94
CA LEU E 205 23.29 8.05 -33.69
C LEU E 205 22.86 8.02 -32.24
N THR E 206 22.15 9.06 -31.81
CA THR E 206 21.67 9.15 -30.43
C THR E 206 20.17 8.93 -30.39
N PHE E 207 19.67 8.23 -29.38
CA PHE E 207 18.24 7.96 -29.31
C PHE E 207 17.70 8.08 -27.90
N ALA E 208 16.39 8.27 -27.83
CA ALA E 208 15.69 8.42 -26.56
C ALA E 208 15.41 7.07 -25.90
N LEU E 209 16.20 6.72 -24.90
CA LEU E 209 16.00 5.44 -24.24
C LEU E 209 14.58 5.27 -23.79
N ARG E 210 13.91 6.37 -23.48
CA ARG E 210 12.53 6.28 -23.03
C ARG E 210 11.71 5.45 -24.01
N TYR E 211 11.99 5.64 -25.29
CA TYR E 211 11.30 4.94 -26.35
C TYR E 211 11.72 3.49 -26.60
N LEU E 212 13.03 3.28 -26.67
CA LEU E 212 13.57 1.95 -26.87
C LEU E 212 12.99 1.03 -25.81
N ASN E 213 12.90 1.51 -24.57
CA ASN E 213 12.36 0.70 -23.49
C ASN E 213 10.89 0.33 -23.70
N PHE E 214 10.28 0.89 -24.74
CA PHE E 214 8.88 0.57 -25.05
C PHE E 214 8.92 -0.53 -26.08
N PHE E 215 9.90 -0.42 -26.97
CA PHE E 215 10.07 -1.37 -28.04
C PHE E 215 10.41 -2.73 -27.45
N THR E 216 11.31 -2.73 -26.47
CA THR E 216 11.75 -3.97 -25.84
C THR E 216 10.63 -4.76 -25.19
N LYS E 217 9.44 -4.19 -25.17
CA LYS E 217 8.31 -4.88 -24.60
C LYS E 217 7.92 -6.01 -25.55
N ALA E 218 8.52 -6.01 -26.73
CA ALA E 218 8.23 -7.02 -27.75
C ALA E 218 9.25 -8.16 -27.73
N THR E 219 10.06 -8.21 -26.68
CA THR E 219 11.09 -9.20 -26.54
C THR E 219 10.61 -10.64 -26.55
N PRO E 220 9.60 -10.95 -25.74
CA PRO E 220 9.15 -12.34 -25.76
C PRO E 220 8.77 -12.86 -27.14
N LEU E 221 8.79 -11.98 -28.13
CA LEU E 221 8.43 -12.35 -29.50
C LEU E 221 9.54 -12.95 -30.37
N SER E 222 10.79 -12.70 -30.00
CA SER E 222 11.90 -13.22 -30.78
C SER E 222 13.08 -13.30 -29.84
N SER E 223 13.86 -14.37 -29.95
CA SER E 223 15.01 -14.54 -29.08
C SER E 223 16.18 -13.67 -29.51
N THR E 224 15.93 -12.86 -30.53
CA THR E 224 16.96 -11.98 -31.05
C THR E 224 16.34 -10.79 -31.75
N VAL E 225 16.92 -9.63 -31.50
CA VAL E 225 16.45 -8.41 -32.11
C VAL E 225 17.49 -7.96 -33.09
N THR E 226 17.07 -7.15 -34.05
CA THR E 226 18.01 -6.64 -35.02
C THR E 226 17.81 -5.14 -35.24
N LEU E 227 18.88 -4.40 -34.96
CA LEU E 227 18.85 -2.95 -35.10
C LEU E 227 19.51 -2.55 -36.41
N SER E 228 18.73 -1.98 -37.30
CA SER E 228 19.25 -1.51 -38.58
C SER E 228 19.48 0.00 -38.48
N MET E 229 20.69 0.44 -38.83
CA MET E 229 20.98 1.85 -38.77
C MET E 229 21.73 2.41 -39.98
N SER E 230 21.54 3.70 -40.20
CA SER E 230 22.20 4.45 -41.27
C SER E 230 22.26 5.87 -40.76
N ALA E 231 23.36 6.57 -41.08
CA ALA E 231 23.60 7.94 -40.65
C ALA E 231 22.39 8.90 -40.69
N ASP E 232 22.28 9.75 -39.67
CA ASP E 232 21.20 10.72 -39.59
C ASP E 232 19.81 10.24 -40.04
N VAL E 233 19.56 8.94 -39.96
CA VAL E 233 18.26 8.42 -40.35
C VAL E 233 17.68 7.65 -39.16
N PRO E 234 16.33 7.57 -39.06
CA PRO E 234 15.70 6.85 -37.94
C PRO E 234 16.10 5.38 -37.76
N LEU E 235 16.14 4.97 -36.50
CA LEU E 235 16.52 3.61 -36.11
C LEU E 235 15.43 2.61 -36.33
N VAL E 236 15.84 1.39 -36.67
CA VAL E 236 14.88 0.33 -36.85
C VAL E 236 15.17 -0.88 -35.94
N VAL E 237 14.28 -1.12 -34.99
CA VAL E 237 14.40 -2.23 -34.06
C VAL E 237 13.32 -3.22 -34.56
N GLU E 238 13.76 -4.37 -35.05
CA GLU E 238 12.83 -5.34 -35.60
C GLU E 238 12.79 -6.69 -34.93
N TYR E 239 11.61 -7.12 -34.54
CA TYR E 239 11.46 -8.41 -33.89
C TYR E 239 10.74 -9.32 -34.85
N LYS E 240 11.40 -10.39 -35.30
CA LYS E 240 10.79 -11.31 -36.25
C LYS E 240 9.78 -12.21 -35.57
N ILE E 241 8.56 -12.23 -36.09
CA ILE E 241 7.53 -13.11 -35.52
C ILE E 241 7.60 -14.40 -36.35
N ALA E 242 7.77 -15.54 -35.69
CA ALA E 242 7.86 -16.83 -36.37
C ALA E 242 8.40 -16.65 -37.77
N ASP E 243 7.69 -17.18 -38.75
CA ASP E 243 8.08 -17.04 -40.14
C ASP E 243 6.87 -16.48 -40.87
N MET E 244 5.92 -15.96 -40.09
CA MET E 244 4.71 -15.39 -40.65
C MET E 244 4.68 -13.87 -40.62
N GLY E 245 5.67 -13.25 -40.00
CA GLY E 245 5.66 -11.80 -39.96
C GLY E 245 6.84 -11.17 -39.25
N HIS E 246 6.57 -10.07 -38.57
CA HIS E 246 7.59 -9.33 -37.84
C HIS E 246 6.93 -8.14 -37.15
N LEU E 247 7.69 -7.50 -36.27
CA LEU E 247 7.20 -6.32 -35.58
C LEU E 247 8.33 -5.27 -35.62
N LYS E 248 8.11 -4.19 -36.36
CA LYS E 248 9.14 -3.16 -36.47
C LYS E 248 8.78 -1.90 -35.72
N TYR E 249 9.77 -1.34 -35.04
CA TYR E 249 9.60 -0.10 -34.30
C TYR E 249 10.52 0.90 -35.01
N TYR E 250 10.04 2.11 -35.22
CA TYR E 250 10.85 3.11 -35.88
C TYR E 250 11.09 4.25 -34.90
N LEU E 251 12.31 4.76 -34.84
CA LEU E 251 12.61 5.86 -33.92
C LEU E 251 13.47 6.98 -34.49
N ALA E 252 12.95 8.21 -34.37
CA ALA E 252 13.62 9.42 -34.84
C ALA E 252 14.89 9.72 -34.06
N PRO E 253 15.96 10.10 -34.78
CA PRO E 253 17.29 10.43 -34.26
C PRO E 253 17.37 11.66 -33.38
N LYS E 254 18.61 12.04 -33.09
CA LYS E 254 18.86 13.23 -32.30
C LYS E 254 19.63 14.16 -33.19
N ILE E 255 18.93 15.14 -33.75
CA ILE E 255 19.54 16.12 -34.64
C ILE E 255 20.55 16.92 -33.85
N GLU E 256 21.79 16.45 -33.81
CA GLU E 256 22.86 17.15 -33.09
C GLU E 256 23.20 18.45 -33.81
N ASP E 257 22.18 19.29 -33.91
CA ASP E 257 22.24 20.59 -34.56
C ASP E 257 23.35 21.54 -34.10
N GLU E 258 23.82 22.36 -35.04
CA GLU E 258 24.87 23.34 -34.77
C GLU E 258 24.98 24.24 -36.00
N MET F 1 -9.35 -28.12 28.15
CA MET F 1 -8.02 -28.58 27.68
C MET F 1 -8.10 -29.03 26.22
N PHE F 2 -7.25 -28.46 25.39
CA PHE F 2 -7.24 -28.77 23.97
C PHE F 2 -5.84 -28.75 23.39
N GLU F 3 -5.47 -29.82 22.70
CA GLU F 3 -4.14 -29.90 22.09
C GLU F 3 -4.15 -30.62 20.75
N ALA F 4 -3.74 -29.92 19.70
CA ALA F 4 -3.69 -30.50 18.37
C ALA F 4 -2.31 -30.37 17.76
N ARG F 5 -1.65 -31.50 17.51
CA ARG F 5 -0.33 -31.50 16.89
C ARG F 5 -0.47 -31.99 15.45
N LEU F 6 -0.25 -31.09 14.48
CA LEU F 6 -0.34 -31.43 13.06
C LEU F 6 1.01 -31.34 12.33
N VAL F 7 1.53 -32.51 11.98
CA VAL F 7 2.81 -32.66 11.28
C VAL F 7 2.95 -31.79 10.02
N GLN F 8 1.86 -31.59 9.30
CA GLN F 8 1.87 -30.77 8.08
C GLN F 8 1.20 -29.41 8.28
N GLY F 9 1.86 -28.54 9.02
CA GLY F 9 1.30 -27.23 9.28
C GLY F 9 0.74 -26.50 8.08
N SER F 10 1.31 -26.75 6.91
CA SER F 10 0.89 -26.07 5.69
C SER F 10 -0.63 -26.05 5.57
N ILE F 11 -1.25 -27.20 5.86
CA ILE F 11 -2.70 -27.28 5.76
C ILE F 11 -3.29 -26.10 6.51
N LEU F 12 -2.82 -25.89 7.73
CA LEU F 12 -3.29 -24.80 8.57
C LEU F 12 -2.99 -23.47 7.96
N LYS F 13 -1.75 -23.28 7.53
CA LYS F 13 -1.36 -22.04 6.91
C LYS F 13 -2.35 -21.73 5.79
N LYS F 14 -2.61 -22.72 4.95
CA LYS F 14 -3.54 -22.55 3.85
C LYS F 14 -4.94 -22.28 4.36
N VAL F 15 -5.46 -23.19 5.16
CA VAL F 15 -6.80 -23.01 5.70
C VAL F 15 -7.06 -21.56 6.10
N LEU F 16 -6.17 -20.97 6.87
CA LEU F 16 -6.42 -19.60 7.25
C LEU F 16 -6.42 -18.67 6.05
N GLU F 17 -5.43 -18.80 5.18
CA GLU F 17 -5.39 -17.96 4.01
C GLU F 17 -6.74 -17.99 3.27
N ALA F 18 -7.41 -19.14 3.32
CA ALA F 18 -8.72 -19.30 2.66
C ALA F 18 -9.82 -18.55 3.38
N LEU F 19 -9.63 -18.33 4.67
CA LEU F 19 -10.61 -17.65 5.49
C LEU F 19 -10.35 -16.16 5.69
N LYS F 20 -9.15 -15.86 6.15
CA LYS F 20 -8.70 -14.50 6.46
C LYS F 20 -9.37 -13.38 5.69
N ASP F 21 -9.51 -13.53 4.38
CA ASP F 21 -10.10 -12.48 3.58
C ASP F 21 -11.62 -12.52 3.38
N LEU F 22 -12.26 -13.64 3.67
CA LEU F 22 -13.70 -13.69 3.51
C LEU F 22 -14.37 -13.33 4.81
N ILE F 23 -13.73 -13.68 5.93
CA ILE F 23 -14.28 -13.36 7.24
C ILE F 23 -13.17 -12.86 8.16
N ASN F 24 -13.34 -11.65 8.70
CA ASN F 24 -12.34 -11.06 9.58
C ASN F 24 -12.17 -11.78 10.91
N GLU F 25 -13.25 -12.38 11.40
CA GLU F 25 -13.20 -13.09 12.67
C GLU F 25 -14.32 -14.12 12.73
N ALA F 26 -14.05 -15.23 13.41
CA ALA F 26 -15.04 -16.28 13.53
C ALA F 26 -14.81 -17.15 14.77
N CYS F 27 -15.81 -17.96 15.09
CA CYS F 27 -15.70 -18.83 16.25
C CYS F 27 -15.30 -20.23 15.88
N TRP F 28 -14.16 -20.64 16.42
CA TRP F 28 -13.63 -21.96 16.18
C TRP F 28 -14.35 -22.86 17.15
N ASP F 29 -15.11 -23.78 16.57
CA ASP F 29 -15.90 -24.75 17.31
C ASP F 29 -15.07 -26.02 17.50
N ILE F 30 -14.19 -26.00 18.50
CA ILE F 30 -13.32 -27.14 18.80
C ILE F 30 -14.19 -28.22 19.43
N SER F 31 -13.58 -29.37 19.77
CA SER F 31 -14.31 -30.47 20.39
C SER F 31 -13.52 -31.75 20.35
N SER F 32 -14.02 -32.76 21.04
CA SER F 32 -13.38 -34.08 21.07
C SER F 32 -13.33 -34.67 19.66
N SER F 33 -14.22 -34.19 18.80
CA SER F 33 -14.32 -34.71 17.44
C SER F 33 -13.49 -33.99 16.39
N GLY F 34 -13.09 -32.75 16.68
CA GLY F 34 -12.29 -32.03 15.72
C GLY F 34 -12.51 -30.52 15.72
N VAL F 35 -12.07 -29.86 14.66
CA VAL F 35 -12.25 -28.43 14.57
C VAL F 35 -13.15 -28.02 13.43
N ASN F 36 -14.18 -27.25 13.78
CA ASN F 36 -15.12 -26.75 12.79
C ASN F 36 -15.23 -25.26 12.91
N LEU F 37 -15.78 -24.64 11.87
CA LEU F 37 -15.92 -23.20 11.85
C LEU F 37 -16.93 -22.81 10.81
N GLN F 38 -18.01 -22.16 11.24
CA GLN F 38 -19.00 -21.70 10.30
C GLN F 38 -19.08 -20.18 10.44
N SER F 39 -19.46 -19.52 9.36
CA SER F 39 -19.59 -18.08 9.40
C SER F 39 -20.03 -17.54 8.06
N MET F 40 -20.64 -16.36 8.10
CA MET F 40 -21.11 -15.69 6.90
C MET F 40 -20.24 -14.46 6.84
N ASP F 41 -20.28 -13.75 5.72
CA ASP F 41 -19.50 -12.53 5.58
C ASP F 41 -20.37 -11.43 6.21
N SER F 42 -19.96 -10.18 6.13
CA SER F 42 -20.76 -9.10 6.70
C SER F 42 -22.15 -9.08 6.05
N SER F 43 -22.17 -9.09 4.72
CA SER F 43 -23.42 -9.04 3.96
C SER F 43 -24.41 -10.20 4.13
N HIS F 44 -24.01 -11.30 4.77
CA HIS F 44 -24.93 -12.41 4.93
C HIS F 44 -25.26 -12.97 3.56
N VAL F 45 -24.25 -12.98 2.70
CA VAL F 45 -24.37 -13.46 1.33
C VAL F 45 -23.71 -14.79 1.13
N SER F 46 -22.52 -14.93 1.71
CA SER F 46 -21.75 -16.16 1.60
C SER F 46 -21.58 -16.86 2.94
N LEU F 47 -21.04 -18.07 2.90
CA LEU F 47 -20.80 -18.84 4.13
C LEU F 47 -19.66 -19.82 3.95
N VAL F 48 -18.90 -20.04 5.03
CA VAL F 48 -17.77 -20.97 5.02
C VAL F 48 -17.97 -22.10 6.01
N GLN F 49 -17.64 -23.32 5.60
CA GLN F 49 -17.79 -24.44 6.50
C GLN F 49 -16.47 -25.20 6.56
N LEU F 50 -15.75 -25.00 7.66
CA LEU F 50 -14.46 -25.67 7.87
C LEU F 50 -14.68 -26.91 8.71
N THR F 51 -14.13 -28.03 8.25
CA THR F 51 -14.26 -29.29 8.97
C THR F 51 -12.95 -30.05 9.00
N LEU F 52 -12.31 -30.06 10.16
CA LEU F 52 -11.06 -30.78 10.30
C LEU F 52 -11.28 -31.88 11.30
N ARG F 53 -11.43 -33.10 10.82
CA ARG F 53 -11.67 -34.24 11.69
C ARG F 53 -10.42 -34.62 12.49
N SER F 54 -10.62 -34.91 13.77
CA SER F 54 -9.51 -35.27 14.65
C SER F 54 -8.69 -36.42 14.08
N GLU F 55 -9.35 -37.31 13.35
CA GLU F 55 -8.66 -38.43 12.73
C GLU F 55 -7.50 -37.89 11.90
N GLY F 56 -7.55 -36.59 11.59
CA GLY F 56 -6.52 -35.97 10.76
C GLY F 56 -5.44 -35.21 11.50
N PHE F 57 -5.22 -35.55 12.75
CA PHE F 57 -4.18 -34.88 13.50
C PHE F 57 -3.29 -35.93 14.12
N ASP F 58 -1.99 -35.73 13.98
CA ASP F 58 -1.04 -36.67 14.52
C ASP F 58 -1.21 -36.81 16.03
N THR F 59 -1.80 -35.81 16.67
CA THR F 59 -2.03 -35.86 18.10
C THR F 59 -3.17 -34.93 18.39
N TYR F 60 -4.32 -35.47 18.76
CA TYR F 60 -5.46 -34.62 19.04
C TYR F 60 -6.13 -35.01 20.33
N ARG F 61 -5.90 -34.21 21.36
CA ARG F 61 -6.47 -34.47 22.67
C ARG F 61 -7.32 -33.31 23.13
N CYS F 62 -8.59 -33.61 23.33
CA CYS F 62 -9.57 -32.63 23.80
C CYS F 62 -10.63 -33.42 24.54
N ASP F 63 -11.07 -32.92 25.69
CA ASP F 63 -12.08 -33.60 26.48
C ASP F 63 -13.43 -32.92 26.36
N ARG F 64 -13.47 -31.70 26.88
CA ARG F 64 -14.64 -30.85 26.90
C ARG F 64 -14.71 -30.09 25.57
N ASN F 65 -15.89 -29.60 25.19
CA ASN F 65 -16.00 -28.84 23.95
C ASN F 65 -15.65 -27.39 24.21
N LEU F 66 -14.80 -26.84 23.36
CA LEU F 66 -14.37 -25.45 23.52
C LEU F 66 -14.78 -24.60 22.33
N ALA F 67 -14.83 -23.29 22.55
CA ALA F 67 -15.19 -22.34 21.51
C ALA F 67 -14.24 -21.16 21.62
N MET F 68 -13.56 -20.82 20.52
CA MET F 68 -12.61 -19.71 20.52
C MET F 68 -12.90 -18.57 19.55
N GLY F 69 -12.98 -17.36 20.11
CA GLY F 69 -13.22 -16.19 19.28
C GLY F 69 -11.86 -15.80 18.71
N VAL F 70 -11.75 -15.82 17.39
CA VAL F 70 -10.47 -15.47 16.79
C VAL F 70 -10.57 -14.42 15.69
N ASN F 71 -9.53 -13.59 15.59
CA ASN F 71 -9.44 -12.58 14.55
C ASN F 71 -8.65 -13.32 13.47
N LEU F 72 -9.35 -13.99 12.55
CA LEU F 72 -8.67 -14.74 11.50
C LEU F 72 -7.42 -14.04 10.99
N THR F 73 -7.56 -12.78 10.63
CA THR F 73 -6.41 -12.02 10.13
C THR F 73 -5.27 -12.08 11.14
N SER F 74 -5.53 -11.63 12.36
CA SER F 74 -4.51 -11.64 13.37
C SER F 74 -3.88 -13.03 13.43
N MET F 75 -4.70 -14.07 13.47
CA MET F 75 -4.18 -15.44 13.52
C MET F 75 -3.40 -15.78 12.25
N SER F 76 -3.78 -15.18 11.13
CA SER F 76 -3.08 -15.44 9.87
C SER F 76 -1.63 -14.94 9.91
N LYS F 77 -1.40 -13.88 10.68
CA LYS F 77 -0.05 -13.32 10.79
C LYS F 77 0.82 -14.22 11.65
N ILE F 78 0.32 -14.62 12.81
CA ILE F 78 1.09 -15.50 13.67
C ILE F 78 1.42 -16.76 12.89
N LEU F 79 0.51 -17.18 12.01
CA LEU F 79 0.75 -18.38 11.21
C LEU F 79 1.75 -18.17 10.08
N LYS F 80 1.88 -16.94 9.59
CA LYS F 80 2.83 -16.72 8.52
C LYS F 80 4.24 -16.89 9.08
N CYS F 81 4.35 -16.86 10.41
CA CYS F 81 5.65 -17.02 11.05
C CYS F 81 6.14 -18.45 11.06
N ALA F 82 5.34 -19.39 10.54
CA ALA F 82 5.75 -20.79 10.51
C ALA F 82 6.11 -21.20 9.10
N GLY F 83 7.02 -22.16 8.98
CA GLY F 83 7.43 -22.60 7.67
C GLY F 83 6.51 -23.64 7.09
N ASN F 84 6.34 -23.62 5.77
CA ASN F 84 5.49 -24.56 5.07
C ASN F 84 5.74 -26.02 5.50
N GLU F 85 6.86 -26.28 6.16
CA GLU F 85 7.14 -27.64 6.58
C GLU F 85 7.32 -27.82 8.07
N ASP F 86 6.95 -26.80 8.84
CA ASP F 86 7.05 -26.89 10.29
C ASP F 86 5.89 -27.74 10.82
N ILE F 87 6.07 -28.30 12.01
CA ILE F 87 5.03 -29.11 12.65
C ILE F 87 4.34 -28.19 13.66
N ILE F 88 3.13 -27.75 13.32
CA ILE F 88 2.40 -26.86 14.20
C ILE F 88 1.54 -27.58 15.23
N THR F 89 1.44 -26.97 16.41
CA THR F 89 0.66 -27.53 17.49
C THR F 89 -0.20 -26.44 18.12
N LEU F 90 -1.52 -26.64 18.10
CA LEU F 90 -2.44 -25.69 18.69
C LEU F 90 -2.66 -26.16 20.12
N ARG F 91 -2.69 -25.24 21.07
CA ARG F 91 -2.87 -25.61 22.46
C ARG F 91 -3.63 -24.50 23.19
N ALA F 92 -4.69 -24.86 23.90
CA ALA F 92 -5.49 -23.89 24.65
C ALA F 92 -6.09 -24.51 25.90
N GLU F 93 -6.08 -23.76 27.00
CA GLU F 93 -6.63 -24.26 28.26
C GLU F 93 -8.07 -23.77 28.43
N ASP F 94 -8.72 -24.23 29.49
CA ASP F 94 -10.11 -23.84 29.76
C ASP F 94 -10.27 -22.34 30.02
N ASN F 95 -11.38 -21.80 29.52
CA ASN F 95 -11.66 -20.36 29.65
C ASN F 95 -10.40 -19.66 29.19
N ALA F 96 -9.86 -20.19 28.09
CA ALA F 96 -8.64 -19.71 27.47
C ALA F 96 -8.69 -18.24 27.12
N ASP F 97 -7.65 -17.51 27.55
CA ASP F 97 -7.57 -16.10 27.27
C ASP F 97 -6.76 -15.94 26.01
N THR F 98 -6.00 -16.98 25.65
CA THR F 98 -5.17 -16.98 24.46
C THR F 98 -5.00 -18.37 23.88
N LEU F 99 -4.71 -18.43 22.58
CA LEU F 99 -4.48 -19.70 21.91
C LEU F 99 -2.97 -19.81 21.75
N ALA F 100 -2.44 -21.01 21.94
CA ALA F 100 -1.00 -21.21 21.82
C ALA F 100 -0.68 -22.02 20.57
N LEU F 101 0.25 -21.51 19.77
CA LEU F 101 0.66 -22.19 18.54
C LEU F 101 2.15 -22.43 18.63
N VAL F 102 2.54 -23.71 18.58
CA VAL F 102 3.95 -24.06 18.64
C VAL F 102 4.48 -24.63 17.32
N PHE F 103 5.38 -23.85 16.71
CA PHE F 103 5.98 -24.21 15.44
C PHE F 103 7.32 -24.91 15.54
N GLU F 104 7.32 -26.21 15.28
CA GLU F 104 8.53 -27.01 15.34
C GLU F 104 9.12 -27.12 13.95
N ALA F 105 10.26 -26.48 13.74
CA ALA F 105 10.91 -26.53 12.44
C ALA F 105 11.71 -27.81 12.39
N PRO F 106 11.91 -28.36 11.18
CA PRO F 106 12.67 -29.59 10.93
C PRO F 106 14.17 -29.40 11.23
N ASN F 107 14.55 -28.14 11.45
CA ASN F 107 15.93 -27.79 11.77
C ASN F 107 16.16 -28.07 13.24
N GLN F 108 15.38 -29.02 13.76
CA GLN F 108 15.43 -29.50 15.15
C GLN F 108 15.80 -28.55 16.29
N GLU F 109 16.72 -27.63 16.04
CA GLU F 109 17.18 -26.67 17.05
C GLU F 109 16.27 -25.46 17.20
N LYS F 110 15.36 -25.29 16.25
CA LYS F 110 14.44 -24.16 16.27
C LYS F 110 13.07 -24.53 16.82
N VAL F 111 12.56 -23.70 17.73
CA VAL F 111 11.25 -23.90 18.32
C VAL F 111 10.53 -22.57 18.59
N SER F 112 9.56 -22.27 17.74
CA SER F 112 8.81 -21.04 17.86
C SER F 112 7.51 -21.34 18.61
N ASP F 113 7.08 -20.39 19.43
CA ASP F 113 5.87 -20.53 20.19
C ASP F 113 5.26 -19.15 20.39
N TYR F 114 4.14 -18.90 19.74
CA TYR F 114 3.49 -17.61 19.88
C TYR F 114 2.21 -17.78 20.68
N GLU F 115 1.92 -16.77 21.50
CA GLU F 115 0.72 -16.78 22.31
C GLU F 115 -0.22 -15.75 21.66
N MET F 116 -1.32 -16.22 21.09
CA MET F 116 -2.28 -15.34 20.42
C MET F 116 -3.45 -14.96 21.31
N LYS F 117 -3.76 -13.67 21.35
CA LYS F 117 -4.86 -13.17 22.16
C LYS F 117 -6.22 -13.53 21.55
N LEU F 118 -7.03 -14.28 22.31
CA LEU F 118 -8.35 -14.68 21.84
C LEU F 118 -9.27 -13.51 22.11
N MET F 119 -10.49 -13.57 21.58
CA MET F 119 -11.44 -12.49 21.78
C MET F 119 -12.84 -13.02 22.10
N ASP F 120 -13.69 -12.14 22.58
CA ASP F 120 -15.06 -12.53 22.92
C ASP F 120 -15.83 -12.31 21.65
N LEU F 121 -16.58 -13.31 21.22
CA LEU F 121 -17.34 -13.17 19.99
C LEU F 121 -18.54 -14.09 19.93
N ASP F 122 -19.57 -13.66 19.22
CA ASP F 122 -20.78 -14.45 19.04
C ASP F 122 -21.00 -14.46 17.54
N VAL F 123 -21.03 -15.65 16.93
CA VAL F 123 -21.20 -15.71 15.50
C VAL F 123 -22.46 -16.47 15.14
N GLU F 124 -23.33 -15.80 14.38
CA GLU F 124 -24.61 -16.38 13.95
C GLU F 124 -24.37 -17.68 13.20
N GLN F 125 -25.26 -18.65 13.43
CA GLN F 125 -25.13 -19.95 12.80
C GLN F 125 -26.17 -20.25 11.74
N LEU F 126 -26.06 -21.44 11.17
CA LEU F 126 -27.00 -21.87 10.15
C LEU F 126 -27.13 -23.37 10.02
N GLY F 127 -28.30 -23.76 9.55
CA GLY F 127 -28.56 -25.18 9.35
C GLY F 127 -28.56 -25.40 7.86
N ILE F 128 -27.69 -26.30 7.41
CA ILE F 128 -27.58 -26.62 6.01
C ILE F 128 -27.83 -28.12 5.88
N PRO F 129 -29.09 -28.52 5.75
CA PRO F 129 -29.48 -29.92 5.62
C PRO F 129 -28.98 -30.57 4.34
N GLU F 130 -28.34 -31.72 4.49
CA GLU F 130 -27.81 -32.46 3.34
C GLU F 130 -28.91 -32.51 2.29
N GLN F 131 -28.59 -32.07 1.08
CA GLN F 131 -29.55 -32.04 -0.02
C GLN F 131 -28.91 -32.47 -1.34
N GLU F 132 -29.59 -33.34 -2.07
CA GLU F 132 -29.05 -33.79 -3.35
C GLU F 132 -29.10 -32.60 -4.31
N TYR F 133 -28.21 -32.58 -5.29
CA TYR F 133 -28.15 -31.48 -6.26
C TYR F 133 -28.42 -31.89 -7.69
N SER F 134 -29.10 -31.01 -8.43
CA SER F 134 -29.43 -31.26 -9.82
C SER F 134 -28.17 -31.52 -10.62
N CYS F 135 -27.26 -30.54 -10.61
CA CYS F 135 -26.01 -30.67 -11.33
C CYS F 135 -24.85 -30.50 -10.38
N VAL F 136 -23.79 -31.26 -10.62
CA VAL F 136 -22.57 -31.17 -9.83
C VAL F 136 -21.38 -31.26 -10.78
N VAL F 137 -20.30 -30.56 -10.46
CA VAL F 137 -19.15 -30.54 -11.33
C VAL F 137 -17.83 -30.72 -10.59
N LYS F 138 -17.06 -31.73 -10.98
CA LYS F 138 -15.76 -31.93 -10.36
C LYS F 138 -14.79 -31.50 -11.45
N MET F 139 -14.09 -30.41 -11.21
CA MET F 139 -13.15 -29.89 -12.18
C MET F 139 -11.92 -29.42 -11.44
N PRO F 140 -10.81 -29.25 -12.18
CA PRO F 140 -9.55 -28.78 -11.59
C PRO F 140 -9.77 -27.51 -10.74
N SER F 141 -9.19 -27.49 -9.54
CA SER F 141 -9.36 -26.33 -8.68
C SER F 141 -8.77 -25.11 -9.35
N GLY F 142 -7.77 -25.35 -10.19
CA GLY F 142 -7.11 -24.27 -10.89
C GLY F 142 -7.90 -23.73 -12.06
N GLU F 143 -8.46 -24.62 -12.86
CA GLU F 143 -9.23 -24.18 -14.00
C GLU F 143 -10.32 -23.25 -13.51
N PHE F 144 -11.10 -23.72 -12.54
CA PHE F 144 -12.18 -22.91 -11.99
C PHE F 144 -11.65 -21.56 -11.50
N ALA F 145 -10.55 -21.62 -10.78
CA ALA F 145 -9.95 -20.41 -10.24
C ALA F 145 -9.63 -19.39 -11.30
N ARG F 146 -9.19 -19.86 -12.46
CA ARG F 146 -8.81 -18.94 -13.54
C ARG F 146 -10.03 -18.37 -14.22
N ILE F 147 -11.00 -19.22 -14.49
CA ILE F 147 -12.22 -18.79 -15.15
C ILE F 147 -12.80 -17.61 -14.35
N CYS F 148 -13.01 -17.82 -13.05
CA CYS F 148 -13.54 -16.77 -12.18
C CYS F 148 -12.66 -15.53 -12.20
N ARG F 149 -11.35 -15.75 -12.11
CA ARG F 149 -10.44 -14.63 -12.12
C ARG F 149 -10.58 -13.89 -13.41
N ASP F 150 -10.69 -14.61 -14.52
CA ASP F 150 -10.81 -13.97 -15.82
C ASP F 150 -12.17 -13.33 -16.07
N LEU F 151 -13.24 -14.10 -16.11
CA LEU F 151 -14.57 -13.52 -16.33
C LEU F 151 -14.77 -12.29 -15.47
N SER F 152 -14.22 -12.30 -14.26
CA SER F 152 -14.34 -11.17 -13.37
C SER F 152 -13.75 -9.92 -14.03
N HIS F 153 -12.81 -10.11 -14.94
CA HIS F 153 -12.23 -8.98 -15.63
C HIS F 153 -13.17 -8.46 -16.71
N ILE F 154 -14.26 -9.20 -16.95
CA ILE F 154 -15.22 -8.81 -17.97
C ILE F 154 -16.46 -8.21 -17.30
N GLY F 155 -17.01 -8.93 -16.33
CA GLY F 155 -18.19 -8.47 -15.62
C GLY F 155 -18.05 -8.65 -14.11
N ASP F 156 -19.08 -8.30 -13.36
CA ASP F 156 -19.05 -8.42 -11.90
C ASP F 156 -19.83 -9.65 -11.46
N ALA F 157 -20.45 -10.33 -12.42
CA ALA F 157 -21.24 -11.52 -12.13
C ALA F 157 -21.27 -12.53 -13.27
N VAL F 158 -21.11 -13.81 -12.95
CA VAL F 158 -21.10 -14.89 -13.94
C VAL F 158 -22.41 -15.68 -13.96
N VAL F 159 -22.69 -16.34 -15.08
CA VAL F 159 -23.90 -17.14 -15.25
C VAL F 159 -23.52 -18.58 -15.60
N ILE F 160 -23.55 -19.43 -14.60
CA ILE F 160 -23.21 -20.82 -14.81
C ILE F 160 -24.41 -21.54 -15.41
N SER F 161 -24.15 -22.31 -16.47
CA SER F 161 -25.19 -23.08 -17.16
C SER F 161 -24.74 -24.51 -17.35
N CYS F 162 -25.06 -25.38 -16.40
CA CYS F 162 -24.64 -26.77 -16.51
C CYS F 162 -25.64 -27.63 -17.28
N ALA F 163 -25.11 -28.62 -17.99
CA ALA F 163 -25.91 -29.55 -18.79
C ALA F 163 -25.14 -30.86 -18.92
N LYS F 164 -25.83 -31.93 -19.31
CA LYS F 164 -25.19 -33.24 -19.44
C LYS F 164 -23.83 -33.14 -20.13
N ASP F 165 -23.83 -32.61 -21.35
CA ASP F 165 -22.60 -32.46 -22.12
C ASP F 165 -21.52 -31.74 -21.32
N GLY F 166 -21.83 -30.54 -20.83
CA GLY F 166 -20.88 -29.76 -20.07
C GLY F 166 -21.39 -28.43 -19.56
N VAL F 167 -20.59 -27.77 -18.74
CA VAL F 167 -20.96 -26.48 -18.17
C VAL F 167 -20.36 -25.28 -18.92
N LYS F 168 -21.04 -24.15 -18.84
CA LYS F 168 -20.57 -22.93 -19.50
C LYS F 168 -20.66 -21.74 -18.56
N PHE F 169 -19.55 -21.03 -18.38
CA PHE F 169 -19.54 -19.86 -17.52
C PHE F 169 -19.52 -18.65 -18.44
N SER F 170 -20.25 -17.59 -18.07
CA SER F 170 -20.26 -16.39 -18.90
C SER F 170 -20.51 -15.07 -18.18
N ALA F 171 -19.82 -14.04 -18.66
CA ALA F 171 -19.92 -12.70 -18.11
C ALA F 171 -20.31 -11.75 -19.24
N SER F 172 -20.26 -10.46 -18.95
CA SER F 172 -20.59 -9.40 -19.92
C SER F 172 -20.20 -8.11 -19.22
N GLY F 173 -19.87 -7.07 -19.96
CA GLY F 173 -19.48 -5.85 -19.28
C GLY F 173 -19.10 -4.67 -20.14
N GLU F 174 -18.55 -3.65 -19.49
CA GLU F 174 -18.16 -2.41 -20.16
C GLU F 174 -17.41 -2.59 -21.47
N LEU F 175 -16.56 -3.60 -21.56
CA LEU F 175 -15.80 -3.79 -22.79
C LEU F 175 -16.08 -5.09 -23.53
N GLY F 176 -17.33 -5.38 -23.83
CA GLY F 176 -17.66 -6.59 -24.54
C GLY F 176 -18.06 -7.69 -23.59
N ASN F 177 -18.35 -8.88 -24.10
CA ASN F 177 -18.78 -10.00 -23.26
C ASN F 177 -18.01 -11.28 -23.56
N GLY F 178 -18.05 -12.23 -22.62
CA GLY F 178 -17.32 -13.47 -22.82
C GLY F 178 -18.00 -14.69 -22.24
N ASN F 179 -17.64 -15.87 -22.76
CA ASN F 179 -18.18 -17.16 -22.33
C ASN F 179 -17.07 -18.22 -22.32
N ILE F 180 -17.15 -19.15 -21.37
CA ILE F 180 -16.15 -20.20 -21.28
C ILE F 180 -16.83 -21.53 -21.11
N LYS F 181 -16.82 -22.35 -22.15
CA LYS F 181 -17.47 -23.65 -22.05
C LYS F 181 -16.46 -24.75 -21.75
N LEU F 182 -16.81 -25.62 -20.82
CA LEU F 182 -15.95 -26.73 -20.42
C LEU F 182 -16.59 -28.07 -20.78
N SER F 183 -16.05 -28.72 -21.79
CA SER F 183 -16.56 -30.01 -22.20
C SER F 183 -16.24 -31.00 -21.09
N GLN F 184 -16.95 -32.11 -21.05
CA GLN F 184 -16.69 -33.09 -20.00
C GLN F 184 -15.47 -33.90 -20.40
N THR F 185 -14.51 -34.02 -19.48
CA THR F 185 -13.28 -34.75 -19.73
C THR F 185 -13.50 -36.25 -19.88
N SER F 186 -14.02 -36.66 -21.04
CA SER F 186 -14.28 -38.07 -21.32
C SER F 186 -13.00 -38.77 -21.76
N ASN F 187 -12.59 -38.50 -22.99
CA ASN F 187 -11.40 -39.08 -23.57
C ASN F 187 -10.19 -38.88 -22.66
N VAL F 188 -9.94 -37.62 -22.29
CA VAL F 188 -8.82 -37.27 -21.43
C VAL F 188 -8.99 -37.79 -20.01
N ASP F 189 -9.55 -38.99 -19.88
CA ASP F 189 -9.74 -39.59 -18.56
C ASP F 189 -8.39 -39.72 -17.87
N LYS F 190 -8.11 -38.81 -16.94
CA LYS F 190 -6.86 -38.81 -16.20
C LYS F 190 -7.00 -38.38 -14.74
N GLU F 191 -7.83 -39.12 -14.00
CA GLU F 191 -8.11 -38.90 -12.58
C GLU F 191 -8.23 -37.44 -12.15
N GLU F 192 -7.10 -36.84 -11.76
CA GLU F 192 -7.05 -35.46 -11.29
C GLU F 192 -7.58 -34.40 -12.24
N GLU F 193 -6.83 -34.12 -13.31
CA GLU F 193 -7.23 -33.09 -14.27
C GLU F 193 -8.49 -33.43 -15.06
N ALA F 194 -9.46 -34.05 -14.41
CA ALA F 194 -10.70 -34.43 -15.06
C ALA F 194 -11.87 -33.50 -14.74
N VAL F 195 -12.75 -33.34 -15.72
CA VAL F 195 -13.94 -32.51 -15.57
C VAL F 195 -15.14 -33.40 -15.77
N THR F 196 -15.72 -33.86 -14.67
CA THR F 196 -16.87 -34.74 -14.74
C THR F 196 -18.14 -33.99 -14.33
N ILE F 197 -19.26 -34.38 -14.93
CA ILE F 197 -20.54 -33.73 -14.67
C ILE F 197 -21.70 -34.69 -14.44
N GLU F 198 -22.24 -34.69 -13.23
CA GLU F 198 -23.38 -35.54 -12.91
C GLU F 198 -24.59 -34.63 -13.05
N MET F 199 -25.64 -35.08 -13.73
CA MET F 199 -26.80 -34.23 -13.89
C MET F 199 -28.18 -34.86 -13.83
N ASN F 200 -29.10 -34.12 -13.25
CA ASN F 200 -30.50 -34.52 -13.13
C ASN F 200 -31.12 -33.72 -14.27
N GLU F 201 -31.45 -32.45 -14.00
CA GLU F 201 -31.99 -31.56 -15.03
C GLU F 201 -30.98 -30.42 -15.19
N PRO F 202 -30.95 -29.78 -16.37
CA PRO F 202 -30.04 -28.68 -16.66
C PRO F 202 -30.32 -27.43 -15.81
N VAL F 203 -29.29 -26.89 -15.18
CA VAL F 203 -29.48 -25.69 -14.36
C VAL F 203 -28.87 -24.49 -15.06
N GLN F 204 -28.94 -23.35 -14.39
CA GLN F 204 -28.39 -22.10 -14.89
C GLN F 204 -28.68 -21.03 -13.88
N LEU F 205 -27.64 -20.53 -13.21
CA LEU F 205 -27.85 -19.51 -12.21
C LEU F 205 -26.84 -18.38 -12.35
N THR F 206 -27.02 -17.34 -11.57
CA THR F 206 -26.13 -16.23 -11.60
C THR F 206 -25.42 -16.15 -10.26
N PHE F 207 -24.23 -15.53 -10.25
CA PHE F 207 -23.41 -15.38 -9.05
C PHE F 207 -22.48 -14.19 -9.20
N ALA F 208 -22.09 -13.59 -8.09
CA ALA F 208 -21.20 -12.44 -8.12
C ALA F 208 -19.78 -12.94 -8.06
N LEU F 209 -19.01 -12.65 -9.11
CA LEU F 209 -17.63 -13.10 -9.19
C LEU F 209 -16.80 -12.66 -8.00
N ARG F 210 -17.09 -11.48 -7.49
CA ARG F 210 -16.36 -10.94 -6.35
C ARG F 210 -16.38 -11.94 -5.21
N TYR F 211 -17.55 -12.50 -4.92
CA TYR F 211 -17.66 -13.45 -3.84
C TYR F 211 -17.01 -14.76 -4.21
N LEU F 212 -16.99 -15.07 -5.50
CA LEU F 212 -16.37 -16.31 -5.96
C LEU F 212 -14.85 -16.24 -5.85
N ASN F 213 -14.25 -15.16 -6.33
CA ASN F 213 -12.80 -15.03 -6.27
C ASN F 213 -12.33 -14.87 -4.85
N PHE F 214 -13.23 -15.14 -3.90
CA PHE F 214 -12.90 -15.06 -2.49
C PHE F 214 -12.77 -16.50 -2.07
N PHE F 215 -13.60 -17.34 -2.68
CA PHE F 215 -13.58 -18.78 -2.39
C PHE F 215 -12.32 -19.42 -2.98
N THR F 216 -11.92 -18.94 -4.16
CA THR F 216 -10.76 -19.49 -4.84
C THR F 216 -9.50 -19.42 -4.00
N LYS F 217 -9.44 -18.48 -3.06
CA LYS F 217 -8.24 -18.37 -2.24
C LYS F 217 -7.97 -19.68 -1.50
N ALA F 218 -8.90 -20.61 -1.61
CA ALA F 218 -8.75 -21.89 -0.95
C ALA F 218 -8.12 -22.91 -1.89
N THR F 219 -7.82 -22.47 -3.12
CA THR F 219 -7.26 -23.36 -4.12
C THR F 219 -6.01 -24.14 -3.75
N PRO F 220 -5.04 -23.50 -3.10
CA PRO F 220 -3.85 -24.32 -2.78
C PRO F 220 -4.13 -25.51 -1.89
N LEU F 221 -5.35 -25.62 -1.35
CA LEU F 221 -5.69 -26.73 -0.45
C LEU F 221 -6.03 -28.05 -1.13
N SER F 222 -6.53 -27.97 -2.36
CA SER F 222 -6.92 -29.16 -3.14
C SER F 222 -6.66 -28.98 -4.62
N SER F 223 -6.19 -30.03 -5.26
CA SER F 223 -5.90 -29.99 -6.70
C SER F 223 -7.21 -29.98 -7.49
N THR F 224 -8.32 -30.09 -6.77
CA THR F 224 -9.62 -30.14 -7.40
C THR F 224 -10.74 -29.56 -6.54
N VAL F 225 -11.60 -28.75 -7.18
CA VAL F 225 -12.75 -28.11 -6.53
C VAL F 225 -14.02 -28.63 -7.19
N THR F 226 -15.10 -28.69 -6.42
CA THR F 226 -16.36 -29.18 -6.94
C THR F 226 -17.55 -28.25 -6.70
N LEU F 227 -18.27 -27.98 -7.78
CA LEU F 227 -19.43 -27.10 -7.75
C LEU F 227 -20.73 -27.90 -7.73
N SER F 228 -21.59 -27.60 -6.75
CA SER F 228 -22.87 -28.27 -6.63
C SER F 228 -23.97 -27.24 -6.62
N MET F 229 -24.83 -27.29 -7.63
CA MET F 229 -25.92 -26.34 -7.70
C MET F 229 -27.25 -26.94 -8.17
N SER F 230 -28.31 -26.16 -7.92
CA SER F 230 -29.68 -26.52 -8.28
C SER F 230 -30.44 -25.21 -8.22
N ALA F 231 -31.48 -25.09 -9.05
CA ALA F 231 -32.26 -23.86 -9.12
C ALA F 231 -32.84 -23.38 -7.79
N ASP F 232 -32.77 -22.07 -7.58
CA ASP F 232 -33.29 -21.42 -6.37
C ASP F 232 -32.54 -21.70 -5.07
N VAL F 233 -31.57 -22.59 -5.11
CA VAL F 233 -30.80 -22.91 -3.92
C VAL F 233 -29.37 -22.38 -4.04
N PRO F 234 -28.73 -22.05 -2.91
CA PRO F 234 -27.36 -21.52 -2.90
C PRO F 234 -26.34 -22.49 -3.51
N LEU F 235 -25.29 -21.92 -4.10
CA LEU F 235 -24.24 -22.69 -4.72
C LEU F 235 -23.22 -23.17 -3.71
N VAL F 236 -22.73 -24.40 -3.86
CA VAL F 236 -21.73 -24.89 -2.95
C VAL F 236 -20.45 -25.16 -3.73
N VAL F 237 -19.37 -24.55 -3.27
CA VAL F 237 -18.07 -24.73 -3.88
C VAL F 237 -17.28 -25.47 -2.82
N GLU F 238 -16.98 -26.74 -3.09
CA GLU F 238 -16.29 -27.58 -2.12
C GLU F 238 -14.84 -27.92 -2.43
N TYR F 239 -13.98 -27.67 -1.45
CA TYR F 239 -12.55 -27.98 -1.56
C TYR F 239 -12.22 -29.02 -0.50
N LYS F 240 -12.12 -30.28 -0.88
CA LYS F 240 -11.79 -31.31 0.11
C LYS F 240 -10.38 -31.09 0.64
N ILE F 241 -10.19 -31.21 1.95
CA ILE F 241 -8.88 -31.01 2.55
C ILE F 241 -8.18 -32.33 2.87
N ALA F 242 -7.06 -32.59 2.20
CA ALA F 242 -6.32 -33.85 2.40
C ALA F 242 -7.33 -34.95 2.63
N ASP F 243 -7.11 -35.78 3.62
CA ASP F 243 -8.08 -36.83 3.93
C ASP F 243 -8.57 -36.60 5.35
N MET F 244 -8.41 -35.36 5.83
CA MET F 244 -8.83 -35.01 7.18
C MET F 244 -10.07 -34.14 7.28
N GLY F 245 -10.55 -33.64 6.16
CA GLY F 245 -11.73 -32.80 6.22
C GLY F 245 -12.07 -32.18 4.89
N HIS F 246 -12.48 -30.91 4.94
CA HIS F 246 -12.87 -30.18 3.75
C HIS F 246 -13.22 -28.75 4.13
N LEU F 247 -13.47 -27.94 3.12
CA LEU F 247 -13.84 -26.56 3.34
C LEU F 247 -14.88 -26.21 2.29
N LYS F 248 -16.09 -25.88 2.75
CA LYS F 248 -17.19 -25.56 1.86
C LYS F 248 -17.61 -24.09 1.88
N TYR F 249 -17.92 -23.58 0.71
CA TYR F 249 -18.35 -22.20 0.55
C TYR F 249 -19.73 -22.20 -0.08
N TYR F 250 -20.64 -21.39 0.47
CA TYR F 250 -21.98 -21.29 -0.05
C TYR F 250 -22.23 -19.88 -0.53
N LEU F 251 -22.86 -19.77 -1.69
CA LEU F 251 -23.16 -18.47 -2.26
C LEU F 251 -24.61 -18.32 -2.64
N ALA F 252 -25.20 -17.21 -2.22
CA ALA F 252 -26.60 -16.92 -2.52
C ALA F 252 -26.75 -16.45 -3.97
N PRO F 253 -27.57 -17.16 -4.77
CA PRO F 253 -27.81 -16.84 -6.17
C PRO F 253 -28.29 -15.43 -6.33
N LYS F 254 -28.47 -15.00 -7.58
CA LYS F 254 -28.96 -13.66 -7.87
C LYS F 254 -30.16 -13.79 -8.79
N ILE F 255 -31.00 -12.78 -8.80
CA ILE F 255 -32.21 -12.77 -9.62
C ILE F 255 -32.66 -11.34 -9.86
MG MG G . 35.38 -5.74 52.09
MG MG H . 38.00 -7.96 51.84
MG MG I . -3.03 44.08 -37.11
MG MG J . -5.62 41.64 -37.88
#